data_1UKQ
#
_entry.id   1UKQ
#
_cell.length_a   64.94
_cell.length_b   74.49
_cell.length_c   79.10
_cell.angle_alpha   85.13
_cell.angle_beta   105.02
_cell.angle_gamma   101.02
#
_symmetry.space_group_name_H-M   'P 1'
#
loop_
_entity.id
_entity.type
_entity.pdbx_description
1 polymer 'Cyclomaltodextrin glucanotransferase'
2 branched alpha-D-quinovopyranose-(1-4)-beta-D-glucopyranose
3 branched alpha-D-quinovopyranose-(1-4)-alpha-D-glucopyranose
4 non-polymer alpha-D-glucopyranose
5 non-polymer 6-AMINO-4-HYDROXYMETHYL-CYCLOHEX-4-ENE-1,2,3-TRIOL
6 non-polymer 'CALCIUM ION'
7 water water
#
_entity_poly.entity_id   1
_entity_poly.type   'polypeptide(L)'
_entity_poly.pdbx_seq_one_letter_code
;APDTSVSNKQNFSTDVIYQIFTDRFSDGNPANNPTGAAFDGSCTNLRLYCGGDWQGIINKINDGYLTGMGITAIWISQPV
ENIYSVINYSGVNNTAYHGYWARDFKKTNPAYGTMQDFKNLIDTAHAHNIKVIIDFAPNHTSPASSDDPSFAENGRLYDN
GNLLGGYTNDTQNLFHHYGGTDFSTIENGIYKNLYDLADLNHNNSSVDVYLKDAIKMWLDLGVDGIRVDAVKHMPFGWQK
SFMATINNYKPVFTFGEWFLGVNEISPEYHQFANESGMSLLDFRFAQKARQVFRDNTDNMYGLKAMLEGSEVDYAQVNDQ
VTFIDNHDMERFHTSNGDRRKLEQALAFTLTSRGVPAIYYGSEQYMSGGNDPDNRARLPSFSTTTTAYQVIQKLAPLRKS
NPAIAYGSTHERWINNDVIIYERKFGNNVAVVAINRNMNTPASITGLVTSLPRGSYNDVLGGILNGNTLTVGAGGAASNF
TLAPGGTAVWQYTTDATTPIIGNVGPMMAKPGVTITIDGRGFGSGKGTVYFGTTAVTGADIVAWEDTQIQVKIPAVPGGI
YDIRVANAAGAASNIYDNFEVLTGDQVTVRFVINNATTALGQNVFLTGNVSELGNWDPNNAIGPMYNQVVYQYPTWYYDV
SVPAGQTIEFKFLKKQGSTVTWEGGANRTFTTPTSGTATVNVNWQP
;
_entity_poly.pdbx_strand_id   A,B
#
loop_
_chem_comp.id
_chem_comp.type
_chem_comp.name
_chem_comp.formula
ACI non-polymer 6-AMINO-4-HYDROXYMETHYL-CYCLOHEX-4-ENE-1,2,3-TRIOL 'C7 H13 N O4'
BGC D-saccharide, beta linking beta-D-glucopyranose 'C6 H12 O6'
CA non-polymer 'CALCIUM ION' 'Ca 2'
G6D D-saccharide, alpha linking alpha-D-quinovopyranose 'C6 H12 O5'
GLC D-saccharide, alpha linking alpha-D-glucopyranose 'C6 H12 O6'
#
# COMPACT_ATOMS: atom_id res chain seq x y z
N ALA A 1 -1.19 -3.58 29.04
CA ALA A 1 0.27 -3.74 29.09
C ALA A 1 0.74 -3.29 27.72
N PRO A 2 1.97 -2.85 27.46
CA PRO A 2 2.41 -2.53 26.11
C PRO A 2 2.53 -3.76 25.23
N ASP A 3 2.50 -3.48 23.93
CA ASP A 3 2.70 -4.49 22.93
C ASP A 3 4.00 -5.28 23.19
N THR A 4 5.03 -4.68 23.79
CA THR A 4 6.32 -5.35 23.96
C THR A 4 6.44 -6.17 25.24
N SER A 5 5.42 -6.24 26.09
CA SER A 5 5.49 -6.97 27.36
C SER A 5 5.67 -8.44 27.13
N VAL A 6 6.38 -9.14 28.03
CA VAL A 6 6.45 -10.60 27.97
C VAL A 6 5.00 -11.15 28.03
N SER A 7 4.05 -10.55 28.71
CA SER A 7 2.67 -11.07 28.76
C SER A 7 1.94 -11.13 27.43
N ASN A 8 2.48 -10.58 26.34
CA ASN A 8 1.76 -10.56 25.07
C ASN A 8 2.03 -11.89 24.40
N LYS A 9 1.16 -12.84 24.70
CA LYS A 9 1.31 -14.18 24.14
C LYS A 9 0.74 -14.32 22.75
N GLN A 10 -0.01 -13.31 22.29
CA GLN A 10 -0.69 -13.43 21.02
C GLN A 10 0.21 -13.09 19.86
N ASN A 11 1.14 -12.14 19.96
CA ASN A 11 1.91 -11.72 18.77
C ASN A 11 3.36 -11.60 19.16
N PHE A 12 4.23 -12.00 18.27
CA PHE A 12 5.65 -12.06 18.56
C PHE A 12 6.53 -11.20 17.64
N SER A 13 6.00 -10.26 16.85
CA SER A 13 6.86 -9.49 15.93
C SER A 13 7.87 -8.66 16.69
N THR A 14 7.68 -8.31 17.99
CA THR A 14 8.67 -7.51 18.73
C THR A 14 9.75 -8.36 19.38
N ASP A 15 9.71 -9.68 19.15
CA ASP A 15 10.59 -10.63 19.80
C ASP A 15 11.65 -11.20 18.91
N VAL A 16 12.74 -11.72 19.50
CA VAL A 16 13.66 -12.55 18.74
C VAL A 16 13.68 -13.90 19.48
N ILE A 17 13.43 -14.94 18.71
CA ILE A 17 13.34 -16.33 19.14
C ILE A 17 14.71 -17.01 19.03
N TYR A 18 15.09 -17.76 20.07
CA TYR A 18 16.30 -18.54 20.06
C TYR A 18 15.85 -20.02 20.05
N GLN A 19 16.03 -20.80 19.00
CA GLN A 19 15.51 -22.16 18.96
C GLN A 19 16.53 -23.11 19.55
N ILE A 20 16.16 -23.73 20.65
CA ILE A 20 17.02 -24.63 21.40
C ILE A 20 16.66 -26.12 21.19
N PHE A 21 17.63 -26.99 20.88
CA PHE A 21 17.39 -28.44 20.99
C PHE A 21 17.82 -28.71 22.43
N THR A 22 16.87 -28.88 23.36
CA THR A 22 17.14 -29.01 24.80
C THR A 22 18.28 -29.95 25.15
N ASP A 23 18.37 -31.06 24.44
CA ASP A 23 19.40 -32.01 24.79
C ASP A 23 20.81 -31.53 24.46
N ARG A 24 20.89 -30.57 23.57
CA ARG A 24 22.16 -30.22 23.02
C ARG A 24 22.62 -28.83 23.48
N PHE A 25 21.94 -28.20 24.42
CA PHE A 25 22.35 -26.89 24.84
C PHE A 25 23.08 -26.99 26.18
N SER A 26 22.54 -27.26 27.36
CA SER A 26 23.32 -27.33 28.57
C SER A 26 22.75 -28.31 29.59
N ASP A 27 23.60 -29.26 30.03
CA ASP A 27 23.25 -30.22 31.04
C ASP A 27 23.42 -29.50 32.40
N GLY A 28 22.35 -28.92 32.91
CA GLY A 28 22.40 -28.27 34.20
C GLY A 28 22.10 -29.23 35.35
N ASN A 29 21.64 -30.45 35.07
CA ASN A 29 21.38 -31.45 36.11
C ASN A 29 21.77 -32.80 35.53
N PRO A 30 22.89 -33.40 35.90
CA PRO A 30 23.31 -34.72 35.42
C PRO A 30 22.59 -35.92 36.04
N ALA A 31 21.93 -35.79 37.21
CA ALA A 31 21.17 -36.86 37.82
C ALA A 31 19.96 -37.25 36.96
N ASN A 32 19.44 -36.36 36.12
CA ASN A 32 18.33 -36.74 35.24
C ASN A 32 18.81 -37.31 33.91
N ASN A 33 20.13 -37.52 33.74
CA ASN A 33 20.64 -38.04 32.48
C ASN A 33 20.28 -39.51 32.24
N PRO A 34 19.81 -39.90 31.03
CA PRO A 34 19.63 -41.29 30.64
C PRO A 34 20.92 -42.08 30.88
N THR A 35 20.86 -43.39 31.05
CA THR A 35 22.07 -44.13 31.33
C THR A 35 22.16 -45.24 30.30
N GLY A 36 23.27 -45.95 30.29
CA GLY A 36 23.38 -47.13 29.44
C GLY A 36 23.51 -46.73 27.99
N ALA A 37 22.99 -47.57 27.09
CA ALA A 37 23.18 -47.33 25.68
C ALA A 37 22.46 -46.12 25.07
N ALA A 38 21.64 -45.45 25.92
CA ALA A 38 20.83 -44.28 25.59
C ALA A 38 21.60 -42.98 25.80
N PHE A 39 22.77 -43.04 26.41
CA PHE A 39 23.50 -41.83 26.75
C PHE A 39 24.90 -41.80 26.19
N ASP A 40 25.34 -40.62 25.75
CA ASP A 40 26.68 -40.42 25.31
C ASP A 40 27.04 -39.05 25.86
N GLY A 41 27.68 -39.05 27.01
CA GLY A 41 28.14 -37.83 27.65
C GLY A 41 29.11 -37.06 26.77
N SER A 42 29.80 -37.68 25.82
CA SER A 42 30.69 -36.91 24.98
C SER A 42 29.97 -36.25 23.81
N CYS A 43 28.71 -36.64 23.57
CA CYS A 43 27.89 -36.14 22.49
C CYS A 43 28.63 -36.23 21.17
N THR A 44 29.30 -37.35 20.99
CA THR A 44 29.97 -37.75 19.78
C THR A 44 29.05 -38.55 18.87
N ASN A 45 28.04 -39.25 19.41
CA ASN A 45 27.07 -40.00 18.63
C ASN A 45 25.86 -39.11 18.80
N LEU A 46 25.57 -38.40 17.71
CA LEU A 46 24.57 -37.36 17.69
C LEU A 46 23.12 -37.85 17.64
N ARG A 47 22.90 -39.15 17.86
CA ARG A 47 21.57 -39.74 17.97
C ARG A 47 21.29 -40.26 19.38
N LEU A 48 22.19 -40.05 20.34
CA LEU A 48 21.92 -40.52 21.67
C LEU A 48 21.65 -39.28 22.51
N TYR A 49 21.30 -39.43 23.78
CA TYR A 49 21.13 -38.29 24.63
C TYR A 49 22.54 -37.85 25.01
N CYS A 50 22.81 -36.54 24.97
CA CYS A 50 24.04 -35.97 25.50
C CYS A 50 23.86 -35.39 26.90
N GLY A 51 22.61 -35.16 27.33
CA GLY A 51 22.31 -34.80 28.71
C GLY A 51 21.74 -33.43 29.02
N GLY A 52 21.58 -32.60 27.98
CA GLY A 52 21.10 -31.23 28.12
C GLY A 52 19.67 -31.16 28.59
N ASP A 53 19.35 -30.15 29.40
CA ASP A 53 18.03 -30.11 30.04
C ASP A 53 17.45 -28.75 30.39
N TRP A 54 16.28 -28.72 31.02
CA TRP A 54 15.67 -27.47 31.36
C TRP A 54 16.42 -26.73 32.44
N GLN A 55 17.08 -27.37 33.39
CA GLN A 55 17.88 -26.64 34.37
C GLN A 55 19.08 -25.93 33.70
N GLY A 56 19.50 -26.45 32.55
CA GLY A 56 20.59 -25.93 31.75
C GLY A 56 20.21 -24.63 31.09
N ILE A 57 18.95 -24.56 30.61
CA ILE A 57 18.42 -23.34 29.98
C ILE A 57 18.20 -22.35 31.12
N ILE A 58 17.66 -22.71 32.31
CA ILE A 58 17.52 -21.78 33.42
C ILE A 58 18.84 -21.10 33.78
N ASN A 59 19.89 -21.87 33.72
CA ASN A 59 21.23 -21.42 34.08
C ASN A 59 21.78 -20.41 33.11
N LYS A 60 21.50 -20.61 31.82
CA LYS A 60 21.95 -19.66 30.81
C LYS A 60 21.04 -18.43 30.70
N ILE A 61 19.80 -18.43 31.22
CA ILE A 61 18.98 -17.24 31.34
C ILE A 61 19.58 -16.50 32.50
N ASN A 62 19.76 -17.13 33.67
CA ASN A 62 20.32 -16.47 34.85
C ASN A 62 21.71 -15.85 34.77
N ASP A 63 22.62 -16.51 34.12
CA ASP A 63 23.95 -15.97 34.09
C ASP A 63 24.12 -14.97 32.96
N GLY A 64 23.08 -14.57 32.24
CA GLY A 64 23.24 -13.50 31.28
C GLY A 64 23.60 -13.92 29.86
N TYR A 65 23.91 -15.19 29.58
CA TYR A 65 24.21 -15.60 28.22
C TYR A 65 23.09 -15.31 27.22
N LEU A 66 21.83 -15.63 27.54
CA LEU A 66 20.77 -15.46 26.58
C LEU A 66 20.21 -14.04 26.63
N THR A 67 20.18 -13.41 27.79
CA THR A 67 19.65 -12.05 27.92
C THR A 67 20.67 -11.02 27.46
N GLY A 68 21.95 -11.33 27.48
CA GLY A 68 23.00 -10.45 27.00
C GLY A 68 23.00 -10.40 25.48
N MET A 69 22.38 -11.37 24.82
CA MET A 69 22.25 -11.34 23.39
C MET A 69 20.98 -10.62 22.97
N GLY A 70 20.04 -10.27 23.87
CA GLY A 70 18.81 -9.59 23.52
C GLY A 70 17.71 -10.54 23.05
N ILE A 71 17.81 -11.85 23.39
CA ILE A 71 16.82 -12.84 22.94
C ILE A 71 15.65 -12.65 23.85
N THR A 72 14.43 -12.71 23.33
CA THR A 72 13.27 -12.46 24.15
C THR A 72 12.27 -13.62 24.08
N ALA A 73 12.53 -14.66 23.29
CA ALA A 73 11.71 -15.86 23.33
C ALA A 73 12.60 -17.05 23.03
N ILE A 74 12.33 -18.19 23.66
CA ILE A 74 13.10 -19.39 23.38
C ILE A 74 12.12 -20.42 22.83
N TRP A 75 12.56 -21.26 21.91
CA TRP A 75 11.71 -22.29 21.33
C TRP A 75 12.41 -23.59 21.71
N ILE A 76 11.82 -24.41 22.56
CA ILE A 76 12.48 -25.64 23.03
C ILE A 76 11.82 -26.92 22.49
N SER A 77 12.50 -28.07 22.59
CA SER A 77 12.02 -29.36 22.11
C SER A 77 10.72 -29.72 22.83
N GLN A 78 9.94 -30.61 22.24
CA GLN A 78 8.64 -30.99 22.77
C GLN A 78 8.81 -31.54 24.18
N PRO A 79 8.09 -31.02 25.17
CA PRO A 79 8.36 -31.28 26.58
C PRO A 79 7.79 -32.57 27.14
N VAL A 80 6.98 -33.25 26.29
CA VAL A 80 6.20 -34.40 26.73
C VAL A 80 7.02 -35.68 26.81
N GLU A 81 6.56 -36.60 27.65
CA GLU A 81 7.21 -37.88 27.78
C GLU A 81 7.29 -38.64 26.46
N ASN A 82 8.50 -39.12 26.19
CA ASN A 82 8.83 -39.88 24.99
C ASN A 82 9.14 -41.34 25.29
N ILE A 83 9.19 -42.18 24.25
CA ILE A 83 9.50 -43.58 24.46
C ILE A 83 10.93 -43.65 24.98
N TYR A 84 11.23 -44.69 25.77
CA TYR A 84 12.56 -44.89 26.36
C TYR A 84 13.44 -45.83 25.57
N SER A 85 12.98 -46.52 24.53
CA SER A 85 13.77 -47.44 23.75
C SER A 85 14.97 -46.82 23.04
N VAL A 86 16.01 -47.64 22.90
CA VAL A 86 17.17 -47.31 22.09
C VAL A 86 16.81 -48.09 20.84
N ILE A 87 16.59 -47.49 19.69
CA ILE A 87 16.15 -48.21 18.51
C ILE A 87 17.43 -48.31 17.69
N ASN A 88 17.74 -49.48 17.14
CA ASN A 88 18.93 -49.60 16.33
C ASN A 88 18.48 -49.51 14.88
N TYR A 89 18.76 -48.47 14.12
CA TYR A 89 18.40 -48.47 12.71
C TYR A 89 19.65 -48.78 11.91
N SER A 90 19.61 -49.96 11.27
CA SER A 90 20.69 -50.46 10.41
C SER A 90 22.10 -50.19 10.96
N GLY A 91 22.25 -50.61 12.22
CA GLY A 91 23.50 -50.43 12.89
C GLY A 91 23.40 -49.33 13.93
N VAL A 92 22.85 -48.13 13.67
CA VAL A 92 22.96 -47.11 14.69
C VAL A 92 21.89 -47.09 15.73
N ASN A 93 22.32 -46.88 16.94
CA ASN A 93 21.38 -46.74 18.01
C ASN A 93 20.90 -45.30 17.99
N ASN A 94 19.59 -45.15 18.14
CA ASN A 94 18.86 -43.89 18.09
C ASN A 94 17.98 -43.76 19.30
N THR A 95 17.80 -42.56 19.85
CA THR A 95 16.93 -42.35 20.98
C THR A 95 16.00 -41.17 20.67
N ALA A 96 15.06 -40.85 21.56
CA ALA A 96 14.15 -39.74 21.43
C ALA A 96 14.73 -38.44 22.03
N TYR A 97 16.04 -38.18 21.83
CA TYR A 97 16.74 -37.00 22.36
C TYR A 97 16.09 -35.71 21.94
N HIS A 98 15.52 -35.80 20.72
CA HIS A 98 14.81 -34.71 20.03
C HIS A 98 13.38 -34.44 20.47
N GLY A 99 12.75 -35.23 21.35
CA GLY A 99 11.40 -34.97 21.80
C GLY A 99 10.27 -35.39 20.87
N TYR A 100 10.51 -35.73 19.60
CA TYR A 100 9.46 -36.13 18.65
C TYR A 100 8.72 -37.45 18.82
N TRP A 101 9.19 -38.40 19.62
CA TRP A 101 8.56 -39.72 19.75
C TRP A 101 7.79 -39.85 21.05
N ALA A 102 6.67 -39.15 21.10
CA ALA A 102 5.82 -39.11 22.28
C ALA A 102 5.15 -40.42 22.73
N ARG A 103 4.89 -40.53 24.04
CA ARG A 103 4.11 -41.65 24.52
C ARG A 103 3.13 -41.12 25.51
N ASP A 104 3.38 -40.02 26.22
CA ASP A 104 2.33 -39.45 27.03
C ASP A 104 2.38 -37.91 26.93
N PHE A 105 1.36 -37.28 26.32
CA PHE A 105 1.37 -35.82 26.10
C PHE A 105 0.95 -34.99 27.30
N LYS A 106 0.72 -35.68 28.40
CA LYS A 106 0.32 -35.05 29.63
C LYS A 106 1.41 -35.13 30.69
N LYS A 107 2.60 -35.63 30.41
CA LYS A 107 3.66 -35.69 31.41
C LYS A 107 4.93 -35.22 30.75
N THR A 108 5.96 -34.89 31.51
CA THR A 108 7.25 -34.47 30.97
C THR A 108 8.14 -35.67 30.65
N ASN A 109 9.11 -35.35 29.81
CA ASN A 109 10.22 -36.21 29.43
C ASN A 109 11.20 -36.00 30.59
N PRO A 110 11.45 -36.98 31.48
CA PRO A 110 12.29 -36.80 32.67
C PRO A 110 13.75 -36.47 32.37
N ALA A 111 14.28 -36.75 31.16
CA ALA A 111 15.62 -36.34 30.76
C ALA A 111 15.71 -34.81 30.69
N TYR A 112 14.58 -34.17 30.38
CA TYR A 112 14.59 -32.72 30.35
C TYR A 112 14.20 -32.18 31.74
N GLY A 113 13.35 -32.91 32.49
CA GLY A 113 13.03 -32.52 33.85
C GLY A 113 11.65 -32.90 34.31
N THR A 114 11.31 -32.52 35.51
CA THR A 114 10.05 -32.89 36.10
C THR A 114 9.09 -31.75 35.79
N MET A 115 7.82 -31.85 36.16
CA MET A 115 6.87 -30.79 35.95
C MET A 115 7.30 -29.57 36.74
N GLN A 116 7.91 -29.73 37.93
CA GLN A 116 8.42 -28.61 38.73
C GLN A 116 9.58 -27.92 38.00
N ASP A 117 10.44 -28.67 37.30
CA ASP A 117 11.46 -28.06 36.46
C ASP A 117 10.82 -27.32 35.29
N PHE A 118 9.73 -27.83 34.66
CA PHE A 118 9.10 -27.10 33.57
C PHE A 118 8.56 -25.81 34.15
N LYS A 119 7.83 -25.79 35.27
CA LYS A 119 7.32 -24.55 35.87
C LYS A 119 8.40 -23.60 36.28
N ASN A 120 9.51 -24.06 36.82
CA ASN A 120 10.61 -23.16 37.14
C ASN A 120 11.13 -22.57 35.85
N LEU A 121 11.07 -23.23 34.68
CA LEU A 121 11.62 -22.68 33.46
C LEU A 121 10.74 -21.56 32.94
N ILE A 122 9.42 -21.76 33.06
CA ILE A 122 8.47 -20.75 32.66
C ILE A 122 8.65 -19.53 33.56
N ASP A 123 8.77 -19.72 34.87
CA ASP A 123 8.89 -18.59 35.78
C ASP A 123 10.22 -17.86 35.62
N THR A 124 11.32 -18.57 35.38
CA THR A 124 12.59 -17.90 35.23
C THR A 124 12.62 -17.09 33.93
N ALA A 125 12.10 -17.69 32.85
CA ALA A 125 12.05 -17.07 31.57
C ALA A 125 11.22 -15.79 31.64
N HIS A 126 9.97 -15.86 32.10
CA HIS A 126 9.14 -14.68 32.25
C HIS A 126 9.74 -13.65 33.19
N ALA A 127 10.40 -14.01 34.29
CA ALA A 127 11.02 -13.02 35.20
C ALA A 127 12.17 -12.26 34.52
N HIS A 128 12.63 -12.80 33.37
CA HIS A 128 13.66 -12.21 32.57
C HIS A 128 13.13 -11.67 31.24
N ASN A 129 11.80 -11.53 31.12
CA ASN A 129 11.11 -11.06 29.93
C ASN A 129 11.32 -11.94 28.72
N ILE A 130 11.42 -13.26 28.94
CA ILE A 130 11.53 -14.24 27.87
C ILE A 130 10.24 -15.08 27.86
N LYS A 131 9.74 -15.23 26.65
CA LYS A 131 8.57 -16.01 26.29
C LYS A 131 9.01 -17.45 26.01
N VAL A 132 8.14 -18.46 26.18
CA VAL A 132 8.57 -19.83 25.98
C VAL A 132 7.61 -20.44 24.98
N ILE A 133 8.14 -20.95 23.88
CA ILE A 133 7.39 -21.58 22.83
C ILE A 133 7.78 -23.05 22.98
N ILE A 134 6.90 -24.06 22.80
CA ILE A 134 7.31 -25.46 22.89
C ILE A 134 6.83 -26.10 21.59
N ASP A 135 7.60 -27.06 21.11
CA ASP A 135 7.12 -27.94 20.05
C ASP A 135 5.89 -28.74 20.48
N PHE A 136 4.96 -29.06 19.57
CA PHE A 136 3.87 -29.97 19.89
C PHE A 136 3.76 -30.73 18.60
N ALA A 137 3.80 -32.06 18.68
CA ALA A 137 3.79 -32.93 17.53
C ALA A 137 2.60 -33.93 17.55
N PRO A 138 1.35 -33.50 17.38
CA PRO A 138 0.16 -34.33 17.48
C PRO A 138 -0.12 -35.31 16.36
N ASN A 139 0.76 -35.37 15.36
CA ASN A 139 0.51 -36.19 14.22
C ASN A 139 0.84 -37.64 14.56
N HIS A 140 1.68 -37.90 15.55
CA HIS A 140 2.08 -39.27 15.78
C HIS A 140 2.53 -39.54 17.20
N THR A 141 2.68 -40.84 17.53
CA THR A 141 3.40 -41.13 18.77
C THR A 141 4.88 -41.46 18.44
N SER A 142 5.25 -42.71 18.08
CA SER A 142 6.63 -43.11 17.95
C SER A 142 6.80 -44.32 17.02
N PRO A 143 8.00 -44.80 16.69
CA PRO A 143 8.21 -45.94 15.80
C PRO A 143 7.43 -47.16 16.29
N ALA A 144 6.85 -47.84 15.31
CA ALA A 144 6.00 -48.97 15.62
C ALA A 144 5.88 -49.86 14.42
N SER A 145 5.69 -51.14 14.71
CA SER A 145 5.49 -52.17 13.71
C SER A 145 4.28 -52.91 14.24
N SER A 146 3.11 -52.87 13.61
CA SER A 146 2.01 -53.70 14.08
C SER A 146 2.42 -55.19 13.97
N ASP A 147 3.15 -55.64 12.95
CA ASP A 147 3.59 -57.03 12.83
C ASP A 147 4.53 -57.60 13.88
N ASP A 148 5.29 -56.69 14.50
CA ASP A 148 6.24 -57.01 15.51
C ASP A 148 5.97 -56.11 16.72
N PRO A 149 5.15 -56.52 17.69
CA PRO A 149 4.81 -55.72 18.84
C PRO A 149 6.00 -55.53 19.73
N SER A 150 7.16 -56.19 19.51
CA SER A 150 8.26 -56.00 20.43
C SER A 150 9.18 -54.93 19.98
N PHE A 151 9.05 -54.45 18.75
CA PHE A 151 9.87 -53.35 18.31
C PHE A 151 9.55 -52.05 19.10
N ALA A 152 10.54 -51.32 19.63
CA ALA A 152 10.37 -50.04 20.30
C ALA A 152 9.28 -50.14 21.36
N GLU A 153 8.29 -49.27 21.51
CA GLU A 153 7.25 -49.49 22.51
C GLU A 153 5.92 -49.68 21.77
N ASN A 154 6.01 -50.13 20.52
CA ASN A 154 4.86 -50.37 19.67
C ASN A 154 3.89 -49.18 19.54
N GLY A 155 4.46 -47.97 19.46
CA GLY A 155 3.65 -46.76 19.31
C GLY A 155 2.70 -46.52 20.45
N ARG A 156 2.80 -47.15 21.63
CA ARG A 156 1.86 -46.89 22.71
C ARG A 156 1.62 -45.45 23.21
N LEU A 157 0.35 -45.16 23.38
CA LEU A 157 -0.10 -43.87 23.83
C LEU A 157 -0.65 -44.03 25.23
N TYR A 158 -0.26 -43.19 26.19
CA TYR A 158 -0.75 -43.28 27.55
C TYR A 158 -1.30 -41.90 27.80
N ASP A 159 -2.18 -41.81 28.80
CA ASP A 159 -2.84 -40.60 29.20
C ASP A 159 -2.62 -40.45 30.68
N ASN A 160 -1.68 -39.62 31.06
CA ASN A 160 -1.36 -39.35 32.46
C ASN A 160 -1.15 -40.61 33.29
N GLY A 161 -0.43 -41.54 32.67
CA GLY A 161 -0.16 -42.79 33.32
C GLY A 161 -1.04 -43.90 32.78
N ASN A 162 -2.19 -43.65 32.14
CA ASN A 162 -3.05 -44.74 31.73
C ASN A 162 -2.94 -45.18 30.29
N LEU A 163 -2.75 -46.46 29.97
CA LEU A 163 -2.52 -46.91 28.61
C LEU A 163 -3.79 -46.86 27.84
N LEU A 164 -3.82 -46.12 26.72
CA LEU A 164 -5.01 -46.13 25.90
C LEU A 164 -4.90 -47.23 24.86
N GLY A 165 -3.73 -47.41 24.22
CA GLY A 165 -3.57 -48.41 23.21
C GLY A 165 -2.22 -48.41 22.59
N GLY A 166 -1.99 -49.41 21.75
CA GLY A 166 -0.76 -49.70 21.05
C GLY A 166 -1.08 -49.88 19.55
N TYR A 167 -0.06 -49.98 18.71
CA TYR A 167 -0.24 -50.03 17.29
C TYR A 167 -0.64 -51.43 16.84
N THR A 168 -0.13 -52.47 17.50
CA THR A 168 -0.49 -53.85 17.21
C THR A 168 -1.81 -54.02 17.97
N ASN A 169 -2.81 -54.66 17.36
CA ASN A 169 -4.05 -54.93 18.06
C ASN A 169 -4.84 -53.69 18.49
N ASP A 170 -4.90 -52.78 17.54
CA ASP A 170 -5.60 -51.51 17.71
C ASP A 170 -7.08 -51.70 17.37
N THR A 171 -7.87 -52.27 18.32
CA THR A 171 -9.30 -52.51 18.11
C THR A 171 -10.14 -51.24 18.23
N GLN A 172 -9.66 -50.23 18.97
CA GLN A 172 -10.27 -48.90 19.07
C GLN A 172 -9.97 -48.01 17.87
N ASN A 173 -9.16 -48.40 16.89
CA ASN A 173 -8.68 -47.54 15.80
C ASN A 173 -8.19 -46.18 16.26
N LEU A 174 -7.18 -46.17 17.13
CA LEU A 174 -6.60 -44.92 17.57
C LEU A 174 -5.59 -44.43 16.55
N PHE A 175 -5.15 -45.34 15.67
CA PHE A 175 -4.07 -45.03 14.74
C PHE A 175 -4.52 -45.43 13.35
N HIS A 176 -3.83 -44.88 12.37
CA HIS A 176 -4.05 -45.20 10.96
C HIS A 176 -3.29 -46.45 10.59
N HIS A 177 -3.89 -47.31 9.77
CA HIS A 177 -3.27 -48.57 9.35
C HIS A 177 -3.31 -48.67 7.83
N TYR A 178 -2.64 -47.76 7.14
CA TYR A 178 -2.72 -47.72 5.70
C TYR A 178 -1.36 -47.91 5.07
N GLY A 179 -0.36 -48.32 5.84
CA GLY A 179 0.98 -48.40 5.32
C GLY A 179 1.64 -47.05 5.59
N GLY A 180 2.71 -46.78 4.82
CA GLY A 180 3.55 -45.61 5.03
C GLY A 180 3.49 -44.80 3.77
N THR A 181 3.66 -43.50 3.90
CA THR A 181 3.55 -42.58 2.79
C THR A 181 4.78 -42.68 1.87
N ASP A 182 4.51 -42.50 0.60
CA ASP A 182 5.52 -42.33 -0.42
C ASP A 182 5.57 -40.83 -0.84
N PHE A 183 4.85 -39.95 -0.13
CA PHE A 183 4.76 -38.51 -0.38
C PHE A 183 4.20 -38.09 -1.75
N SER A 184 3.53 -38.95 -2.50
CA SER A 184 3.14 -38.60 -3.84
C SER A 184 2.01 -37.61 -3.94
N THR A 185 1.13 -37.56 -2.93
CA THR A 185 0.01 -36.65 -2.96
C THR A 185 -0.09 -36.04 -1.58
N ILE A 186 -0.80 -34.90 -1.43
CA ILE A 186 -1.00 -34.36 -0.10
C ILE A 186 -1.84 -35.36 0.69
N GLU A 187 -2.86 -35.99 0.09
CA GLU A 187 -3.67 -37.00 0.78
C GLU A 187 -2.87 -38.17 1.37
N ASN A 188 -2.04 -38.69 0.48
CA ASN A 188 -1.17 -39.79 0.81
C ASN A 188 -0.32 -39.47 2.05
N GLY A 189 0.28 -38.26 2.09
CA GLY A 189 1.11 -37.82 3.21
C GLY A 189 0.38 -37.64 4.52
N ILE A 190 -0.95 -37.50 4.50
CA ILE A 190 -1.78 -37.28 5.69
C ILE A 190 -2.24 -38.55 6.42
N TYR A 191 -2.79 -39.45 5.60
CA TYR A 191 -3.39 -40.65 6.16
C TYR A 191 -2.47 -41.85 6.21
N LYS A 192 -1.34 -41.86 5.52
CA LYS A 192 -0.38 -42.95 5.67
C LYS A 192 0.68 -42.54 6.70
N ASN A 193 1.45 -43.46 7.26
CA ASN A 193 2.47 -43.15 8.27
C ASN A 193 3.66 -42.38 7.76
N LEU A 194 4.18 -41.41 8.52
CA LEU A 194 5.48 -40.79 8.22
C LEU A 194 6.57 -41.80 8.56
N TYR A 195 7.29 -42.40 7.59
CA TYR A 195 8.37 -43.39 7.82
C TYR A 195 7.77 -44.52 8.64
N ASP A 196 7.99 -44.63 9.94
CA ASP A 196 7.49 -45.73 10.73
C ASP A 196 6.83 -45.18 11.98
N LEU A 197 6.51 -43.90 11.92
CA LEU A 197 5.91 -43.31 13.10
C LEU A 197 4.45 -43.72 13.15
N ALA A 198 3.96 -44.27 14.27
CA ALA A 198 2.55 -44.62 14.44
C ALA A 198 1.67 -43.39 14.33
N ASP A 199 0.95 -43.30 13.21
CA ASP A 199 0.14 -42.17 12.86
C ASP A 199 -1.17 -42.03 13.62
N LEU A 200 -1.34 -41.00 14.43
CA LEU A 200 -2.56 -40.81 15.16
C LEU A 200 -3.77 -40.57 14.27
N ASN A 201 -4.93 -41.10 14.70
CA ASN A 201 -6.22 -40.99 14.05
C ASN A 201 -7.08 -39.97 14.76
N HIS A 202 -7.10 -38.77 14.20
CA HIS A 202 -7.82 -37.63 14.80
C HIS A 202 -9.34 -37.72 14.58
N ASN A 203 -9.80 -38.62 13.67
CA ASN A 203 -11.21 -38.85 13.46
C ASN A 203 -11.72 -39.71 14.60
N ASN A 204 -10.89 -40.34 15.42
CA ASN A 204 -11.37 -41.09 16.56
C ASN A 204 -11.62 -40.09 17.68
N SER A 205 -12.83 -40.00 18.22
CA SER A 205 -13.20 -39.06 19.27
C SER A 205 -12.34 -39.00 20.52
N SER A 206 -11.80 -40.18 20.89
CA SER A 206 -10.89 -40.30 22.01
C SER A 206 -9.59 -39.60 21.67
N VAL A 207 -8.99 -39.79 20.48
CA VAL A 207 -7.72 -39.15 20.19
C VAL A 207 -7.97 -37.65 20.14
N ASP A 208 -9.03 -37.23 19.44
CA ASP A 208 -9.36 -35.83 19.30
C ASP A 208 -9.42 -35.12 20.62
N VAL A 209 -10.24 -35.60 21.55
CA VAL A 209 -10.43 -34.97 22.84
C VAL A 209 -9.18 -35.00 23.69
N TYR A 210 -8.44 -36.09 23.66
CA TYR A 210 -7.19 -36.23 24.37
C TYR A 210 -6.17 -35.19 23.97
N LEU A 211 -5.96 -34.98 22.66
CA LEU A 211 -4.95 -34.04 22.22
C LEU A 211 -5.34 -32.60 22.52
N LYS A 212 -6.63 -32.33 22.38
CA LYS A 212 -7.21 -31.05 22.73
C LYS A 212 -7.13 -30.81 24.22
N ASP A 213 -7.29 -31.83 25.08
CA ASP A 213 -7.12 -31.63 26.52
C ASP A 213 -5.63 -31.54 26.85
N ALA A 214 -4.74 -32.24 26.16
CA ALA A 214 -3.32 -32.16 26.46
C ALA A 214 -2.76 -30.76 26.19
N ILE A 215 -3.18 -30.15 25.08
CA ILE A 215 -2.65 -28.82 24.77
C ILE A 215 -3.17 -27.79 25.76
N LYS A 216 -4.43 -27.86 26.16
CA LYS A 216 -4.95 -26.96 27.16
C LYS A 216 -4.18 -27.01 28.48
N MET A 217 -3.68 -28.16 28.88
CA MET A 217 -2.89 -28.33 30.09
C MET A 217 -1.57 -27.59 30.00
N TRP A 218 -0.89 -27.72 28.86
CA TRP A 218 0.33 -26.98 28.65
C TRP A 218 0.01 -25.50 28.61
N LEU A 219 -1.15 -25.09 28.09
CA LEU A 219 -1.56 -23.69 28.11
C LEU A 219 -1.73 -23.26 29.56
N ASP A 220 -2.29 -24.13 30.42
CA ASP A 220 -2.42 -23.79 31.82
C ASP A 220 -1.12 -23.69 32.56
N LEU A 221 -0.04 -24.26 32.04
CA LEU A 221 1.25 -24.16 32.72
C LEU A 221 2.03 -22.94 32.26
N GLY A 222 1.43 -22.08 31.43
CA GLY A 222 1.98 -20.78 31.06
C GLY A 222 2.82 -20.72 29.81
N VAL A 223 2.81 -21.70 28.90
CA VAL A 223 3.61 -21.55 27.68
C VAL A 223 3.04 -20.38 26.88
N ASP A 224 3.85 -19.78 26.02
CA ASP A 224 3.47 -18.54 25.36
C ASP A 224 3.26 -18.72 23.87
N GLY A 225 3.66 -19.87 23.33
CA GLY A 225 3.51 -20.11 21.92
C GLY A 225 3.68 -21.58 21.65
N ILE A 226 3.27 -22.07 20.49
CA ILE A 226 3.27 -23.47 20.12
C ILE A 226 3.83 -23.55 18.73
N ARG A 227 4.83 -24.39 18.50
CA ARG A 227 5.29 -24.64 17.16
C ARG A 227 4.80 -26.07 16.88
N VAL A 228 3.89 -26.21 15.92
CA VAL A 228 3.30 -27.49 15.51
C VAL A 228 4.08 -28.15 14.37
N ASP A 229 4.44 -29.38 14.67
CA ASP A 229 5.19 -30.22 13.80
C ASP A 229 4.34 -30.83 12.73
N ALA A 230 4.93 -30.96 11.54
CA ALA A 230 4.34 -31.64 10.37
C ALA A 230 2.91 -31.29 9.97
N VAL A 231 2.58 -29.99 9.88
CA VAL A 231 1.22 -29.56 9.50
C VAL A 231 0.75 -30.00 8.13
N LYS A 232 1.65 -30.36 7.24
CA LYS A 232 1.32 -30.85 5.90
C LYS A 232 0.81 -32.30 5.98
N HIS A 233 0.95 -32.94 7.16
CA HIS A 233 0.64 -34.35 7.35
C HIS A 233 -0.54 -34.68 8.26
N MET A 234 -1.31 -33.65 8.59
CA MET A 234 -2.50 -33.75 9.39
C MET A 234 -3.61 -33.13 8.57
N PRO A 235 -4.86 -33.54 8.79
CA PRO A 235 -6.03 -33.01 8.10
C PRO A 235 -6.15 -31.53 8.47
N PHE A 236 -6.28 -30.73 7.43
CA PHE A 236 -6.43 -29.27 7.55
C PHE A 236 -7.68 -28.94 8.32
N GLY A 237 -8.76 -29.69 8.09
CA GLY A 237 -9.98 -29.45 8.83
C GLY A 237 -9.78 -29.81 10.30
N TRP A 238 -8.97 -30.83 10.64
CA TRP A 238 -8.76 -31.11 12.06
C TRP A 238 -7.85 -30.03 12.67
N GLN A 239 -6.83 -29.54 11.97
CA GLN A 239 -5.95 -28.51 12.54
C GLN A 239 -6.75 -27.22 12.77
N LYS A 240 -7.68 -26.89 11.89
CA LYS A 240 -8.57 -25.75 12.15
C LYS A 240 -9.40 -25.92 13.44
N SER A 241 -9.91 -27.11 13.80
CA SER A 241 -10.61 -27.31 15.07
C SER A 241 -9.65 -27.25 16.23
N PHE A 242 -8.42 -27.72 16.05
CA PHE A 242 -7.37 -27.63 17.04
C PHE A 242 -7.01 -26.16 17.27
N MET A 243 -6.79 -25.33 16.25
CA MET A 243 -6.54 -23.91 16.47
C MET A 243 -7.72 -23.22 17.12
N ALA A 244 -8.94 -23.60 16.75
CA ALA A 244 -10.11 -23.01 17.36
C ALA A 244 -10.24 -23.39 18.84
N THR A 245 -9.72 -24.54 19.27
CA THR A 245 -9.71 -24.92 20.69
C THR A 245 -8.69 -24.04 21.38
N ILE A 246 -7.51 -23.79 20.81
CA ILE A 246 -6.51 -22.96 21.48
C ILE A 246 -7.03 -21.53 21.63
N ASN A 247 -7.48 -20.99 20.51
CA ASN A 247 -7.86 -19.58 20.50
C ASN A 247 -9.10 -19.27 21.29
N ASN A 248 -10.07 -20.19 21.34
CA ASN A 248 -11.28 -19.91 22.09
C ASN A 248 -11.05 -20.18 23.55
N TYR A 249 -9.91 -20.79 23.91
CA TYR A 249 -9.57 -21.06 25.29
C TYR A 249 -8.54 -20.07 25.88
N LYS A 250 -7.29 -20.10 25.38
CA LYS A 250 -6.20 -19.26 25.82
C LYS A 250 -5.30 -19.07 24.57
N PRO A 251 -5.63 -18.11 23.72
CA PRO A 251 -4.90 -17.92 22.46
C PRO A 251 -3.43 -17.58 22.66
N VAL A 252 -2.49 -18.26 22.02
CA VAL A 252 -1.08 -17.96 22.16
C VAL A 252 -0.64 -18.11 20.70
N PHE A 253 0.48 -17.48 20.36
CA PHE A 253 1.07 -17.58 19.01
C PHE A 253 1.38 -19.01 18.60
N THR A 254 0.79 -19.50 17.51
CA THR A 254 1.01 -20.85 17.11
C THR A 254 1.49 -20.78 15.71
N PHE A 255 2.54 -21.52 15.34
CA PHE A 255 2.98 -21.57 13.96
C PHE A 255 3.43 -23.01 13.64
N GLY A 256 3.41 -23.43 12.39
CA GLY A 256 3.74 -24.78 12.02
C GLY A 256 4.90 -24.87 11.04
N GLU A 257 5.42 -26.06 10.83
CA GLU A 257 6.47 -26.25 9.85
C GLU A 257 5.92 -26.96 8.62
N TRP A 258 6.04 -26.41 7.40
CA TRP A 258 5.61 -26.96 6.11
C TRP A 258 6.88 -26.63 5.32
N PHE A 259 7.70 -27.64 5.08
CA PHE A 259 8.98 -27.48 4.44
C PHE A 259 8.72 -27.11 2.98
N LEU A 260 9.47 -26.14 2.46
CA LEU A 260 9.47 -25.85 1.03
C LEU A 260 10.92 -25.95 0.62
N GLY A 261 11.17 -26.36 -0.62
CA GLY A 261 12.55 -26.40 -1.09
C GLY A 261 12.91 -25.12 -1.84
N VAL A 262 14.11 -25.07 -2.40
CA VAL A 262 14.48 -23.88 -3.18
C VAL A 262 13.53 -23.74 -4.37
N ASN A 263 13.12 -22.49 -4.61
CA ASN A 263 12.27 -22.15 -5.75
C ASN A 263 10.91 -22.80 -5.81
N GLU A 264 10.52 -23.45 -4.70
CA GLU A 264 9.19 -24.03 -4.56
C GLU A 264 8.30 -22.94 -4.01
N ILE A 265 7.31 -22.71 -4.83
CA ILE A 265 6.29 -21.77 -4.44
C ILE A 265 5.12 -22.75 -4.47
N SER A 266 4.28 -22.72 -3.44
CA SER A 266 3.20 -23.67 -3.37
C SER A 266 1.98 -22.90 -2.88
N PRO A 267 0.85 -22.97 -3.62
CA PRO A 267 -0.45 -22.37 -3.28
C PRO A 267 -0.96 -22.87 -1.95
N GLU A 268 -0.83 -24.18 -1.78
CA GLU A 268 -1.26 -24.90 -0.59
C GLU A 268 -0.62 -24.36 0.67
N TYR A 269 0.68 -24.10 0.66
CA TYR A 269 1.41 -23.56 1.78
C TYR A 269 0.87 -22.18 2.15
N HIS A 270 0.62 -21.32 1.18
CA HIS A 270 0.11 -19.97 1.46
C HIS A 270 -1.31 -20.00 1.97
N GLN A 271 -2.11 -20.92 1.39
CA GLN A 271 -3.51 -21.12 1.78
C GLN A 271 -3.52 -21.53 3.24
N PHE A 272 -2.60 -22.43 3.63
CA PHE A 272 -2.51 -22.86 5.00
C PHE A 272 -2.19 -21.70 5.94
N ALA A 273 -1.17 -20.90 5.65
CA ALA A 273 -0.82 -19.77 6.52
C ALA A 273 -1.93 -18.72 6.57
N ASN A 274 -2.70 -18.61 5.49
CA ASN A 274 -3.75 -17.59 5.43
C ASN A 274 -5.05 -18.05 6.03
N GLU A 275 -5.33 -19.36 6.08
CA GLU A 275 -6.65 -19.86 6.51
C GLU A 275 -6.72 -20.80 7.70
N SER A 276 -5.58 -21.31 8.18
CA SER A 276 -5.59 -22.32 9.23
C SER A 276 -5.85 -21.77 10.60
N GLY A 277 -5.44 -20.52 10.84
CA GLY A 277 -5.53 -19.93 12.17
C GLY A 277 -4.09 -19.98 12.70
N MET A 278 -3.11 -20.56 12.00
CA MET A 278 -1.74 -20.48 12.47
C MET A 278 -0.87 -19.97 11.32
N SER A 279 0.28 -19.44 11.72
CA SER A 279 1.24 -19.02 10.72
C SER A 279 2.25 -20.13 10.44
N LEU A 280 3.20 -19.88 9.52
CA LEU A 280 4.19 -20.85 9.11
C LEU A 280 5.61 -20.37 9.37
N LEU A 281 6.53 -21.33 9.45
CA LEU A 281 7.95 -21.04 9.45
C LEU A 281 8.16 -20.66 8.01
N ASP A 282 8.74 -19.50 7.79
CA ASP A 282 8.81 -18.93 6.47
C ASP A 282 10.02 -19.48 5.73
N PHE A 283 9.79 -20.67 5.16
CA PHE A 283 10.75 -21.26 4.29
C PHE A 283 10.96 -20.50 3.01
N ARG A 284 10.03 -19.66 2.55
CA ARG A 284 10.27 -18.95 1.30
C ARG A 284 11.30 -17.85 1.57
N PHE A 285 11.32 -17.23 2.74
CA PHE A 285 12.33 -16.27 3.13
C PHE A 285 13.64 -17.01 3.28
N ALA A 286 13.67 -18.10 4.09
CA ALA A 286 14.90 -18.79 4.36
C ALA A 286 15.60 -19.34 3.15
N GLN A 287 14.93 -19.99 2.22
CA GLN A 287 15.63 -20.54 1.09
C GLN A 287 16.17 -19.43 0.21
N LYS A 288 15.42 -18.32 0.03
CA LYS A 288 15.93 -17.24 -0.80
C LYS A 288 17.10 -16.53 -0.12
N ALA A 289 17.05 -16.35 1.21
CA ALA A 289 18.13 -15.77 1.98
C ALA A 289 19.39 -16.59 1.81
N ARG A 290 19.34 -17.92 1.94
CA ARG A 290 20.48 -18.79 1.73
C ARG A 290 20.94 -18.69 0.28
N GLN A 291 20.06 -18.62 -0.74
CA GLN A 291 20.49 -18.46 -2.15
C GLN A 291 21.33 -17.20 -2.47
N VAL A 292 20.98 -16.10 -1.82
CA VAL A 292 21.61 -14.81 -2.00
C VAL A 292 22.83 -14.66 -1.10
N PHE A 293 22.74 -14.94 0.20
CA PHE A 293 23.82 -14.71 1.14
C PHE A 293 24.80 -15.89 1.33
N ARG A 294 24.36 -17.12 1.10
CA ARG A 294 25.20 -18.27 1.33
C ARG A 294 25.71 -18.88 0.02
N ASP A 295 24.80 -19.36 -0.79
CA ASP A 295 25.19 -20.18 -1.91
C ASP A 295 25.45 -19.45 -3.19
N ASN A 296 25.13 -18.16 -3.24
CA ASN A 296 25.14 -17.36 -4.45
C ASN A 296 24.57 -18.04 -5.69
N THR A 297 23.34 -18.48 -5.53
CA THR A 297 22.58 -19.00 -6.65
C THR A 297 21.49 -18.02 -7.04
N ASP A 298 21.43 -16.84 -6.39
CA ASP A 298 20.59 -15.78 -6.86
C ASP A 298 21.18 -14.50 -6.29
N ASN A 299 20.76 -13.36 -6.83
CA ASN A 299 21.28 -12.07 -6.39
C ASN A 299 20.20 -11.18 -5.78
N MET A 300 20.53 -9.91 -5.53
CA MET A 300 19.62 -9.06 -4.81
C MET A 300 18.24 -8.82 -5.36
N TYR A 301 18.05 -8.98 -6.68
CA TYR A 301 16.75 -8.81 -7.33
C TYR A 301 15.79 -9.94 -6.97
N GLY A 302 16.43 -11.11 -6.73
CA GLY A 302 15.72 -12.27 -6.23
C GLY A 302 15.25 -11.97 -4.81
N LEU A 303 16.15 -11.40 -4.00
CA LEU A 303 15.83 -11.09 -2.61
C LEU A 303 14.70 -10.07 -2.55
N LYS A 304 14.77 -9.02 -3.39
CA LYS A 304 13.74 -7.98 -3.53
C LYS A 304 12.40 -8.56 -3.94
N ALA A 305 12.43 -9.44 -4.95
CA ALA A 305 11.19 -9.98 -5.44
C ALA A 305 10.56 -10.87 -4.44
N MET A 306 11.36 -11.56 -3.60
CA MET A 306 10.81 -12.37 -2.52
C MET A 306 10.25 -11.43 -1.46
N LEU A 307 10.89 -10.34 -1.06
CA LEU A 307 10.30 -9.47 -0.06
C LEU A 307 9.02 -8.78 -0.54
N GLU A 308 8.99 -8.44 -1.82
CA GLU A 308 7.82 -7.76 -2.36
C GLU A 308 6.68 -8.74 -2.56
N GLY A 309 6.99 -9.94 -3.02
CA GLY A 309 5.98 -10.95 -3.23
C GLY A 309 5.39 -11.46 -1.94
N SER A 310 6.24 -11.78 -0.97
CA SER A 310 5.74 -12.36 0.27
C SER A 310 4.86 -11.36 1.02
N GLU A 311 5.00 -10.04 0.90
CA GLU A 311 4.17 -9.12 1.63
C GLU A 311 2.72 -9.19 1.16
N VAL A 312 2.57 -9.61 -0.09
CA VAL A 312 1.28 -9.80 -0.75
C VAL A 312 0.67 -11.19 -0.55
N ASP A 313 1.45 -12.23 -0.78
CA ASP A 313 0.95 -13.59 -0.72
C ASP A 313 0.60 -14.10 0.66
N TYR A 314 1.23 -13.58 1.71
CA TYR A 314 0.88 -13.97 3.06
C TYR A 314 -0.09 -12.91 3.48
N ALA A 315 -1.34 -13.24 3.76
CA ALA A 315 -2.26 -12.29 4.30
C ALA A 315 -1.76 -11.59 5.56
N GLN A 316 -1.03 -12.24 6.47
CA GLN A 316 -0.55 -11.56 7.69
C GLN A 316 0.96 -11.78 7.74
N VAL A 317 1.78 -11.05 6.97
CA VAL A 317 3.21 -11.36 6.88
C VAL A 317 3.90 -11.03 8.18
N ASN A 318 3.38 -10.18 9.08
CA ASN A 318 4.09 -9.94 10.32
C ASN A 318 4.07 -11.09 11.33
N ASP A 319 3.48 -12.25 10.94
CA ASP A 319 3.35 -13.41 11.80
C ASP A 319 4.17 -14.60 11.34
N GLN A 320 4.91 -14.51 10.25
CA GLN A 320 5.65 -15.64 9.73
C GLN A 320 6.97 -15.61 10.45
N VAL A 321 7.45 -16.78 10.81
CA VAL A 321 8.68 -16.87 11.59
C VAL A 321 9.81 -17.06 10.58
N THR A 322 10.79 -16.17 10.54
CA THR A 322 11.84 -16.17 9.52
C THR A 322 13.08 -16.78 10.16
N PHE A 323 14.01 -17.23 9.34
CA PHE A 323 15.23 -17.87 9.78
C PHE A 323 16.16 -18.07 8.58
N ILE A 324 17.44 -18.33 8.82
CA ILE A 324 18.40 -18.70 7.79
C ILE A 324 18.81 -20.17 7.90
N ASP A 325 18.60 -20.81 9.04
CA ASP A 325 18.72 -22.28 9.12
C ASP A 325 17.94 -22.73 10.36
N ASN A 326 17.75 -24.06 10.43
CA ASN A 326 17.12 -24.67 11.58
C ASN A 326 17.47 -26.15 11.59
N HIS A 327 16.83 -26.97 12.46
CA HIS A 327 17.01 -28.43 12.53
C HIS A 327 16.73 -29.19 11.25
N ASP A 328 16.09 -28.63 10.21
CA ASP A 328 15.86 -29.39 8.99
C ASP A 328 16.69 -29.04 7.78
N MET A 329 17.83 -28.39 7.94
CA MET A 329 18.69 -28.05 6.81
C MET A 329 20.11 -27.91 7.31
N GLU A 330 21.03 -27.98 6.37
CA GLU A 330 22.42 -27.81 6.69
C GLU A 330 22.64 -26.47 7.40
N ARG A 331 23.60 -26.41 8.31
CA ARG A 331 23.94 -25.15 8.94
C ARG A 331 24.42 -24.12 7.88
N PHE A 332 24.06 -22.86 8.11
CA PHE A 332 24.35 -21.78 7.19
C PHE A 332 25.85 -21.59 7.09
N HIS A 333 26.56 -21.54 8.23
CA HIS A 333 28.02 -21.39 8.17
C HIS A 333 28.64 -22.68 7.60
N THR A 334 29.53 -22.63 6.59
CA THR A 334 30.22 -23.80 6.06
C THR A 334 31.68 -23.70 6.49
N SER A 335 32.44 -24.76 6.23
CA SER A 335 33.84 -24.89 6.65
C SER A 335 34.79 -23.90 5.97
N ASN A 336 34.54 -23.82 4.68
CA ASN A 336 35.26 -22.95 3.79
C ASN A 336 34.49 -21.63 3.67
N GLY A 337 33.57 -21.30 4.57
CA GLY A 337 32.75 -20.12 4.39
C GLY A 337 33.29 -18.91 5.12
N ASP A 338 33.00 -17.75 4.58
CA ASP A 338 33.39 -16.50 5.20
C ASP A 338 32.43 -16.19 6.35
N ARG A 339 32.90 -15.86 7.54
CA ARG A 339 32.01 -15.54 8.66
C ARG A 339 31.06 -14.38 8.41
N ARG A 340 31.54 -13.46 7.55
CA ARG A 340 30.78 -12.27 7.16
C ARG A 340 29.46 -12.68 6.53
N LYS A 341 29.44 -13.77 5.75
CA LYS A 341 28.21 -14.25 5.16
C LYS A 341 27.18 -14.53 6.25
N LEU A 342 27.60 -15.17 7.37
CA LEU A 342 26.63 -15.48 8.41
C LEU A 342 26.20 -14.21 9.11
N GLU A 343 27.16 -13.34 9.44
CA GLU A 343 26.88 -12.12 10.16
C GLU A 343 25.92 -11.19 9.42
N GLN A 344 26.01 -11.13 8.07
CA GLN A 344 25.10 -10.34 7.27
C GLN A 344 23.72 -10.97 7.23
N ALA A 345 23.64 -12.28 6.99
CA ALA A 345 22.34 -12.93 6.88
C ALA A 345 21.56 -12.84 8.20
N LEU A 346 22.27 -12.86 9.30
CA LEU A 346 21.69 -12.64 10.62
C LEU A 346 21.24 -11.19 10.78
N ALA A 347 22.05 -10.18 10.40
CA ALA A 347 21.59 -8.79 10.45
C ALA A 347 20.40 -8.59 9.52
N PHE A 348 20.36 -9.22 8.36
CA PHE A 348 19.19 -9.17 7.49
C PHE A 348 17.92 -9.72 8.16
N THR A 349 18.00 -10.89 8.79
CA THR A 349 16.82 -11.53 9.40
C THR A 349 16.35 -10.70 10.58
N LEU A 350 17.30 -10.18 11.38
CA LEU A 350 16.90 -9.39 12.51
C LEU A 350 16.23 -8.06 12.19
N THR A 351 16.37 -7.52 10.99
CA THR A 351 15.72 -6.24 10.65
C THR A 351 14.60 -6.42 9.63
N SER A 352 14.30 -7.66 9.25
CA SER A 352 13.27 -7.98 8.30
C SER A 352 11.91 -8.21 8.90
N ARG A 353 10.84 -8.19 8.09
CA ARG A 353 9.51 -8.39 8.64
C ARG A 353 9.29 -9.82 9.17
N GLY A 354 8.37 -10.01 10.10
CA GLY A 354 8.09 -11.34 10.58
C GLY A 354 8.52 -11.50 12.03
N VAL A 355 8.90 -12.71 12.41
CA VAL A 355 9.32 -13.01 13.78
C VAL A 355 10.65 -13.71 13.55
N PRO A 356 11.85 -13.11 13.76
CA PRO A 356 13.11 -13.81 13.54
C PRO A 356 13.36 -14.92 14.55
N ALA A 357 13.84 -16.06 14.07
CA ALA A 357 14.28 -17.12 14.95
C ALA A 357 15.75 -17.40 14.68
N ILE A 358 16.56 -17.62 15.70
CA ILE A 358 17.98 -17.87 15.53
C ILE A 358 18.18 -19.30 16.09
N TYR A 359 18.69 -20.21 15.26
CA TYR A 359 18.99 -21.58 15.68
C TYR A 359 20.18 -21.61 16.65
N TYR A 360 20.07 -22.23 17.84
CA TYR A 360 21.15 -22.21 18.80
C TYR A 360 22.50 -22.54 18.18
N GLY A 361 23.54 -21.83 18.68
CA GLY A 361 24.87 -22.03 18.13
C GLY A 361 25.29 -21.22 16.89
N SER A 362 24.38 -20.52 16.21
CA SER A 362 24.64 -19.59 15.10
C SER A 362 25.66 -18.56 15.60
N GLU A 363 25.53 -17.99 16.80
CA GLU A 363 26.48 -17.05 17.36
C GLU A 363 27.87 -17.65 17.68
N GLN A 364 28.11 -18.93 17.47
CA GLN A 364 29.36 -19.59 17.74
C GLN A 364 29.84 -20.20 16.43
N TYR A 365 29.27 -19.82 15.28
CA TYR A 365 29.64 -20.28 13.94
C TYR A 365 29.69 -21.80 13.74
N MET A 366 28.69 -22.49 14.28
CA MET A 366 28.63 -23.93 14.12
C MET A 366 28.39 -24.30 12.67
N SER A 367 29.08 -25.33 12.16
CA SER A 367 28.78 -25.90 10.88
C SER A 367 28.24 -27.34 11.03
N GLY A 368 27.83 -27.98 9.94
CA GLY A 368 27.38 -29.36 9.99
C GLY A 368 26.33 -29.52 8.94
N GLY A 369 26.26 -30.69 8.32
CA GLY A 369 25.26 -30.93 7.29
C GLY A 369 23.91 -31.20 7.93
N ASN A 370 23.22 -32.01 7.20
CA ASN A 370 21.93 -32.43 7.62
C ASN A 370 21.86 -33.34 8.83
N ASP A 371 20.65 -33.62 9.30
CA ASP A 371 20.39 -34.44 10.47
C ASP A 371 21.21 -35.74 10.51
N PRO A 372 21.89 -36.04 11.63
CA PRO A 372 21.90 -35.28 12.88
C PRO A 372 22.99 -34.27 13.06
N ASP A 373 23.78 -34.05 11.99
CA ASP A 373 24.96 -33.21 12.00
C ASP A 373 24.76 -31.74 12.32
N ASN A 374 23.58 -31.21 12.07
CA ASN A 374 23.22 -29.86 12.42
C ASN A 374 22.73 -29.74 13.86
N ARG A 375 22.71 -30.84 14.65
CA ARG A 375 22.27 -30.75 16.04
C ARG A 375 23.36 -31.13 17.04
N ALA A 376 24.61 -30.74 16.78
CA ALA A 376 25.71 -30.99 17.71
C ALA A 376 25.55 -30.19 18.99
N ARG A 377 26.19 -30.57 20.08
CA ARG A 377 26.07 -29.77 21.29
C ARG A 377 26.80 -28.46 21.03
N LEU A 378 26.31 -27.33 21.46
CA LEU A 378 27.01 -26.12 21.12
C LEU A 378 28.33 -26.00 21.89
N PRO A 379 29.42 -25.60 21.18
CA PRO A 379 30.79 -25.77 21.65
C PRO A 379 31.30 -24.82 22.72
N SER A 380 30.65 -23.66 22.87
CA SER A 380 31.15 -22.60 23.70
C SER A 380 30.00 -21.67 24.01
N PHE A 381 30.15 -20.94 25.10
CA PHE A 381 29.22 -19.91 25.51
C PHE A 381 29.99 -18.56 25.60
N SER A 382 30.83 -18.32 24.61
CA SER A 382 31.57 -17.08 24.47
C SER A 382 30.56 -15.97 24.16
N THR A 383 30.66 -14.85 24.91
CA THR A 383 29.82 -13.71 24.61
C THR A 383 30.57 -12.66 23.77
N THR A 384 31.79 -12.95 23.28
CA THR A 384 32.47 -11.93 22.56
C THR A 384 32.61 -12.18 21.08
N THR A 385 31.95 -13.17 20.48
CA THR A 385 32.11 -13.37 19.06
C THR A 385 31.36 -12.24 18.34
N THR A 386 31.78 -11.88 17.12
CA THR A 386 31.14 -10.85 16.32
C THR A 386 29.67 -11.15 16.19
N ALA A 387 29.29 -12.40 15.87
CA ALA A 387 27.90 -12.76 15.75
C ALA A 387 27.12 -12.53 17.02
N TYR A 388 27.64 -12.83 18.21
CA TYR A 388 26.87 -12.55 19.46
C TYR A 388 26.57 -11.04 19.55
N GLN A 389 27.55 -10.19 19.24
CA GLN A 389 27.41 -8.74 19.27
C GLN A 389 26.44 -8.19 18.26
N VAL A 390 26.35 -8.77 17.06
CA VAL A 390 25.42 -8.37 16.04
C VAL A 390 24.01 -8.56 16.59
N ILE A 391 23.76 -9.76 17.14
CA ILE A 391 22.44 -10.05 17.66
C ILE A 391 22.15 -9.13 18.81
N GLN A 392 23.12 -8.93 19.68
CA GLN A 392 22.99 -8.08 20.86
C GLN A 392 22.62 -6.64 20.56
N LYS A 393 23.18 -6.13 19.47
CA LYS A 393 22.91 -4.77 18.95
C LYS A 393 21.62 -4.66 18.17
N LEU A 394 21.27 -5.69 17.40
CA LEU A 394 20.07 -5.60 16.60
C LEU A 394 18.78 -6.12 17.22
N ALA A 395 18.81 -7.20 18.00
CA ALA A 395 17.61 -7.77 18.61
C ALA A 395 16.89 -6.76 19.51
N PRO A 396 17.47 -5.86 20.31
CA PRO A 396 16.76 -4.78 20.99
C PRO A 396 15.87 -3.91 20.13
N LEU A 397 16.14 -3.78 18.83
CA LEU A 397 15.41 -2.84 18.03
C LEU A 397 14.01 -3.32 17.70
N ARG A 398 13.73 -4.58 17.91
CA ARG A 398 12.41 -5.13 17.72
C ARG A 398 11.51 -4.58 18.81
N LYS A 399 12.06 -4.30 20.01
CA LYS A 399 11.24 -3.77 21.07
C LYS A 399 11.12 -2.27 20.99
N SER A 400 12.17 -1.55 20.67
CA SER A 400 12.15 -0.10 20.66
C SER A 400 11.71 0.58 19.36
N ASN A 401 11.85 -0.10 18.22
CA ASN A 401 11.53 0.50 16.96
C ASN A 401 10.40 -0.26 16.29
N PRO A 402 9.16 0.24 16.30
CA PRO A 402 8.02 -0.37 15.67
C PRO A 402 8.15 -0.52 14.19
N ALA A 403 9.00 0.26 13.50
CA ALA A 403 9.14 0.04 12.06
C ALA A 403 9.81 -1.31 11.90
N ILE A 404 10.79 -1.77 12.70
CA ILE A 404 11.34 -3.12 12.54
C ILE A 404 10.28 -4.15 12.97
N ALA A 405 9.50 -3.96 14.08
CA ALA A 405 8.49 -4.93 14.41
C ALA A 405 7.34 -5.05 13.43
N TYR A 406 6.82 -3.94 12.88
CA TYR A 406 5.61 -4.00 12.08
C TYR A 406 5.66 -3.39 10.69
N GLY A 407 6.72 -2.71 10.33
CA GLY A 407 6.72 -1.87 9.15
C GLY A 407 6.71 -2.58 7.84
N SER A 408 6.28 -1.84 6.82
CA SER A 408 6.34 -2.28 5.44
C SER A 408 7.82 -2.29 5.03
N THR A 409 8.18 -2.92 3.92
CA THR A 409 9.57 -3.00 3.48
C THR A 409 9.63 -2.31 2.12
N HIS A 410 10.60 -1.46 1.87
CA HIS A 410 10.64 -0.70 0.64
C HIS A 410 12.06 -0.75 0.13
N GLU A 411 12.32 -1.23 -1.07
CA GLU A 411 13.66 -1.17 -1.61
C GLU A 411 13.96 0.26 -2.05
N ARG A 412 15.07 0.81 -1.53
CA ARG A 412 15.56 2.15 -1.77
C ARG A 412 16.72 2.27 -2.72
N TRP A 413 17.60 1.29 -2.75
CA TRP A 413 18.70 1.31 -3.68
C TRP A 413 18.99 -0.15 -3.93
N ILE A 414 19.43 -0.56 -5.11
CA ILE A 414 19.73 -1.96 -5.40
C ILE A 414 20.59 -2.06 -6.63
N ASN A 415 21.45 -3.05 -6.60
CA ASN A 415 22.13 -3.53 -7.80
C ASN A 415 22.30 -5.03 -7.55
N ASN A 416 23.03 -5.79 -8.37
CA ASN A 416 23.27 -7.20 -8.09
C ASN A 416 23.74 -7.62 -6.70
N ASP A 417 24.62 -6.89 -6.01
CA ASP A 417 25.17 -7.32 -4.73
C ASP A 417 24.80 -6.42 -3.55
N VAL A 418 24.15 -5.27 -3.73
CA VAL A 418 23.74 -4.36 -2.67
C VAL A 418 22.20 -4.20 -2.73
N ILE A 419 21.62 -4.23 -1.55
CA ILE A 419 20.24 -3.87 -1.39
C ILE A 419 20.26 -2.88 -0.22
N ILE A 420 19.51 -1.77 -0.32
CA ILE A 420 19.34 -0.89 0.80
C ILE A 420 17.84 -0.83 0.92
N TYR A 421 17.26 -1.19 2.07
CA TYR A 421 15.81 -1.15 2.20
C TYR A 421 15.41 -0.37 3.41
N GLU A 422 14.17 0.03 3.38
CA GLU A 422 13.61 0.85 4.42
C GLU A 422 12.45 0.13 5.05
N ARG A 423 12.28 0.27 6.35
CA ARG A 423 11.18 -0.33 7.07
C ARG A 423 10.54 0.92 7.56
N LYS A 424 9.22 1.02 7.49
CA LYS A 424 8.51 2.26 7.77
C LYS A 424 7.22 1.97 8.52
N PHE A 425 6.98 2.60 9.64
CA PHE A 425 5.76 2.40 10.39
C PHE A 425 5.40 3.72 11.05
N GLY A 426 4.42 4.39 10.44
CA GLY A 426 4.04 5.74 10.83
C GLY A 426 5.26 6.58 10.50
N ASN A 427 5.84 7.10 11.56
CA ASN A 427 7.01 7.97 11.51
C ASN A 427 8.32 7.31 11.86
N ASN A 428 8.24 6.04 12.21
CA ASN A 428 9.43 5.33 12.66
C ASN A 428 10.07 4.81 11.42
N VAL A 429 11.38 4.87 11.29
CA VAL A 429 12.05 4.41 10.09
C VAL A 429 13.25 3.58 10.54
N ALA A 430 13.62 2.59 9.75
CA ALA A 430 14.89 1.90 9.86
C ALA A 430 15.34 1.69 8.42
N VAL A 431 16.61 1.93 8.15
CA VAL A 431 17.18 1.76 6.82
C VAL A 431 18.35 0.82 7.04
N VAL A 432 18.50 -0.19 6.19
CA VAL A 432 19.56 -1.17 6.29
C VAL A 432 20.28 -1.26 4.94
N ALA A 433 21.60 -1.16 4.93
CA ALA A 433 22.37 -1.26 3.68
C ALA A 433 23.18 -2.55 3.77
N ILE A 434 23.25 -3.42 2.77
CA ILE A 434 24.06 -4.64 2.82
C ILE A 434 24.82 -4.76 1.51
N ASN A 435 26.15 -4.92 1.61
CA ASN A 435 26.97 -5.15 0.43
C ASN A 435 27.37 -6.62 0.57
N ARG A 436 26.80 -7.58 -0.16
CA ARG A 436 27.23 -8.96 0.00
C ARG A 436 28.54 -9.22 -0.71
N ASN A 437 29.05 -8.32 -1.57
CA ASN A 437 30.30 -8.61 -2.25
C ASN A 437 31.44 -8.27 -1.28
N MET A 438 32.21 -9.33 -1.05
CA MET A 438 33.22 -9.33 -0.05
C MET A 438 34.50 -8.68 -0.51
N ASN A 439 34.64 -8.38 -1.79
CA ASN A 439 35.87 -7.74 -2.20
C ASN A 439 35.71 -6.46 -3.00
N THR A 440 34.52 -6.08 -3.45
CA THR A 440 34.33 -4.83 -4.19
C THR A 440 33.53 -3.83 -3.36
N PRO A 441 34.06 -2.63 -3.03
CA PRO A 441 33.27 -1.47 -2.56
C PRO A 441 32.03 -1.15 -3.45
N ALA A 442 30.95 -0.57 -2.91
CA ALA A 442 29.81 -0.16 -3.73
C ALA A 442 29.65 1.34 -3.68
N SER A 443 29.54 2.09 -4.77
CA SER A 443 29.32 3.54 -4.66
C SER A 443 27.81 3.77 -4.61
N ILE A 444 27.29 4.42 -3.56
CA ILE A 444 25.87 4.72 -3.40
C ILE A 444 25.66 6.15 -3.83
N THR A 445 24.80 6.41 -4.79
CA THR A 445 24.52 7.77 -5.21
C THR A 445 23.02 7.86 -5.38
N GLY A 446 22.37 8.88 -4.80
CA GLY A 446 20.98 9.16 -5.12
C GLY A 446 20.02 8.39 -4.25
N LEU A 447 20.42 8.12 -3.03
CA LEU A 447 19.64 7.32 -2.11
C LEU A 447 18.71 8.28 -1.44
N VAL A 448 17.40 8.03 -1.45
CA VAL A 448 16.43 8.85 -0.77
C VAL A 448 15.75 8.01 0.32
N THR A 449 15.67 8.49 1.55
CA THR A 449 15.12 7.73 2.64
C THR A 449 14.01 8.58 3.23
N SER A 450 13.36 8.09 4.28
CA SER A 450 12.33 8.86 4.96
C SER A 450 12.85 9.33 6.30
N LEU A 451 14.18 9.27 6.47
CA LEU A 451 14.74 9.73 7.72
C LEU A 451 14.74 11.25 7.66
N PRO A 452 14.44 11.95 8.74
CA PRO A 452 14.67 13.40 8.86
C PRO A 452 16.14 13.75 8.70
N ARG A 453 16.48 15.04 8.60
CA ARG A 453 17.85 15.54 8.47
C ARG A 453 18.67 15.21 9.71
N GLY A 454 19.95 14.84 9.58
CA GLY A 454 20.80 14.53 10.71
C GLY A 454 21.86 13.52 10.27
N SER A 455 22.83 13.32 11.16
CA SER A 455 23.94 12.38 10.92
C SER A 455 23.71 11.11 11.73
N TYR A 456 23.17 10.10 11.08
CA TYR A 456 22.76 8.90 11.76
C TYR A 456 23.87 7.93 11.97
N ASN A 457 24.10 7.55 13.22
CA ASN A 457 25.17 6.57 13.46
C ASN A 457 24.63 5.18 13.23
N ASP A 458 25.48 4.37 12.62
CA ASP A 458 25.24 2.95 12.44
C ASP A 458 24.94 2.27 13.77
N VAL A 459 23.78 1.66 13.99
CA VAL A 459 23.47 0.92 15.21
C VAL A 459 24.45 -0.25 15.47
N LEU A 460 25.07 -0.83 14.41
CA LEU A 460 26.07 -1.88 14.57
C LEU A 460 27.44 -1.34 15.00
N GLY A 461 27.60 -0.01 15.07
CA GLY A 461 28.87 0.55 15.52
C GLY A 461 30.05 0.23 14.63
N GLY A 462 29.85 0.09 13.33
CA GLY A 462 30.96 -0.18 12.42
C GLY A 462 31.50 -1.61 12.51
N ILE A 463 31.00 -2.51 13.38
CA ILE A 463 31.60 -3.86 13.46
C ILE A 463 31.38 -4.67 12.20
N LEU A 464 30.37 -4.44 11.36
CA LEU A 464 30.39 -5.12 10.09
C LEU A 464 30.70 -4.06 9.03
N ASN A 465 31.64 -3.17 9.34
CA ASN A 465 32.09 -2.14 8.42
C ASN A 465 31.08 -1.11 7.94
N GLY A 466 30.11 -0.77 8.77
CA GLY A 466 29.12 0.23 8.43
C GLY A 466 29.66 1.61 8.74
N ASN A 467 28.91 2.58 8.22
CA ASN A 467 29.31 3.95 8.21
C ASN A 467 28.16 4.83 8.68
N THR A 468 28.42 6.10 8.95
CA THR A 468 27.39 7.05 9.32
C THR A 468 26.67 7.54 8.06
N LEU A 469 25.38 7.81 8.21
CA LEU A 469 24.64 8.31 7.08
C LEU A 469 24.25 9.75 7.35
N THR A 470 24.60 10.67 6.45
CA THR A 470 24.18 12.06 6.57
C THR A 470 23.01 12.33 5.63
N VAL A 471 21.92 12.75 6.26
CA VAL A 471 20.67 12.97 5.58
C VAL A 471 20.40 14.45 5.72
N GLY A 472 20.13 15.02 4.55
CA GLY A 472 19.84 16.42 4.37
C GLY A 472 18.35 16.58 4.15
N ALA A 473 17.93 17.69 3.55
CA ALA A 473 16.50 17.95 3.36
C ALA A 473 15.88 17.08 2.28
N GLY A 474 14.71 16.57 2.64
CA GLY A 474 13.96 15.67 1.76
C GLY A 474 14.36 14.21 1.84
N GLY A 475 14.99 13.77 2.95
CA GLY A 475 15.47 12.40 3.15
C GLY A 475 16.67 12.00 2.29
N ALA A 476 17.23 12.90 1.49
CA ALA A 476 18.35 12.59 0.61
C ALA A 476 19.64 12.51 1.41
N ALA A 477 20.38 11.45 1.17
CA ALA A 477 21.61 11.21 1.88
C ALA A 477 22.88 11.60 1.11
N SER A 478 23.97 12.08 1.72
CA SER A 478 25.23 12.35 0.99
C SER A 478 25.78 11.04 0.46
N ASN A 479 26.39 11.09 -0.70
CA ASN A 479 26.93 9.90 -1.31
C ASN A 479 28.02 9.28 -0.47
N PHE A 480 28.15 7.93 -0.56
CA PHE A 480 29.11 7.21 0.26
C PHE A 480 29.40 5.93 -0.44
N THR A 481 30.51 5.35 0.00
CA THR A 481 30.96 4.06 -0.49
C THR A 481 30.63 3.01 0.59
N LEU A 482 29.95 1.95 0.22
CA LEU A 482 29.70 0.87 1.16
C LEU A 482 30.87 -0.10 1.03
N ALA A 483 31.59 -0.31 2.13
CA ALA A 483 32.73 -1.22 2.21
C ALA A 483 32.47 -2.64 1.68
N PRO A 484 33.46 -3.43 1.21
CA PRO A 484 33.30 -4.87 0.96
C PRO A 484 32.69 -5.53 2.19
N GLY A 485 31.58 -6.23 2.02
CA GLY A 485 30.89 -6.87 3.13
C GLY A 485 30.20 -5.93 4.11
N GLY A 486 30.07 -4.66 3.74
CA GLY A 486 29.47 -3.64 4.58
C GLY A 486 28.02 -3.87 4.91
N THR A 487 27.66 -3.64 6.17
CA THR A 487 26.30 -3.75 6.66
C THR A 487 26.17 -2.64 7.67
N ALA A 488 25.15 -1.80 7.46
CA ALA A 488 24.85 -0.73 8.39
C ALA A 488 23.33 -0.63 8.53
N VAL A 489 22.92 -0.13 9.68
CA VAL A 489 21.52 0.01 10.04
C VAL A 489 21.44 1.42 10.60
N TRP A 490 20.45 2.20 10.15
CA TRP A 490 20.23 3.58 10.55
C TRP A 490 18.80 3.73 11.02
N GLN A 491 18.46 4.45 12.07
CA GLN A 491 17.08 4.44 12.52
C GLN A 491 16.60 5.75 13.13
N TYR A 492 15.29 6.00 13.12
CA TYR A 492 14.70 7.18 13.73
C TYR A 492 13.32 6.79 14.28
N THR A 493 13.00 7.11 15.54
CA THR A 493 11.73 6.77 16.18
C THR A 493 11.12 8.01 16.83
N THR A 494 9.77 8.13 16.77
CA THR A 494 8.93 9.15 17.38
C THR A 494 7.51 8.60 17.49
N ASP A 495 6.59 9.43 17.96
CA ASP A 495 5.20 9.05 18.03
C ASP A 495 4.43 9.22 16.72
N ALA A 496 3.44 8.34 16.64
CA ALA A 496 2.47 8.41 15.58
C ALA A 496 1.42 9.28 16.24
N THR A 497 0.66 10.08 15.51
CA THR A 497 -0.48 10.75 16.15
C THR A 497 -1.78 10.00 15.76
N THR A 498 -1.64 9.29 14.64
CA THR A 498 -2.62 8.45 13.98
C THR A 498 -2.61 7.04 14.58
N PRO A 499 -3.76 6.36 14.70
CA PRO A 499 -3.79 4.93 14.95
C PRO A 499 -3.19 4.16 13.80
N ILE A 500 -2.21 3.27 14.06
CA ILE A 500 -1.68 2.38 13.04
C ILE A 500 -1.59 0.99 13.70
N ILE A 501 -2.23 0.02 13.08
CA ILE A 501 -2.26 -1.39 13.50
C ILE A 501 -1.12 -2.11 12.78
N GLY A 502 -0.29 -2.80 13.56
CA GLY A 502 0.85 -3.55 13.06
C GLY A 502 0.57 -5.04 13.11
N ASN A 503 -0.20 -5.53 14.11
CA ASN A 503 -0.47 -6.96 14.24
C ASN A 503 -1.71 -7.17 15.04
N VAL A 504 -2.45 -8.25 14.75
CA VAL A 504 -3.65 -8.63 15.50
C VAL A 504 -3.47 -10.12 15.79
N GLY A 505 -3.89 -10.59 16.98
CA GLY A 505 -3.81 -12.01 17.36
C GLY A 505 -4.76 -12.38 18.53
N PRO A 506 -5.52 -13.48 18.54
CA PRO A 506 -5.63 -14.41 17.43
C PRO A 506 -6.39 -13.85 16.23
N MET A 507 -6.23 -14.43 15.04
CA MET A 507 -6.97 -14.04 13.84
C MET A 507 -8.21 -14.91 13.53
N MET A 508 -8.63 -15.80 14.42
CA MET A 508 -9.77 -16.69 14.19
C MET A 508 -10.29 -17.03 15.58
N ALA A 509 -11.55 -16.71 15.91
CA ALA A 509 -12.14 -17.03 17.19
C ALA A 509 -13.64 -16.83 17.21
N LYS A 510 -14.37 -17.35 18.20
CA LYS A 510 -15.80 -17.15 18.26
C LYS A 510 -16.16 -15.87 19.05
N PRO A 511 -17.38 -15.27 18.95
CA PRO A 511 -17.83 -14.12 19.75
C PRO A 511 -17.49 -14.21 21.23
N GLY A 512 -17.06 -13.13 21.88
CA GLY A 512 -16.75 -13.23 23.30
C GLY A 512 -15.27 -13.43 23.56
N VAL A 513 -14.43 -13.80 22.59
CA VAL A 513 -13.02 -13.98 22.91
C VAL A 513 -12.30 -12.64 22.79
N THR A 514 -11.46 -12.33 23.77
CA THR A 514 -10.58 -11.18 23.75
C THR A 514 -9.42 -11.29 22.77
N ILE A 515 -9.33 -10.41 21.77
CA ILE A 515 -8.21 -10.42 20.88
C ILE A 515 -7.27 -9.28 21.24
N THR A 516 -6.02 -9.35 20.79
CA THR A 516 -5.02 -8.33 21.09
C THR A 516 -4.66 -7.61 19.79
N ILE A 517 -4.72 -6.27 19.75
CA ILE A 517 -4.41 -5.48 18.55
C ILE A 517 -3.21 -4.63 18.98
N ASP A 518 -2.13 -4.70 18.22
CA ASP A 518 -0.90 -4.02 18.58
C ASP A 518 -0.48 -3.01 17.52
N GLY A 519 0.13 -1.91 17.90
CA GLY A 519 0.53 -0.92 16.90
C GLY A 519 0.90 0.32 17.64
N ARG A 520 0.65 1.48 17.08
CA ARG A 520 1.05 2.72 17.73
C ARG A 520 -0.01 3.78 17.44
N GLY A 521 -0.13 4.80 18.30
CA GLY A 521 -1.03 5.93 18.03
C GLY A 521 -2.48 5.76 18.48
N PHE A 522 -2.83 4.72 19.25
CA PHE A 522 -4.21 4.48 19.75
C PHE A 522 -4.66 5.52 20.77
N GLY A 523 -3.68 6.16 21.41
CA GLY A 523 -3.94 7.17 22.42
C GLY A 523 -4.19 6.49 23.76
N SER A 524 -4.32 7.25 24.81
CA SER A 524 -4.59 6.65 26.10
C SER A 524 -6.07 6.55 26.44
N GLY A 525 -6.90 7.45 25.90
CA GLY A 525 -8.33 7.36 26.15
C GLY A 525 -8.94 6.34 25.19
N LYS A 526 -9.79 5.48 25.73
CA LYS A 526 -10.50 4.43 25.02
C LYS A 526 -11.31 4.94 23.82
N GLY A 527 -11.03 4.44 22.61
CA GLY A 527 -11.69 4.85 21.38
C GLY A 527 -12.64 3.76 20.90
N THR A 528 -12.65 3.40 19.61
CA THR A 528 -13.63 2.46 19.08
C THR A 528 -12.97 1.42 18.22
N VAL A 529 -13.41 0.17 18.31
CA VAL A 529 -12.93 -0.86 17.44
C VAL A 529 -14.03 -1.23 16.47
N TYR A 530 -13.74 -1.31 15.18
CA TYR A 530 -14.73 -1.70 14.19
C TYR A 530 -14.47 -3.11 13.71
N PHE A 531 -15.49 -3.96 13.67
CA PHE A 531 -15.34 -5.25 13.01
C PHE A 531 -16.37 -5.04 11.93
N GLY A 532 -15.97 -4.93 10.66
CA GLY A 532 -16.88 -4.56 9.61
C GLY A 532 -17.31 -3.14 9.99
N THR A 533 -18.59 -2.92 9.97
CA THR A 533 -19.08 -1.63 10.40
C THR A 533 -19.59 -1.73 11.81
N THR A 534 -19.39 -2.83 12.50
CA THR A 534 -19.95 -2.98 13.84
C THR A 534 -18.99 -2.25 14.75
N ALA A 535 -19.48 -1.41 15.63
CA ALA A 535 -18.59 -0.71 16.51
C ALA A 535 -18.58 -1.35 17.88
N VAL A 536 -17.41 -1.47 18.49
CA VAL A 536 -17.27 -2.05 19.81
C VAL A 536 -16.65 -0.92 20.58
N THR A 537 -17.24 -0.57 21.71
CA THR A 537 -16.79 0.55 22.53
C THR A 537 -17.01 0.10 23.98
N GLY A 538 -16.47 0.87 24.91
CA GLY A 538 -16.79 0.75 26.32
C GLY A 538 -16.26 -0.45 27.07
N ALA A 539 -17.18 -1.20 27.71
CA ALA A 539 -16.87 -2.37 28.53
C ALA A 539 -16.30 -3.57 27.76
N ASP A 540 -16.70 -3.74 26.50
CA ASP A 540 -16.22 -4.82 25.64
C ASP A 540 -14.76 -4.62 25.23
N ILE A 541 -14.21 -3.41 25.43
CA ILE A 541 -12.82 -3.14 25.17
C ILE A 541 -12.28 -3.38 26.55
N VAL A 542 -11.51 -4.40 26.65
CA VAL A 542 -10.97 -4.83 27.93
C VAL A 542 -9.81 -3.93 28.36
N ALA A 543 -9.01 -3.45 27.44
CA ALA A 543 -7.84 -2.66 27.75
C ALA A 543 -7.56 -1.73 26.57
N TRP A 544 -7.13 -0.50 26.80
CA TRP A 544 -6.81 0.43 25.71
C TRP A 544 -5.55 1.15 26.15
N GLU A 545 -4.46 1.18 25.36
CA GLU A 545 -3.36 2.11 25.59
C GLU A 545 -2.75 2.37 24.26
N ASP A 546 -1.68 3.15 24.17
CA ASP A 546 -1.19 3.55 22.85
C ASP A 546 -0.62 2.47 21.97
N THR A 547 -0.03 1.42 22.53
CA THR A 547 0.56 0.38 21.73
C THR A 547 -0.27 -0.90 21.69
N GLN A 548 -1.36 -0.99 22.50
CA GLN A 548 -2.10 -2.22 22.55
C GLN A 548 -3.51 -2.03 23.03
N ILE A 549 -4.42 -2.67 22.33
CA ILE A 549 -5.85 -2.72 22.67
C ILE A 549 -6.25 -4.19 22.86
N GLN A 550 -6.97 -4.52 23.92
CA GLN A 550 -7.58 -5.84 24.04
C GLN A 550 -9.09 -5.62 24.03
N VAL A 551 -9.78 -6.33 23.15
CA VAL A 551 -11.19 -6.18 22.89
C VAL A 551 -11.91 -7.49 22.63
N LYS A 552 -13.13 -7.66 23.07
CA LYS A 552 -13.93 -8.84 22.81
C LYS A 552 -14.57 -8.80 21.44
N ILE A 553 -14.45 -9.89 20.69
CA ILE A 553 -15.15 -10.01 19.39
C ILE A 553 -16.67 -9.85 19.64
N PRO A 554 -17.44 -9.01 18.91
CA PRO A 554 -18.86 -8.81 19.11
C PRO A 554 -19.62 -9.99 18.55
N ALA A 555 -20.87 -10.09 18.96
CA ALA A 555 -21.75 -11.15 18.47
C ALA A 555 -22.26 -10.88 17.05
N VAL A 556 -21.33 -11.13 16.13
CA VAL A 556 -21.54 -10.93 14.72
C VAL A 556 -21.69 -12.30 14.08
N PRO A 557 -22.34 -12.38 12.91
CA PRO A 557 -22.44 -13.60 12.13
C PRO A 557 -21.04 -14.13 11.87
N GLY A 558 -20.82 -15.41 11.62
CA GLY A 558 -19.48 -15.83 11.33
C GLY A 558 -19.12 -15.41 9.92
N GLY A 559 -17.82 -15.19 9.73
CA GLY A 559 -17.26 -14.87 8.43
C GLY A 559 -15.97 -14.06 8.62
N ILE A 560 -15.49 -13.55 7.48
CA ILE A 560 -14.26 -12.77 7.38
C ILE A 560 -14.53 -11.25 7.60
N TYR A 561 -13.89 -10.56 8.55
CA TYR A 561 -14.09 -9.17 8.91
C TYR A 561 -12.85 -8.31 8.77
N ASP A 562 -13.04 -7.00 8.60
CA ASP A 562 -11.94 -6.06 8.52
C ASP A 562 -11.98 -5.42 9.86
N ILE A 563 -10.82 -5.24 10.46
CA ILE A 563 -10.67 -4.61 11.75
C ILE A 563 -10.12 -3.23 11.42
N ARG A 564 -10.55 -2.23 12.18
CA ARG A 564 -10.08 -0.86 12.07
C ARG A 564 -10.14 -0.26 13.47
N VAL A 565 -9.29 0.68 13.89
CA VAL A 565 -9.39 1.28 15.22
C VAL A 565 -9.60 2.77 15.03
N ALA A 566 -10.41 3.43 15.83
CA ALA A 566 -10.56 4.86 15.82
C ALA A 566 -10.05 5.33 17.16
N ASN A 567 -9.12 6.29 17.31
CA ASN A 567 -8.78 6.76 18.64
C ASN A 567 -9.93 7.58 19.19
N ALA A 568 -9.87 8.00 20.44
CA ALA A 568 -10.93 8.77 21.08
C ALA A 568 -11.32 10.08 20.40
N ALA A 569 -10.45 10.57 19.51
CA ALA A 569 -10.65 11.81 18.82
C ALA A 569 -11.31 11.62 17.47
N GLY A 570 -11.58 10.37 17.16
CA GLY A 570 -12.24 10.01 15.92
C GLY A 570 -11.27 9.72 14.80
N ALA A 571 -9.95 9.76 14.98
CA ALA A 571 -9.04 9.44 13.88
C ALA A 571 -8.97 7.92 13.67
N ALA A 572 -9.18 7.37 12.48
CA ALA A 572 -9.15 5.94 12.22
C ALA A 572 -7.84 5.41 11.62
N SER A 573 -7.57 4.13 11.89
CA SER A 573 -6.35 3.48 11.44
C SER A 573 -6.48 2.91 10.04
N ASN A 574 -5.43 2.22 9.64
CA ASN A 574 -5.45 1.34 8.48
C ASN A 574 -6.33 0.11 8.81
N ILE A 575 -6.76 -0.57 7.76
CA ILE A 575 -7.56 -1.78 7.90
C ILE A 575 -6.70 -3.03 8.04
N TYR A 576 -7.04 -3.88 9.01
CA TYR A 576 -6.32 -5.12 9.15
C TYR A 576 -7.37 -6.12 8.77
N ASP A 577 -7.25 -6.67 7.60
CA ASP A 577 -8.21 -7.57 7.01
C ASP A 577 -8.04 -9.02 7.40
N ASN A 578 -8.99 -9.81 6.88
CA ASN A 578 -9.02 -11.26 7.01
C ASN A 578 -9.18 -11.75 8.46
N PHE A 579 -9.89 -11.09 9.35
CA PHE A 579 -10.10 -11.66 10.68
C PHE A 579 -11.26 -12.69 10.51
N GLU A 580 -11.22 -13.89 11.09
CA GLU A 580 -12.31 -14.85 10.94
C GLU A 580 -13.08 -14.98 12.23
N VAL A 581 -14.33 -14.55 12.27
CA VAL A 581 -15.21 -14.74 13.41
C VAL A 581 -15.85 -16.11 13.09
N LEU A 582 -15.74 -17.05 14.01
CA LEU A 582 -16.33 -18.39 13.84
C LEU A 582 -17.77 -18.33 14.33
N THR A 583 -18.63 -19.22 13.84
CA THR A 583 -20.00 -19.36 14.25
C THR A 583 -20.06 -19.80 15.70
N GLY A 584 -19.03 -20.51 16.20
CA GLY A 584 -19.05 -20.97 17.58
C GLY A 584 -17.92 -21.96 17.75
N ASP A 585 -17.95 -22.81 18.78
CA ASP A 585 -16.88 -23.76 18.99
C ASP A 585 -16.81 -24.76 17.88
N GLN A 586 -15.71 -25.40 17.56
CA GLN A 586 -15.66 -26.25 16.38
C GLN A 586 -15.56 -27.73 16.73
N VAL A 587 -15.93 -28.60 15.79
CA VAL A 587 -15.75 -30.06 15.89
C VAL A 587 -15.41 -30.45 14.47
N THR A 588 -14.56 -31.46 14.30
CA THR A 588 -14.25 -31.92 12.97
C THR A 588 -15.26 -33.02 12.64
N VAL A 589 -15.90 -32.98 11.47
CA VAL A 589 -16.84 -34.00 11.00
C VAL A 589 -16.20 -34.49 9.71
N ARG A 590 -16.21 -35.80 9.44
CA ARG A 590 -15.70 -36.39 8.22
C ARG A 590 -16.90 -36.43 7.29
N PHE A 591 -16.87 -35.89 6.07
CA PHE A 591 -18.00 -35.98 5.16
C PHE A 591 -17.59 -37.04 4.14
N VAL A 592 -18.42 -38.04 3.85
CA VAL A 592 -18.10 -39.15 2.95
C VAL A 592 -19.23 -39.19 1.91
N ILE A 593 -19.00 -39.06 0.58
CA ILE A 593 -20.11 -39.16 -0.33
C ILE A 593 -19.88 -40.27 -1.31
N ASN A 594 -20.84 -41.15 -1.50
CA ASN A 594 -20.64 -42.23 -2.45
C ASN A 594 -21.30 -41.88 -3.75
N ASN A 595 -20.79 -42.58 -4.78
CA ASN A 595 -21.29 -42.57 -6.15
C ASN A 595 -21.26 -41.22 -6.85
N ALA A 596 -20.17 -40.49 -6.62
CA ALA A 596 -20.02 -39.21 -7.24
C ALA A 596 -18.94 -39.36 -8.30
N THR A 597 -19.30 -39.96 -9.42
CA THR A 597 -18.37 -40.10 -10.52
C THR A 597 -18.03 -38.73 -11.16
N THR A 598 -16.83 -38.45 -11.66
CA THR A 598 -16.52 -37.17 -12.23
C THR A 598 -15.75 -37.37 -13.52
N ALA A 599 -15.40 -36.27 -14.16
CA ALA A 599 -14.71 -36.34 -15.43
C ALA A 599 -13.29 -35.84 -15.14
N LEU A 600 -12.35 -35.86 -16.09
CA LEU A 600 -11.02 -35.35 -15.84
C LEU A 600 -11.15 -33.89 -15.46
N GLY A 601 -10.42 -33.50 -14.43
CA GLY A 601 -10.38 -32.14 -13.93
C GLY A 601 -11.62 -31.78 -13.12
N GLN A 602 -12.58 -32.70 -12.94
CA GLN A 602 -13.77 -32.41 -12.17
C GLN A 602 -13.62 -33.01 -10.77
N ASN A 603 -13.97 -32.27 -9.74
CA ASN A 603 -13.71 -32.73 -8.39
C ASN A 603 -14.92 -32.43 -7.55
N VAL A 604 -15.03 -33.06 -6.36
CA VAL A 604 -16.19 -32.85 -5.52
C VAL A 604 -15.82 -31.87 -4.43
N PHE A 605 -16.80 -31.05 -4.02
CA PHE A 605 -16.69 -29.98 -3.05
C PHE A 605 -17.90 -30.05 -2.14
N LEU A 606 -17.85 -29.43 -0.99
CA LEU A 606 -18.94 -29.38 -0.03
C LEU A 606 -19.23 -27.92 0.24
N THR A 607 -20.48 -27.48 0.39
CA THR A 607 -20.75 -26.15 0.87
C THR A 607 -22.06 -26.26 1.66
N GLY A 608 -22.42 -25.21 2.37
CA GLY A 608 -23.58 -25.20 3.22
C GLY A 608 -23.77 -23.84 3.84
N ASN A 609 -24.65 -23.83 4.82
CA ASN A 609 -25.18 -22.58 5.30
C ASN A 609 -24.48 -21.90 6.45
N VAL A 610 -23.22 -22.18 6.72
CA VAL A 610 -22.51 -21.50 7.80
C VAL A 610 -21.20 -21.02 7.19
N SER A 611 -20.52 -20.04 7.77
CA SER A 611 -19.30 -19.50 7.18
C SER A 611 -18.19 -20.49 7.01
N GLU A 612 -18.16 -21.43 7.98
CA GLU A 612 -17.19 -22.52 7.99
C GLU A 612 -17.38 -23.36 6.77
N LEU A 613 -18.58 -23.39 6.19
CA LEU A 613 -18.81 -24.10 4.96
C LEU A 613 -18.82 -23.19 3.73
N GLY A 614 -18.51 -21.89 3.89
CA GLY A 614 -18.44 -20.96 2.76
C GLY A 614 -19.76 -20.33 2.41
N ASN A 615 -20.73 -20.42 3.32
CA ASN A 615 -22.09 -19.90 3.14
C ASN A 615 -22.74 -20.01 1.75
N TRP A 616 -22.76 -21.23 1.20
CA TRP A 616 -23.40 -21.55 -0.10
C TRP A 616 -22.70 -21.00 -1.34
N ASP A 617 -21.51 -20.43 -1.24
CA ASP A 617 -20.88 -19.92 -2.43
C ASP A 617 -19.88 -20.92 -2.97
N PRO A 618 -20.06 -21.40 -4.22
CA PRO A 618 -19.16 -22.31 -4.93
C PRO A 618 -17.69 -21.91 -4.96
N ASN A 619 -17.38 -20.64 -5.07
CA ASN A 619 -15.98 -20.21 -5.03
C ASN A 619 -15.29 -20.38 -3.68
N ASN A 620 -16.08 -20.54 -2.62
CA ASN A 620 -15.54 -20.77 -1.29
C ASN A 620 -15.88 -22.16 -0.78
N ALA A 621 -16.24 -23.13 -1.63
CA ALA A 621 -16.65 -24.44 -1.18
C ALA A 621 -15.47 -25.23 -0.61
N ILE A 622 -15.70 -26.16 0.31
CA ILE A 622 -14.65 -26.94 0.95
C ILE A 622 -14.18 -28.00 -0.01
N GLY A 623 -12.90 -28.06 -0.32
CA GLY A 623 -12.39 -29.13 -1.14
C GLY A 623 -11.30 -28.68 -2.10
N PRO A 624 -10.98 -29.37 -3.19
CA PRO A 624 -11.50 -30.70 -3.54
C PRO A 624 -11.29 -31.80 -2.48
N MET A 625 -12.31 -32.65 -2.38
CA MET A 625 -12.36 -33.73 -1.39
C MET A 625 -11.37 -34.81 -1.79
N TYR A 626 -11.05 -35.73 -0.89
CA TYR A 626 -10.10 -36.78 -1.17
C TYR A 626 -10.81 -38.01 -1.68
N ASN A 627 -10.08 -38.89 -2.34
CA ASN A 627 -10.70 -40.12 -2.80
C ASN A 627 -9.81 -41.33 -3.01
N GLN A 628 -8.64 -41.46 -2.36
CA GLN A 628 -7.64 -42.52 -2.62
C GLN A 628 -7.37 -43.48 -1.43
N VAL A 629 -6.99 -42.88 -0.30
CA VAL A 629 -6.62 -43.69 0.84
C VAL A 629 -7.80 -44.19 1.69
N VAL A 630 -8.48 -43.39 2.53
CA VAL A 630 -9.45 -43.94 3.46
C VAL A 630 -10.65 -44.55 2.73
N TYR A 631 -11.07 -43.92 1.63
CA TYR A 631 -12.15 -44.45 0.82
C TYR A 631 -11.60 -44.19 -0.57
N GLN A 632 -12.16 -44.90 -1.54
CA GLN A 632 -11.71 -44.75 -2.91
C GLN A 632 -12.88 -44.37 -3.80
N TYR A 633 -12.49 -43.69 -4.87
CA TYR A 633 -13.38 -43.19 -5.89
C TYR A 633 -14.31 -44.29 -6.38
N PRO A 634 -15.62 -44.07 -6.63
CA PRO A 634 -16.28 -42.79 -6.50
C PRO A 634 -16.78 -42.38 -5.12
N THR A 635 -16.19 -42.91 -4.05
CA THR A 635 -16.44 -42.37 -2.75
C THR A 635 -15.35 -41.35 -2.48
N TRP A 636 -15.77 -40.17 -2.00
CA TRP A 636 -14.88 -39.05 -1.75
C TRP A 636 -15.08 -38.74 -0.29
N TYR A 637 -14.08 -38.24 0.44
CA TYR A 637 -14.22 -37.97 1.87
C TYR A 637 -13.43 -36.71 2.20
N TYR A 638 -13.65 -36.05 3.35
CA TYR A 638 -12.92 -34.87 3.75
C TYR A 638 -13.19 -34.53 5.21
N ASP A 639 -12.23 -34.07 6.03
CA ASP A 639 -12.47 -33.77 7.44
C ASP A 639 -12.62 -32.27 7.53
N VAL A 640 -13.73 -31.74 8.03
CA VAL A 640 -14.07 -30.33 7.94
C VAL A 640 -14.39 -29.86 9.33
N SER A 641 -13.85 -28.73 9.73
CA SER A 641 -14.16 -28.13 11.01
C SER A 641 -15.48 -27.42 10.78
N VAL A 642 -16.47 -27.69 11.62
CA VAL A 642 -17.80 -27.08 11.47
C VAL A 642 -18.26 -26.69 12.86
N PRO A 643 -19.27 -25.83 13.05
CA PRO A 643 -19.65 -25.41 14.39
C PRO A 643 -20.25 -26.56 15.19
N ALA A 644 -19.95 -26.57 16.46
CA ALA A 644 -20.38 -27.61 17.34
C ALA A 644 -21.84 -27.42 17.77
N GLY A 645 -22.50 -28.53 18.04
CA GLY A 645 -23.82 -28.54 18.64
C GLY A 645 -24.91 -27.94 17.79
N GLN A 646 -24.93 -27.97 16.49
CA GLN A 646 -26.02 -27.36 15.77
C GLN A 646 -26.35 -28.02 14.46
N THR A 647 -27.54 -27.76 13.91
CA THR A 647 -27.95 -28.37 12.67
C THR A 647 -27.43 -27.51 11.54
N ILE A 648 -26.67 -28.09 10.65
CA ILE A 648 -26.18 -27.36 9.50
C ILE A 648 -26.96 -27.87 8.29
N GLU A 649 -27.01 -27.06 7.23
CA GLU A 649 -27.57 -27.49 5.96
C GLU A 649 -26.43 -27.43 5.01
N PHE A 650 -26.43 -28.34 4.04
CA PHE A 650 -25.37 -28.46 3.08
C PHE A 650 -25.77 -29.25 1.85
N LYS A 651 -24.94 -29.21 0.83
CA LYS A 651 -25.07 -29.98 -0.41
C LYS A 651 -23.67 -30.21 -0.93
N PHE A 652 -23.50 -31.25 -1.75
CA PHE A 652 -22.21 -31.49 -2.36
C PHE A 652 -22.36 -30.96 -3.77
N LEU A 653 -21.24 -30.65 -4.41
CA LEU A 653 -21.24 -30.20 -5.80
C LEU A 653 -19.96 -30.68 -6.49
N LYS A 654 -20.05 -30.72 -7.80
CA LYS A 654 -18.94 -31.05 -8.64
C LYS A 654 -18.49 -29.72 -9.28
N LYS A 655 -17.19 -29.52 -9.47
CA LYS A 655 -16.69 -28.30 -10.09
C LYS A 655 -15.68 -28.73 -11.13
N GLN A 656 -15.85 -28.31 -12.39
CA GLN A 656 -14.85 -28.56 -13.42
C GLN A 656 -14.55 -27.11 -13.82
N GLY A 657 -13.51 -26.51 -13.26
CA GLY A 657 -13.16 -25.12 -13.57
C GLY A 657 -14.32 -24.21 -13.20
N SER A 658 -14.81 -23.64 -14.28
CA SER A 658 -15.94 -22.72 -14.33
C SER A 658 -17.31 -23.30 -13.99
N THR A 659 -17.54 -24.58 -14.30
CA THR A 659 -18.88 -25.19 -14.21
C THR A 659 -19.12 -25.83 -12.84
N VAL A 660 -20.27 -25.51 -12.24
CA VAL A 660 -20.68 -26.03 -10.95
C VAL A 660 -21.85 -26.96 -11.21
N THR A 661 -21.83 -28.23 -10.79
CA THR A 661 -22.98 -29.10 -10.86
C THR A 661 -23.37 -29.41 -9.41
N TRP A 662 -24.47 -28.83 -8.90
CA TRP A 662 -25.01 -29.12 -7.57
C TRP A 662 -25.66 -30.49 -7.51
N GLU A 663 -25.79 -31.12 -6.33
CA GLU A 663 -26.58 -32.36 -6.20
C GLU A 663 -28.03 -31.90 -6.33
N GLY A 664 -28.93 -32.74 -6.82
CA GLY A 664 -30.34 -32.40 -6.83
C GLY A 664 -30.98 -32.78 -5.48
N GLY A 665 -32.30 -32.72 -5.38
CA GLY A 665 -32.95 -33.06 -4.12
C GLY A 665 -32.95 -31.89 -3.14
N ALA A 666 -33.51 -32.14 -1.98
CA ALA A 666 -33.56 -31.15 -0.93
C ALA A 666 -32.16 -31.01 -0.30
N ASN A 667 -31.94 -29.96 0.49
CA ASN A 667 -30.67 -29.76 1.18
C ASN A 667 -30.53 -30.81 2.26
N ARG A 668 -29.29 -31.25 2.50
CA ARG A 668 -28.97 -32.20 3.54
C ARG A 668 -28.93 -31.45 4.85
N THR A 669 -29.15 -32.11 5.98
CA THR A 669 -29.11 -31.50 7.29
C THR A 669 -28.28 -32.44 8.16
N PHE A 670 -27.57 -31.96 9.15
CA PHE A 670 -26.91 -32.83 10.07
C PHE A 670 -26.81 -32.09 11.37
N THR A 671 -27.05 -32.69 12.53
CA THR A 671 -26.87 -32.02 13.79
C THR A 671 -25.47 -32.37 14.27
N THR A 672 -24.57 -31.39 14.44
CA THR A 672 -23.19 -31.66 14.83
C THR A 672 -23.10 -32.04 16.31
N PRO A 673 -22.13 -32.92 16.69
CA PRO A 673 -21.74 -33.18 18.09
C PRO A 673 -21.26 -31.94 18.88
N THR A 674 -21.25 -31.94 20.23
CA THR A 674 -20.73 -30.84 21.03
C THR A 674 -19.20 -30.90 21.29
N SER A 675 -18.68 -32.14 21.21
CA SER A 675 -17.28 -32.45 21.34
C SER A 675 -17.07 -33.73 20.58
N GLY A 676 -15.82 -34.04 20.26
CA GLY A 676 -15.51 -35.27 19.53
C GLY A 676 -15.74 -35.08 18.05
N THR A 677 -15.80 -36.20 17.36
CA THR A 677 -15.90 -36.18 15.93
C THR A 677 -17.21 -36.80 15.49
N ALA A 678 -17.51 -36.75 14.20
CA ALA A 678 -18.67 -37.47 13.69
C ALA A 678 -18.40 -37.79 12.22
N THR A 679 -19.06 -38.80 11.63
CA THR A 679 -18.96 -39.12 10.22
C THR A 679 -20.31 -39.07 9.51
N VAL A 680 -20.35 -38.39 8.35
CA VAL A 680 -21.55 -38.20 7.54
C VAL A 680 -21.35 -39.13 6.37
N ASN A 681 -22.23 -40.10 6.12
CA ASN A 681 -22.00 -40.98 4.99
C ASN A 681 -23.32 -40.99 4.27
N VAL A 682 -23.29 -40.49 3.03
CA VAL A 682 -24.47 -40.21 2.22
C VAL A 682 -24.18 -40.61 0.80
N ASN A 683 -25.17 -40.49 -0.07
CA ASN A 683 -25.05 -40.91 -1.46
C ASN A 683 -25.40 -39.80 -2.39
N TRP A 684 -24.67 -39.61 -3.49
CA TRP A 684 -24.92 -38.53 -4.44
C TRP A 684 -26.36 -38.56 -4.99
N GLN A 685 -27.06 -37.47 -4.68
CA GLN A 685 -28.43 -37.21 -5.10
C GLN A 685 -28.38 -36.51 -6.44
N PRO A 686 -28.79 -37.15 -7.54
CA PRO A 686 -28.86 -36.55 -8.85
C PRO A 686 -29.93 -35.45 -8.90
N ALA B 1 -22.73 5.20 -18.11
CA ALA B 1 -21.79 5.17 -19.21
C ALA B 1 -20.50 4.61 -18.61
N PRO B 2 -19.50 3.99 -19.28
CA PRO B 2 -18.23 3.56 -18.69
C PRO B 2 -17.28 4.72 -18.38
N ASP B 3 -16.29 4.49 -17.55
CA ASP B 3 -15.21 5.42 -17.20
C ASP B 3 -14.51 6.09 -18.41
N THR B 4 -14.32 5.41 -19.54
CA THR B 4 -13.63 5.87 -20.76
C THR B 4 -14.41 6.75 -21.74
N SER B 5 -15.68 6.91 -21.45
CA SER B 5 -16.57 7.68 -22.27
C SER B 5 -16.22 9.16 -22.33
N VAL B 6 -16.42 9.82 -23.49
CA VAL B 6 -16.29 11.28 -23.59
C VAL B 6 -17.19 12.00 -22.57
N SER B 7 -18.34 11.50 -22.11
CA SER B 7 -19.13 12.24 -21.15
C SER B 7 -18.56 12.22 -19.76
N ASN B 8 -17.45 11.54 -19.46
CA ASN B 8 -16.95 11.56 -18.10
C ASN B 8 -16.08 12.81 -17.96
N LYS B 9 -16.72 13.86 -17.50
CA LYS B 9 -16.06 15.15 -17.34
C LYS B 9 -15.41 15.23 -15.96
N GLN B 10 -15.61 14.28 -15.04
CA GLN B 10 -15.04 14.47 -13.72
C GLN B 10 -13.64 13.95 -13.62
N ASN B 11 -13.28 12.92 -14.38
CA ASN B 11 -11.99 12.27 -14.23
C ASN B 11 -11.38 12.06 -15.59
N PHE B 12 -10.11 12.40 -15.71
CA PHE B 12 -9.40 12.33 -16.95
C PHE B 12 -8.24 11.34 -16.94
N SER B 13 -8.01 10.36 -16.06
CA SER B 13 -6.85 9.48 -16.16
C SER B 13 -6.86 8.58 -17.41
N THR B 14 -8.00 8.21 -18.00
CA THR B 14 -8.04 7.41 -19.21
C THR B 14 -7.74 8.27 -20.47
N ASP B 15 -7.61 9.60 -20.32
CA ASP B 15 -7.35 10.53 -21.41
C ASP B 15 -5.89 10.97 -21.68
N VAL B 16 -5.68 11.46 -22.91
CA VAL B 16 -4.41 12.08 -23.22
C VAL B 16 -4.77 13.47 -23.71
N ILE B 17 -4.32 14.52 -23.03
CA ILE B 17 -4.62 15.90 -23.36
C ILE B 17 -3.57 16.40 -24.32
N TYR B 18 -4.03 17.17 -25.29
CA TYR B 18 -3.16 17.89 -26.23
C TYR B 18 -3.38 19.41 -26.01
N GLN B 19 -2.34 20.08 -25.50
CA GLN B 19 -2.37 21.50 -25.19
C GLN B 19 -2.07 22.33 -26.44
N ILE B 20 -3.05 23.20 -26.71
CA ILE B 20 -3.13 24.04 -27.92
C ILE B 20 -3.15 25.52 -27.51
N PHE B 21 -2.26 26.29 -28.14
CA PHE B 21 -2.26 27.76 -28.01
C PHE B 21 -3.11 28.06 -29.23
N THR B 22 -4.38 28.44 -29.10
CA THR B 22 -5.26 28.58 -30.26
C THR B 22 -4.72 29.44 -31.40
N ASP B 23 -4.06 30.57 -31.14
CA ASP B 23 -3.54 31.36 -32.23
C ASP B 23 -2.36 30.74 -33.00
N ARG B 24 -1.66 29.70 -32.48
CA ARG B 24 -0.50 29.13 -33.14
C ARG B 24 -0.71 27.76 -33.76
N PHE B 25 -1.96 27.36 -33.93
CA PHE B 25 -2.27 26.02 -34.44
C PHE B 25 -2.80 26.16 -35.84
N SER B 26 -4.08 26.44 -36.10
CA SER B 26 -4.53 26.55 -37.48
C SER B 26 -5.55 27.67 -37.74
N ASP B 27 -5.23 28.46 -38.75
CA ASP B 27 -6.16 29.52 -39.09
C ASP B 27 -7.21 28.92 -40.02
N GLY B 28 -8.32 28.47 -39.47
CA GLY B 28 -9.42 28.00 -40.31
C GLY B 28 -10.26 29.13 -40.88
N ASN B 29 -10.22 30.33 -40.32
CA ASN B 29 -11.03 31.45 -40.82
C ASN B 29 -10.19 32.74 -40.84
N PRO B 30 -9.72 33.22 -41.99
CA PRO B 30 -9.02 34.49 -42.13
C PRO B 30 -9.86 35.72 -41.78
N ALA B 31 -11.17 35.70 -42.02
CA ALA B 31 -12.07 36.84 -41.78
C ALA B 31 -12.15 37.31 -40.32
N ASN B 32 -11.77 36.46 -39.35
CA ASN B 32 -11.76 36.89 -37.96
C ASN B 32 -10.37 37.34 -37.54
N ASN B 33 -9.40 37.39 -38.45
CA ASN B 33 -8.03 37.68 -38.07
C ASN B 33 -7.90 39.13 -37.71
N PRO B 34 -7.18 39.47 -36.64
CA PRO B 34 -6.85 40.84 -36.28
C PRO B 34 -6.22 41.56 -37.46
N THR B 35 -6.24 42.88 -37.48
CA THR B 35 -5.65 43.57 -38.61
C THR B 35 -4.62 44.60 -38.13
N GLY B 36 -3.80 44.91 -39.11
CA GLY B 36 -2.81 45.95 -39.00
C GLY B 36 -1.77 45.54 -38.00
N ALA B 37 -1.53 46.45 -37.07
CA ALA B 37 -0.43 46.30 -36.13
C ALA B 37 -0.56 45.16 -35.12
N ALA B 38 -1.80 44.67 -34.95
CA ALA B 38 -2.08 43.60 -34.04
C ALA B 38 -1.74 42.22 -34.66
N PHE B 39 -1.46 42.17 -35.96
CA PHE B 39 -1.39 40.93 -36.70
C PHE B 39 -0.13 40.70 -37.51
N ASP B 40 0.34 39.44 -37.53
CA ASP B 40 1.43 39.05 -38.36
C ASP B 40 1.10 37.72 -38.99
N GLY B 41 0.60 37.69 -40.23
CA GLY B 41 0.23 36.46 -40.91
C GLY B 41 1.36 35.48 -41.13
N SER B 42 2.60 35.96 -41.12
CA SER B 42 3.69 35.03 -41.29
C SER B 42 4.06 34.33 -39.98
N CYS B 43 3.62 34.92 -38.86
CA CYS B 43 3.94 34.50 -37.50
C CYS B 43 5.44 34.42 -37.19
N THR B 44 6.19 35.36 -37.76
CA THR B 44 7.61 35.59 -37.47
C THR B 44 7.76 36.34 -36.14
N ASN B 45 6.84 37.27 -35.83
CA ASN B 45 6.90 38.03 -34.59
C ASN B 45 5.89 37.25 -33.77
N LEU B 46 6.49 36.57 -32.79
CA LEU B 46 5.77 35.67 -31.92
C LEU B 46 4.95 36.33 -30.83
N ARG B 47 4.84 37.67 -30.82
CA ARG B 47 4.05 38.36 -29.81
C ARG B 47 2.83 39.04 -30.43
N LEU B 48 2.65 38.83 -31.73
CA LEU B 48 1.50 39.38 -32.41
C LEU B 48 0.56 38.23 -32.70
N TYR B 49 -0.68 38.50 -33.12
CA TYR B 49 -1.58 37.46 -33.54
C TYR B 49 -1.12 36.88 -34.86
N CYS B 50 -1.16 35.58 -35.03
CA CYS B 50 -0.86 34.99 -36.31
C CYS B 50 -2.11 34.49 -37.01
N GLY B 51 -3.30 34.40 -36.38
CA GLY B 51 -4.49 33.99 -37.13
C GLY B 51 -5.24 32.72 -36.72
N GLY B 52 -4.61 31.82 -35.94
CA GLY B 52 -5.15 30.52 -35.56
C GLY B 52 -6.41 30.66 -34.74
N ASP B 53 -7.40 29.80 -34.98
CA ASP B 53 -8.71 30.04 -34.37
C ASP B 53 -9.53 28.76 -34.13
N TRP B 54 -10.78 28.85 -33.65
CA TRP B 54 -11.56 27.67 -33.30
C TRP B 54 -11.97 26.84 -34.50
N GLN B 55 -12.25 27.47 -35.62
CA GLN B 55 -12.50 26.75 -36.84
C GLN B 55 -11.29 25.92 -37.30
N GLY B 56 -10.03 26.34 -37.04
CA GLY B 56 -8.82 25.63 -37.48
C GLY B 56 -8.66 24.34 -36.68
N ILE B 57 -9.06 24.42 -35.42
CA ILE B 57 -9.03 23.24 -34.56
C ILE B 57 -10.16 22.34 -35.08
N ILE B 58 -11.35 22.85 -35.41
CA ILE B 58 -12.42 22.00 -35.94
C ILE B 58 -11.94 21.32 -37.21
N ASN B 59 -11.20 22.00 -38.07
CA ASN B 59 -10.67 21.36 -39.26
C ASN B 59 -9.65 20.30 -38.91
N LYS B 60 -8.84 20.43 -37.84
CA LYS B 60 -7.83 19.39 -37.53
C LYS B 60 -8.38 18.16 -36.81
N ILE B 61 -9.56 18.29 -36.21
CA ILE B 61 -10.33 17.20 -35.66
C ILE B 61 -10.99 16.51 -36.86
N ASN B 62 -11.59 17.25 -37.80
CA ASN B 62 -12.26 16.67 -38.95
C ASN B 62 -11.41 16.03 -40.01
N ASP B 63 -10.19 16.48 -40.30
CA ASP B 63 -9.43 15.84 -41.34
C ASP B 63 -8.57 14.67 -40.79
N GLY B 64 -8.70 14.39 -39.48
CA GLY B 64 -8.06 13.27 -38.86
C GLY B 64 -6.66 13.49 -38.33
N TYR B 65 -6.19 14.75 -38.25
CA TYR B 65 -4.87 14.98 -37.73
C TYR B 65 -4.89 14.66 -36.25
N LEU B 66 -5.84 15.26 -35.51
CA LEU B 66 -5.85 15.03 -34.08
C LEU B 66 -6.38 13.67 -33.67
N THR B 67 -7.42 13.14 -34.35
CA THR B 67 -7.98 11.85 -33.95
C THR B 67 -6.99 10.71 -34.22
N GLY B 68 -6.26 10.81 -35.33
CA GLY B 68 -5.26 9.80 -35.72
C GLY B 68 -4.11 9.62 -34.72
N MET B 69 -3.82 10.67 -33.96
CA MET B 69 -2.80 10.66 -32.94
C MET B 69 -3.33 9.99 -31.67
N GLY B 70 -4.65 9.81 -31.57
CA GLY B 70 -5.25 9.16 -30.43
C GLY B 70 -5.49 10.13 -29.29
N ILE B 71 -5.49 11.45 -29.56
CA ILE B 71 -5.68 12.44 -28.50
C ILE B 71 -7.11 12.32 -28.02
N THR B 72 -7.42 12.37 -26.74
CA THR B 72 -8.82 12.29 -26.36
C THR B 72 -9.28 13.56 -25.61
N ALA B 73 -8.45 14.60 -25.49
CA ALA B 73 -8.88 15.82 -24.85
C ALA B 73 -8.01 16.97 -25.38
N ILE B 74 -8.55 18.18 -25.58
CA ILE B 74 -7.78 19.33 -26.02
C ILE B 74 -7.85 20.38 -24.92
N TRP B 75 -6.80 21.15 -24.72
CA TRP B 75 -6.75 22.16 -23.68
C TRP B 75 -6.39 23.40 -24.47
N ILE B 76 -7.27 24.38 -24.45
CA ILE B 76 -7.10 25.56 -25.30
C ILE B 76 -7.05 26.84 -24.49
N SER B 77 -6.52 27.87 -25.19
CA SER B 77 -6.38 29.23 -24.70
C SER B 77 -7.69 29.74 -24.15
N GLN B 78 -7.64 30.57 -23.11
CA GLN B 78 -8.81 31.14 -22.46
C GLN B 78 -9.73 31.74 -23.54
N PRO B 79 -11.02 31.37 -23.58
CA PRO B 79 -11.93 31.70 -24.69
C PRO B 79 -12.54 33.09 -24.61
N VAL B 80 -12.27 33.76 -23.48
CA VAL B 80 -12.92 35.05 -23.18
C VAL B 80 -12.37 36.24 -23.94
N GLU B 81 -13.24 37.24 -24.11
CA GLU B 81 -12.92 38.45 -24.83
C GLU B 81 -11.79 39.12 -24.06
N ASN B 82 -10.70 39.29 -24.83
CA ASN B 82 -9.46 39.94 -24.41
C ASN B 82 -9.37 41.38 -24.89
N ILE B 83 -8.41 42.16 -24.32
CA ILE B 83 -8.14 43.53 -24.74
C ILE B 83 -7.62 43.54 -26.17
N TYR B 84 -8.08 44.59 -26.82
CA TYR B 84 -7.75 44.84 -28.21
C TYR B 84 -6.47 45.64 -28.47
N SER B 85 -5.89 46.28 -27.44
CA SER B 85 -4.63 47.03 -27.49
C SER B 85 -3.41 46.35 -28.10
N VAL B 86 -2.65 47.03 -28.94
CA VAL B 86 -1.32 46.53 -29.29
C VAL B 86 -0.50 47.27 -28.21
N ILE B 87 0.26 46.63 -27.34
CA ILE B 87 0.97 47.32 -26.27
C ILE B 87 2.42 47.32 -26.68
N ASN B 88 3.15 48.43 -26.47
CA ASN B 88 4.54 48.46 -26.82
C ASN B 88 5.32 48.42 -25.55
N TYR B 89 6.13 47.40 -25.39
CA TYR B 89 6.96 47.27 -24.22
C TYR B 89 8.39 47.36 -24.72
N SER B 90 9.20 48.28 -24.19
CA SER B 90 10.61 48.44 -24.57
C SER B 90 10.84 48.87 -26.02
N GLY B 91 9.84 48.90 -26.90
CA GLY B 91 10.06 49.05 -28.32
C GLY B 91 9.55 47.80 -29.01
N VAL B 92 8.82 46.89 -28.34
CA VAL B 92 8.30 45.66 -28.97
C VAL B 92 6.79 45.68 -28.81
N ASN B 93 6.06 45.42 -29.89
CA ASN B 93 4.61 45.39 -29.82
C ASN B 93 4.14 44.05 -29.33
N ASN B 94 3.08 44.02 -28.53
CA ASN B 94 2.60 42.81 -27.87
C ASN B 94 1.11 42.85 -27.97
N THR B 95 0.45 41.71 -28.16
CA THR B 95 -1.01 41.63 -28.20
C THR B 95 -1.52 40.49 -27.29
N ALA B 96 -2.83 40.44 -27.05
CA ALA B 96 -3.44 39.39 -26.25
C ALA B 96 -3.58 38.06 -27.02
N TYR B 97 -2.66 37.58 -27.87
CA TYR B 97 -2.82 36.34 -28.69
C TYR B 97 -3.07 35.03 -27.93
N HIS B 98 -2.43 35.06 -26.76
CA HIS B 98 -2.38 34.00 -25.76
C HIS B 98 -3.62 33.90 -24.87
N GLY B 99 -4.53 34.89 -24.96
CA GLY B 99 -5.78 34.84 -24.23
C GLY B 99 -5.68 35.18 -22.76
N TYR B 100 -4.55 35.70 -22.23
CA TYR B 100 -4.42 35.92 -20.78
C TYR B 100 -4.85 37.30 -20.29
N TRP B 101 -5.23 38.19 -21.20
CA TRP B 101 -5.55 39.55 -20.81
C TRP B 101 -7.02 39.79 -21.05
N ALA B 102 -7.88 39.26 -20.18
CA ALA B 102 -9.31 39.35 -20.35
C ALA B 102 -9.92 40.73 -20.12
N ARG B 103 -10.96 41.05 -20.83
CA ARG B 103 -11.71 42.24 -20.48
C ARG B 103 -13.16 41.87 -20.28
N ASP B 104 -13.65 40.75 -20.81
CA ASP B 104 -15.03 40.37 -20.53
C ASP B 104 -15.05 38.85 -20.54
N PHE B 105 -15.23 38.36 -19.33
CA PHE B 105 -15.30 36.93 -19.12
C PHE B 105 -16.60 36.28 -19.64
N LYS B 106 -17.59 37.06 -20.08
CA LYS B 106 -18.84 36.52 -20.58
C LYS B 106 -18.98 36.56 -22.10
N LYS B 107 -17.96 36.93 -22.86
CA LYS B 107 -18.09 36.98 -24.32
C LYS B 107 -16.91 36.26 -24.93
N THR B 108 -16.87 35.94 -26.21
CA THR B 108 -15.72 35.28 -26.75
C THR B 108 -14.66 36.25 -27.20
N ASN B 109 -13.42 35.80 -27.40
CA ASN B 109 -12.42 36.56 -28.14
C ASN B 109 -12.71 36.34 -29.64
N PRO B 110 -13.14 37.36 -30.41
CA PRO B 110 -13.58 37.17 -31.79
C PRO B 110 -12.50 36.76 -32.76
N ALA B 111 -11.22 36.92 -32.42
CA ALA B 111 -10.17 36.46 -33.31
C ALA B 111 -10.11 34.93 -33.30
N TYR B 112 -10.63 34.37 -32.19
CA TYR B 112 -10.75 32.92 -32.10
C TYR B 112 -12.14 32.52 -32.64
N GLY B 113 -13.19 33.29 -32.39
CA GLY B 113 -14.49 32.93 -32.96
C GLY B 113 -15.65 33.47 -32.16
N THR B 114 -16.83 33.14 -32.68
CA THR B 114 -18.09 33.57 -32.12
C THR B 114 -18.55 32.56 -31.10
N MET B 115 -19.61 32.86 -30.34
CA MET B 115 -20.22 31.89 -29.44
C MET B 115 -20.67 30.68 -30.23
N GLN B 116 -21.11 30.91 -31.46
CA GLN B 116 -21.53 29.90 -32.42
C GLN B 116 -20.29 29.12 -32.81
N ASP B 117 -19.10 29.71 -33.04
CA ASP B 117 -17.93 28.86 -33.33
C ASP B 117 -17.50 28.01 -32.13
N PHE B 118 -17.69 28.53 -30.91
CA PHE B 118 -17.35 27.81 -29.69
C PHE B 118 -18.24 26.60 -29.59
N LYS B 119 -19.55 26.77 -29.75
CA LYS B 119 -20.50 25.66 -29.69
C LYS B 119 -20.13 24.63 -30.75
N ASN B 120 -19.80 25.03 -31.96
CA ASN B 120 -19.42 24.11 -33.02
C ASN B 120 -18.14 23.35 -32.68
N LEU B 121 -17.20 23.96 -31.96
CA LEU B 121 -16.01 23.28 -31.46
C LEU B 121 -16.39 22.21 -30.41
N ILE B 122 -17.14 22.55 -29.34
CA ILE B 122 -17.63 21.60 -28.34
C ILE B 122 -18.27 20.41 -29.05
N ASP B 123 -19.18 20.74 -29.96
CA ASP B 123 -19.91 19.75 -30.67
C ASP B 123 -19.09 18.84 -31.51
N THR B 124 -18.23 19.36 -32.37
CA THR B 124 -17.35 18.56 -33.21
C THR B 124 -16.43 17.71 -32.33
N ALA B 125 -16.00 18.19 -31.16
CA ALA B 125 -15.11 17.48 -30.28
C ALA B 125 -15.77 16.26 -29.68
N HIS B 126 -16.93 16.51 -29.08
CA HIS B 126 -17.71 15.46 -28.44
C HIS B 126 -18.09 14.40 -29.45
N ALA B 127 -18.51 14.84 -30.64
CA ALA B 127 -18.83 13.92 -31.74
C ALA B 127 -17.68 13.02 -32.12
N HIS B 128 -16.42 13.41 -31.85
CA HIS B 128 -15.31 12.54 -32.22
C HIS B 128 -14.64 12.12 -30.94
N ASN B 129 -15.39 12.05 -29.84
CA ASN B 129 -14.92 11.56 -28.55
C ASN B 129 -13.73 12.26 -27.90
N ILE B 130 -13.65 13.57 -28.13
CA ILE B 130 -12.58 14.38 -27.59
C ILE B 130 -13.20 15.33 -26.60
N LYS B 131 -12.61 15.46 -25.40
CA LYS B 131 -13.07 16.41 -24.39
C LYS B 131 -12.39 17.77 -24.56
N VAL B 132 -12.93 18.86 -24.05
CA VAL B 132 -12.35 20.17 -24.24
C VAL B 132 -12.14 20.82 -22.87
N ILE B 133 -10.93 21.29 -22.60
CA ILE B 133 -10.58 21.97 -21.38
C ILE B 133 -10.27 23.40 -21.81
N ILE B 134 -10.68 24.38 -21.02
CA ILE B 134 -10.35 25.78 -21.29
C ILE B 134 -9.50 26.35 -20.14
N ASP B 135 -8.57 27.24 -20.46
CA ASP B 135 -7.95 28.10 -19.43
C ASP B 135 -8.97 29.07 -18.87
N PHE B 136 -8.91 29.47 -17.64
CA PHE B 136 -9.80 30.44 -17.06
C PHE B 136 -8.83 31.15 -16.15
N ALA B 137 -8.77 32.49 -16.19
CA ALA B 137 -7.77 33.21 -15.44
C ALA B 137 -8.41 34.32 -14.63
N PRO B 138 -8.98 33.95 -13.49
CA PRO B 138 -9.70 34.83 -12.63
C PRO B 138 -8.83 35.69 -11.71
N ASN B 139 -7.51 35.75 -11.88
CA ASN B 139 -6.66 36.55 -11.02
C ASN B 139 -6.62 38.01 -11.43
N HIS B 140 -6.80 38.29 -12.72
CA HIS B 140 -6.54 39.61 -13.27
C HIS B 140 -7.31 39.90 -14.54
N THR B 141 -7.36 41.17 -14.99
CA THR B 141 -7.89 41.51 -16.30
C THR B 141 -6.74 41.69 -17.32
N SER B 142 -6.06 42.87 -17.42
CA SER B 142 -5.04 43.10 -18.42
C SER B 142 -3.98 44.12 -17.96
N PRO B 143 -2.88 44.44 -18.69
CA PRO B 143 -1.84 45.35 -18.26
C PRO B 143 -2.46 46.71 -17.97
N ALA B 144 -2.19 47.40 -16.89
CA ALA B 144 -2.82 48.68 -16.62
C ALA B 144 -1.83 49.52 -15.83
N SER B 145 -2.16 50.80 -15.72
CA SER B 145 -1.35 51.70 -14.97
C SER B 145 -2.39 52.67 -14.45
N SER B 146 -2.60 52.78 -13.14
CA SER B 146 -3.57 53.76 -12.68
C SER B 146 -3.10 55.23 -12.83
N ASP B 147 -1.78 55.48 -12.88
CA ASP B 147 -1.21 56.80 -13.13
C ASP B 147 -1.53 57.31 -14.51
N ASP B 148 -1.44 56.35 -15.40
CA ASP B 148 -1.69 56.57 -16.78
C ASP B 148 -2.92 55.81 -17.26
N PRO B 149 -4.14 56.39 -17.23
CA PRO B 149 -5.33 55.77 -17.83
C PRO B 149 -5.25 55.55 -19.33
N SER B 150 -4.26 56.09 -20.04
CA SER B 150 -4.25 55.88 -21.47
C SER B 150 -3.47 54.62 -21.81
N PHE B 151 -2.80 54.00 -20.83
CA PHE B 151 -2.06 52.79 -21.09
C PHE B 151 -3.03 51.62 -21.29
N ALA B 152 -2.87 50.88 -22.39
CA ALA B 152 -3.64 49.71 -22.81
C ALA B 152 -5.14 49.99 -22.65
N GLU B 153 -6.01 49.16 -22.08
CA GLU B 153 -7.38 49.54 -21.87
C GLU B 153 -7.60 49.83 -20.40
N ASN B 154 -6.57 50.34 -19.71
CA ASN B 154 -6.62 50.60 -18.29
C ASN B 154 -7.20 49.46 -17.45
N GLY B 155 -7.04 48.22 -17.95
CA GLY B 155 -7.43 47.01 -17.25
C GLY B 155 -8.92 46.89 -16.96
N ARG B 156 -9.77 47.60 -17.73
CA ARG B 156 -11.22 47.64 -17.55
C ARG B 156 -11.89 46.30 -17.67
N LEU B 157 -12.91 46.11 -16.84
CA LEU B 157 -13.71 44.90 -16.75
C LEU B 157 -15.14 45.19 -17.19
N TYR B 158 -15.61 44.39 -18.13
CA TYR B 158 -16.95 44.47 -18.65
C TYR B 158 -17.69 43.20 -18.28
N ASP B 159 -18.98 43.35 -18.10
CA ASP B 159 -19.90 42.28 -17.84
C ASP B 159 -20.85 42.26 -19.02
N ASN B 160 -20.58 41.33 -19.92
CA ASN B 160 -21.31 41.16 -21.15
C ASN B 160 -21.68 42.47 -21.84
N GLY B 161 -20.64 43.31 -22.01
CA GLY B 161 -20.78 44.58 -22.74
C GLY B 161 -20.75 45.82 -21.86
N ASN B 162 -21.27 45.65 -20.65
CA ASN B 162 -21.45 46.70 -19.66
C ASN B 162 -20.26 46.92 -18.76
N LEU B 163 -19.76 48.15 -18.72
CA LEU B 163 -18.58 48.44 -17.96
C LEU B 163 -18.84 48.42 -16.47
N LEU B 164 -17.96 47.64 -15.86
CA LEU B 164 -17.94 47.62 -14.42
C LEU B 164 -16.95 48.65 -13.88
N GLY B 165 -15.73 48.77 -14.43
CA GLY B 165 -14.75 49.73 -13.92
C GLY B 165 -13.37 49.46 -14.49
N GLY B 166 -12.46 50.37 -14.24
CA GLY B 166 -11.10 50.34 -14.73
C GLY B 166 -10.20 50.55 -13.53
N TYR B 167 -8.90 50.42 -13.76
CA TYR B 167 -7.95 50.45 -12.67
C TYR B 167 -7.71 51.91 -12.22
N THR B 168 -7.76 52.95 -13.05
CA THR B 168 -7.62 54.35 -12.60
C THR B 168 -8.98 54.75 -12.04
N ASN B 169 -9.13 55.39 -10.86
CA ASN B 169 -10.45 55.81 -10.33
C ASN B 169 -11.44 54.68 -10.06
N ASP B 170 -10.89 53.70 -9.37
CA ASP B 170 -11.59 52.49 -8.99
C ASP B 170 -12.22 52.76 -7.62
N THR B 171 -13.31 53.52 -7.64
CA THR B 171 -14.02 53.87 -6.43
C THR B 171 -14.76 52.69 -5.80
N GLN B 172 -15.17 51.73 -6.64
CA GLN B 172 -15.81 50.49 -6.20
C GLN B 172 -14.85 49.42 -5.67
N ASN B 173 -13.54 49.63 -5.74
CA ASN B 173 -12.50 48.71 -5.29
C ASN B 173 -12.59 47.29 -5.82
N LEU B 174 -12.74 47.24 -7.14
CA LEU B 174 -12.77 46.01 -7.89
C LEU B 174 -11.38 45.44 -7.99
N PHE B 175 -10.37 46.26 -7.71
CA PHE B 175 -8.98 45.90 -7.91
C PHE B 175 -8.14 46.20 -6.68
N HIS B 176 -6.99 45.54 -6.65
CA HIS B 176 -6.03 45.72 -5.58
C HIS B 176 -5.08 46.84 -5.94
N HIS B 177 -4.78 47.70 -4.98
CA HIS B 177 -3.93 48.87 -5.19
C HIS B 177 -2.82 48.89 -4.16
N TYR B 178 -2.00 47.84 -4.19
CA TYR B 178 -0.92 47.70 -3.22
C TYR B 178 0.41 47.74 -3.91
N GLY B 179 0.47 47.80 -5.23
CA GLY B 179 1.77 47.84 -5.86
C GLY B 179 2.08 46.45 -6.43
N GLY B 180 3.28 46.30 -6.93
CA GLY B 180 3.69 45.09 -7.58
C GLY B 180 4.37 44.19 -6.56
N THR B 181 4.21 42.90 -6.82
CA THR B 181 4.83 41.88 -6.00
C THR B 181 6.26 41.73 -6.49
N ASP B 182 7.04 41.33 -5.51
CA ASP B 182 8.44 41.02 -5.70
C ASP B 182 8.60 39.54 -5.42
N PHE B 183 7.49 38.80 -5.29
CA PHE B 183 7.46 37.38 -4.99
C PHE B 183 8.24 37.02 -3.73
N SER B 184 8.20 37.83 -2.67
CA SER B 184 8.96 37.51 -1.46
C SER B 184 8.25 36.46 -0.62
N THR B 185 6.94 36.63 -0.46
CA THR B 185 6.15 35.68 0.28
C THR B 185 4.98 35.32 -0.62
N ILE B 186 4.24 34.28 -0.19
CA ILE B 186 2.98 33.88 -0.81
C ILE B 186 1.96 35.01 -0.60
N GLU B 187 1.78 35.52 0.62
CA GLU B 187 0.91 36.66 0.89
C GLU B 187 1.14 37.84 -0.06
N ASN B 188 2.42 38.21 -0.20
CA ASN B 188 2.84 39.28 -1.06
C ASN B 188 2.51 39.01 -2.52
N GLY B 189 2.71 37.80 -3.00
CA GLY B 189 2.37 37.45 -4.37
C GLY B 189 0.89 37.22 -4.59
N ILE B 190 0.03 37.23 -3.57
CA ILE B 190 -1.42 37.09 -3.75
C ILE B 190 -2.11 38.45 -3.89
N TYR B 191 -1.82 39.34 -2.95
CA TYR B 191 -2.53 40.62 -2.90
C TYR B 191 -1.95 41.75 -3.73
N LYS B 192 -0.71 41.59 -4.20
CA LYS B 192 -0.13 42.58 -5.09
C LYS B 192 -0.18 42.08 -6.51
N ASN B 193 0.08 43.01 -7.43
CA ASN B 193 -0.04 42.72 -8.85
C ASN B 193 1.10 41.87 -9.40
N LEU B 194 0.74 40.91 -10.26
CA LEU B 194 1.68 40.14 -11.02
C LEU B 194 2.11 41.06 -12.16
N TYR B 195 3.36 41.54 -12.24
CA TYR B 195 3.86 42.39 -13.33
C TYR B 195 2.92 43.61 -13.42
N ASP B 196 2.38 43.98 -14.58
CA ASP B 196 1.50 45.13 -14.69
C ASP B 196 0.03 44.74 -14.85
N LEU B 197 -0.35 43.51 -14.49
CA LEU B 197 -1.72 43.07 -14.65
C LEU B 197 -2.55 43.56 -13.48
N ALA B 198 -3.68 44.18 -13.83
CA ALA B 198 -4.61 44.70 -12.85
C ALA B 198 -5.17 43.53 -12.04
N ASP B 199 -4.77 43.48 -10.79
CA ASP B 199 -5.11 42.39 -9.92
C ASP B 199 -6.54 42.45 -9.45
N LEU B 200 -7.45 41.51 -9.79
CA LEU B 200 -8.83 41.64 -9.31
C LEU B 200 -8.94 41.39 -7.82
N ASN B 201 -9.97 42.00 -7.21
CA ASN B 201 -10.22 41.92 -5.78
C ASN B 201 -11.40 41.02 -5.47
N HIS B 202 -11.10 39.74 -5.21
CA HIS B 202 -12.11 38.72 -4.91
C HIS B 202 -12.92 38.93 -3.62
N ASN B 203 -12.43 39.77 -2.69
CA ASN B 203 -13.19 40.16 -1.50
C ASN B 203 -14.31 41.12 -1.89
N ASN B 204 -14.39 41.58 -3.13
CA ASN B 204 -15.44 42.51 -3.50
C ASN B 204 -16.59 41.66 -4.01
N SER B 205 -17.79 41.66 -3.40
CA SER B 205 -18.93 40.88 -3.89
C SER B 205 -19.27 40.94 -5.37
N SER B 206 -19.11 42.07 -6.01
CA SER B 206 -19.38 42.19 -7.44
C SER B 206 -18.41 41.32 -8.23
N VAL B 207 -17.12 41.32 -7.88
CA VAL B 207 -16.13 40.53 -8.57
C VAL B 207 -16.39 39.06 -8.26
N ASP B 208 -16.55 38.71 -6.97
CA ASP B 208 -16.81 37.34 -6.57
C ASP B 208 -18.01 36.76 -7.32
N VAL B 209 -19.19 37.39 -7.36
CA VAL B 209 -20.37 36.84 -8.01
C VAL B 209 -20.24 36.86 -9.52
N TYR B 210 -19.62 37.87 -10.12
CA TYR B 210 -19.39 37.91 -11.56
C TYR B 210 -18.50 36.74 -12.00
N LEU B 211 -17.41 36.44 -11.30
CA LEU B 211 -16.53 35.36 -11.72
C LEU B 211 -17.19 34.00 -11.63
N LYS B 212 -17.96 33.78 -10.56
CA LYS B 212 -18.70 32.54 -10.41
C LYS B 212 -19.85 32.45 -11.41
N ASP B 213 -20.60 33.51 -11.74
CA ASP B 213 -21.58 33.47 -12.80
C ASP B 213 -20.88 33.16 -14.12
N ALA B 214 -19.73 33.81 -14.36
CA ALA B 214 -18.98 33.62 -15.60
C ALA B 214 -18.61 32.15 -15.77
N ILE B 215 -18.03 31.52 -14.73
CA ILE B 215 -17.62 30.12 -14.90
C ILE B 215 -18.87 29.28 -15.14
N LYS B 216 -19.99 29.47 -14.43
CA LYS B 216 -21.17 28.65 -14.69
C LYS B 216 -21.60 28.75 -16.13
N MET B 217 -21.54 29.94 -16.72
CA MET B 217 -21.84 30.13 -18.14
C MET B 217 -21.02 29.23 -19.05
N TRP B 218 -19.69 29.21 -18.90
CA TRP B 218 -18.86 28.31 -19.68
C TRP B 218 -19.18 26.81 -19.45
N LEU B 219 -19.58 26.41 -18.23
CA LEU B 219 -19.97 25.04 -17.96
C LEU B 219 -21.25 24.76 -18.72
N ASP B 220 -22.17 25.69 -18.83
CA ASP B 220 -23.38 25.51 -19.60
C ASP B 220 -23.12 25.41 -21.07
N LEU B 221 -22.01 25.90 -21.58
CA LEU B 221 -21.74 25.70 -22.99
C LEU B 221 -21.15 24.32 -23.26
N GLY B 222 -20.93 23.52 -22.19
CA GLY B 222 -20.49 22.15 -22.36
C GLY B 222 -19.02 21.88 -22.21
N VAL B 223 -18.23 22.72 -21.52
CA VAL B 223 -16.80 22.44 -21.42
C VAL B 223 -16.58 21.26 -20.48
N ASP B 224 -15.61 20.43 -20.78
CA ASP B 224 -15.37 19.24 -19.97
C ASP B 224 -14.36 19.48 -18.86
N GLY B 225 -13.58 20.58 -18.88
CA GLY B 225 -12.59 20.80 -17.84
C GLY B 225 -12.10 22.24 -17.79
N ILE B 226 -11.35 22.67 -16.77
CA ILE B 226 -10.88 24.05 -16.55
C ILE B 226 -9.41 24.01 -16.14
N ARG B 227 -8.49 24.72 -16.79
CA ARG B 227 -7.12 24.84 -16.29
C ARG B 227 -7.08 26.27 -15.75
N VAL B 228 -6.93 26.38 -14.44
CA VAL B 228 -6.90 27.65 -13.73
C VAL B 228 -5.46 28.18 -13.64
N ASP B 229 -5.36 29.41 -14.11
CA ASP B 229 -4.09 30.12 -14.17
C ASP B 229 -3.80 30.78 -12.83
N ALA B 230 -2.52 30.80 -12.50
CA ALA B 230 -1.91 31.47 -11.36
C ALA B 230 -2.55 31.22 -10.00
N VAL B 231 -2.70 29.94 -9.66
CA VAL B 231 -3.39 29.58 -8.43
C VAL B 231 -2.62 29.94 -7.17
N LYS B 232 -1.33 30.07 -7.33
CA LYS B 232 -0.48 30.52 -6.24
C LYS B 232 -0.72 31.99 -5.90
N HIS B 233 -1.53 32.72 -6.71
CA HIS B 233 -1.62 34.17 -6.57
C HIS B 233 -3.00 34.71 -6.30
N MET B 234 -3.88 33.83 -5.87
CA MET B 234 -5.24 34.18 -5.47
C MET B 234 -5.43 33.55 -4.10
N PRO B 235 -6.19 34.12 -3.16
CA PRO B 235 -6.30 33.53 -1.84
C PRO B 235 -6.82 32.11 -1.98
N PHE B 236 -6.32 31.20 -1.14
CA PHE B 236 -6.73 29.81 -1.17
C PHE B 236 -8.17 29.66 -0.65
N GLY B 237 -8.64 30.38 0.36
CA GLY B 237 -10.04 30.38 0.75
C GLY B 237 -10.95 30.81 -0.40
N TRP B 238 -10.64 31.87 -1.18
CA TRP B 238 -11.51 32.22 -2.31
C TRP B 238 -11.46 31.12 -3.33
N GLN B 239 -10.32 30.53 -3.62
CA GLN B 239 -10.30 29.45 -4.61
C GLN B 239 -11.10 28.23 -4.20
N LYS B 240 -11.14 27.89 -2.92
CA LYS B 240 -11.91 26.76 -2.47
C LYS B 240 -13.39 27.10 -2.63
N SER B 241 -13.82 28.35 -2.37
CA SER B 241 -15.25 28.66 -2.61
C SER B 241 -15.56 28.69 -4.10
N PHE B 242 -14.57 29.00 -4.94
CA PHE B 242 -14.75 28.89 -6.38
C PHE B 242 -14.93 27.40 -6.77
N MET B 243 -14.06 26.47 -6.29
CA MET B 243 -14.22 25.04 -6.61
C MET B 243 -15.53 24.50 -6.05
N ALA B 244 -15.94 24.85 -4.83
CA ALA B 244 -17.24 24.47 -4.31
C ALA B 244 -18.36 24.92 -5.23
N THR B 245 -18.29 26.11 -5.85
CA THR B 245 -19.27 26.55 -6.82
C THR B 245 -19.24 25.70 -8.08
N ILE B 246 -18.09 25.30 -8.59
CA ILE B 246 -18.10 24.46 -9.76
C ILE B 246 -18.69 23.12 -9.39
N ASN B 247 -18.18 22.47 -8.35
CA ASN B 247 -18.59 21.12 -7.97
C ASN B 247 -20.02 20.95 -7.50
N ASN B 248 -20.59 22.00 -6.91
CA ASN B 248 -21.96 21.95 -6.45
C ASN B 248 -22.98 22.27 -7.51
N TYR B 249 -22.48 22.67 -8.67
CA TYR B 249 -23.33 23.00 -9.81
C TYR B 249 -23.19 21.96 -10.95
N LYS B 250 -22.05 21.92 -11.66
CA LYS B 250 -21.81 20.98 -12.74
C LYS B 250 -20.34 20.58 -12.68
N PRO B 251 -19.93 19.66 -11.81
CA PRO B 251 -18.53 19.30 -11.60
C PRO B 251 -17.80 18.87 -12.87
N VAL B 252 -16.59 19.41 -13.10
CA VAL B 252 -15.80 19.01 -14.25
C VAL B 252 -14.40 18.99 -13.66
N PHE B 253 -13.50 18.26 -14.30
CA PHE B 253 -12.10 18.17 -13.89
C PHE B 253 -11.40 19.53 -13.97
N THR B 254 -10.88 19.99 -12.86
CA THR B 254 -10.26 21.30 -12.78
C THR B 254 -8.88 21.11 -12.16
N PHE B 255 -7.87 21.76 -12.79
CA PHE B 255 -6.52 21.74 -12.32
C PHE B 255 -5.85 23.09 -12.53
N GLY B 256 -4.93 23.42 -11.63
CA GLY B 256 -4.26 24.70 -11.61
C GLY B 256 -2.76 24.63 -11.91
N GLU B 257 -2.18 25.82 -12.08
CA GLU B 257 -0.77 25.92 -12.34
C GLU B 257 -0.03 26.60 -11.19
N TRP B 258 0.99 25.97 -10.65
CA TRP B 258 1.79 26.49 -9.54
C TRP B 258 3.15 26.01 -9.98
N PHE B 259 3.96 26.99 -10.40
CA PHE B 259 5.27 26.67 -10.96
C PHE B 259 6.17 26.13 -9.87
N LEU B 260 6.94 25.15 -10.27
CA LEU B 260 7.92 24.57 -9.38
C LEU B 260 9.17 24.51 -10.22
N GLY B 261 10.29 24.86 -9.58
CA GLY B 261 11.57 24.87 -10.24
C GLY B 261 12.23 23.53 -10.10
N VAL B 262 13.44 23.48 -10.61
CA VAL B 262 14.22 22.26 -10.61
C VAL B 262 14.58 21.99 -9.16
N ASN B 263 14.32 20.76 -8.76
CA ASN B 263 14.57 20.28 -7.39
C ASN B 263 13.76 21.00 -6.31
N GLU B 264 12.76 21.77 -6.69
CA GLU B 264 11.97 22.46 -5.70
C GLU B 264 10.90 21.49 -5.21
N ILE B 265 10.73 21.37 -3.92
CA ILE B 265 9.61 20.60 -3.38
C ILE B 265 8.99 21.60 -2.42
N SER B 266 7.70 21.80 -2.60
CA SER B 266 7.00 22.79 -1.85
C SER B 266 5.89 22.09 -1.07
N PRO B 267 5.84 22.30 0.24
CA PRO B 267 4.74 21.87 1.09
C PRO B 267 3.42 22.55 0.75
N GLU B 268 3.43 23.85 0.42
CA GLU B 268 2.21 24.60 0.14
C GLU B 268 1.55 24.12 -1.11
N TYR B 269 2.38 23.81 -2.12
CA TYR B 269 1.99 23.18 -3.36
C TYR B 269 1.22 21.89 -3.13
N HIS B 270 1.81 21.00 -2.32
CA HIS B 270 1.17 19.72 -2.02
C HIS B 270 -0.07 19.97 -1.20
N GLN B 271 -0.10 20.86 -0.21
CA GLN B 271 -1.32 21.17 0.50
C GLN B 271 -2.41 21.62 -0.45
N PHE B 272 -2.11 22.49 -1.41
CA PHE B 272 -3.08 23.01 -2.35
C PHE B 272 -3.66 21.86 -3.17
N ALA B 273 -2.87 20.98 -3.78
CA ALA B 273 -3.40 19.87 -4.56
C ALA B 273 -4.28 19.01 -3.68
N ASN B 274 -3.94 18.90 -2.40
CA ASN B 274 -4.68 18.02 -1.51
C ASN B 274 -5.90 18.61 -0.88
N GLU B 275 -5.99 19.93 -0.78
CA GLU B 275 -7.13 20.53 -0.08
C GLU B 275 -7.97 21.57 -0.82
N SER B 276 -7.66 22.05 -2.03
CA SER B 276 -8.46 23.14 -2.61
C SER B 276 -9.70 22.70 -3.39
N GLY B 277 -9.71 21.45 -3.84
CA GLY B 277 -10.77 20.98 -4.65
C GLY B 277 -10.28 20.79 -6.07
N MET B 278 -9.07 21.26 -6.38
CA MET B 278 -8.52 21.06 -7.71
C MET B 278 -7.21 20.35 -7.60
N SER B 279 -6.75 19.82 -8.71
CA SER B 279 -5.48 19.16 -8.71
C SER B 279 -4.51 20.11 -9.40
N LEU B 280 -3.26 19.66 -9.68
CA LEU B 280 -2.23 20.51 -10.24
C LEU B 280 -1.50 19.89 -11.40
N LEU B 281 -0.96 20.84 -12.17
CA LEU B 281 -0.04 20.53 -13.22
C LEU B 281 1.14 20.06 -12.40
N ASP B 282 1.52 18.85 -12.69
CA ASP B 282 2.56 18.16 -11.95
C ASP B 282 3.97 18.59 -12.35
N PHE B 283 4.40 19.72 -11.78
CA PHE B 283 5.73 20.29 -12.08
C PHE B 283 6.82 19.46 -11.47
N ARG B 284 6.54 18.78 -10.36
CA ARG B 284 7.48 17.88 -9.74
C ARG B 284 7.88 16.75 -10.69
N PHE B 285 6.92 16.15 -11.38
CA PHE B 285 7.18 15.12 -12.35
C PHE B 285 7.96 15.68 -13.52
N ALA B 286 7.48 16.78 -14.12
CA ALA B 286 8.10 17.35 -15.32
C ALA B 286 9.54 17.78 -15.15
N GLN B 287 9.84 18.41 -14.02
CA GLN B 287 11.18 18.86 -13.77
C GLN B 287 12.12 17.70 -13.65
N LYS B 288 11.74 16.66 -12.88
CA LYS B 288 12.59 15.48 -12.74
C LYS B 288 12.76 14.71 -14.05
N ALA B 289 11.66 14.54 -14.82
CA ALA B 289 11.73 13.89 -16.12
C ALA B 289 12.67 14.66 -17.05
N ARG B 290 12.69 16.01 -17.05
CA ARG B 290 13.58 16.79 -17.92
C ARG B 290 15.03 16.64 -17.45
N GLN B 291 15.32 16.60 -16.15
CA GLN B 291 16.64 16.31 -15.58
C GLN B 291 17.19 14.98 -16.04
N VAL B 292 16.34 13.98 -16.06
CA VAL B 292 16.76 12.65 -16.47
C VAL B 292 16.82 12.43 -17.99
N PHE B 293 15.74 12.66 -18.70
CA PHE B 293 15.63 12.42 -20.14
C PHE B 293 16.15 13.48 -21.08
N ARG B 294 16.34 14.69 -20.57
CA ARG B 294 16.80 15.77 -21.43
C ARG B 294 18.16 16.27 -20.99
N ASP B 295 18.24 16.84 -19.80
CA ASP B 295 19.43 17.54 -19.39
C ASP B 295 20.57 16.76 -18.75
N ASN B 296 20.32 15.52 -18.30
CA ASN B 296 21.30 14.60 -17.72
C ASN B 296 21.89 15.17 -16.44
N THR B 297 21.03 15.76 -15.67
CA THR B 297 21.49 16.39 -14.45
C THR B 297 21.02 15.52 -13.31
N ASP B 298 20.51 14.34 -13.60
CA ASP B 298 20.12 13.38 -12.58
C ASP B 298 19.95 12.08 -13.34
N ASN B 299 19.89 10.97 -12.59
CA ASN B 299 19.73 9.70 -13.24
C ASN B 299 18.52 8.89 -12.73
N MET B 300 18.38 7.60 -13.09
CA MET B 300 17.15 6.89 -12.82
C MET B 300 16.84 6.69 -11.37
N TYR B 301 17.84 6.77 -10.48
CA TYR B 301 17.54 6.65 -9.04
C TYR B 301 16.80 7.92 -8.62
N GLY B 302 16.98 9.05 -9.34
CA GLY B 302 16.26 10.31 -9.08
C GLY B 302 14.83 10.18 -9.62
N LEU B 303 14.67 9.60 -10.81
CA LEU B 303 13.33 9.41 -11.31
C LEU B 303 12.53 8.51 -10.39
N LYS B 304 13.08 7.40 -9.91
CA LYS B 304 12.42 6.50 -8.95
C LYS B 304 11.99 7.22 -7.70
N ALA B 305 12.86 8.05 -7.13
CA ALA B 305 12.50 8.67 -5.89
C ALA B 305 11.37 9.67 -6.06
N MET B 306 11.34 10.27 -7.26
CA MET B 306 10.26 11.20 -7.60
C MET B 306 8.97 10.43 -7.73
N LEU B 307 8.95 9.34 -8.50
CA LEU B 307 7.75 8.53 -8.62
C LEU B 307 7.24 7.99 -7.28
N GLU B 308 8.15 7.44 -6.46
CA GLU B 308 7.76 6.91 -5.16
C GLU B 308 7.32 7.99 -4.15
N GLY B 309 8.06 9.08 -4.04
CA GLY B 309 7.70 10.20 -3.17
C GLY B 309 6.42 10.91 -3.62
N SER B 310 6.11 11.08 -4.92
CA SER B 310 4.84 11.68 -5.32
C SER B 310 3.67 10.78 -5.13
N GLU B 311 3.87 9.46 -5.10
CA GLU B 311 2.74 8.60 -4.82
C GLU B 311 2.26 8.86 -3.41
N VAL B 312 3.15 9.13 -2.43
CA VAL B 312 2.73 9.41 -1.05
C VAL B 312 2.26 10.86 -0.84
N ASP B 313 3.05 11.82 -1.32
CA ASP B 313 2.77 13.24 -1.16
C ASP B 313 1.47 13.78 -1.79
N TYR B 314 1.07 13.31 -2.97
CA TYR B 314 -0.20 13.71 -3.56
C TYR B 314 -1.25 12.77 -3.01
N ALA B 315 -2.24 13.23 -2.25
CA ALA B 315 -3.31 12.37 -1.77
C ALA B 315 -4.06 11.70 -2.94
N GLN B 316 -4.18 12.35 -4.12
CA GLN B 316 -4.80 11.72 -5.28
C GLN B 316 -3.90 11.88 -6.48
N VAL B 317 -2.87 11.03 -6.57
CA VAL B 317 -1.88 11.12 -7.63
C VAL B 317 -2.47 10.84 -9.00
N ASN B 318 -3.65 10.22 -9.15
CA ASN B 318 -4.17 9.96 -10.48
C ASN B 318 -4.79 11.15 -11.19
N ASP B 319 -5.01 12.25 -10.47
CA ASP B 319 -5.58 13.45 -11.05
C ASP B 319 -4.54 14.50 -11.41
N GLN B 320 -3.26 14.24 -11.14
CA GLN B 320 -2.26 15.23 -11.48
C GLN B 320 -1.93 15.10 -12.95
N VAL B 321 -1.76 16.29 -13.55
CA VAL B 321 -1.55 16.37 -14.99
C VAL B 321 -0.07 16.39 -15.25
N THR B 322 0.47 15.42 -15.96
CA THR B 322 1.89 15.28 -16.12
C THR B 322 2.22 15.82 -17.49
N PHE B 323 3.47 16.17 -17.77
CA PHE B 323 3.93 16.75 -19.02
C PHE B 323 5.46 16.80 -18.96
N ILE B 324 6.12 17.01 -20.11
CA ILE B 324 7.56 17.20 -20.18
C ILE B 324 7.92 18.60 -20.62
N ASP B 325 6.99 19.40 -21.12
CA ASP B 325 7.21 20.80 -21.40
C ASP B 325 5.82 21.37 -21.61
N ASN B 326 5.80 22.70 -21.65
CA ASN B 326 4.57 23.42 -21.82
C ASN B 326 4.94 24.88 -22.12
N HIS B 327 3.94 25.72 -22.21
CA HIS B 327 4.03 27.17 -22.41
C HIS B 327 4.93 28.00 -21.49
N ASP B 328 5.25 27.50 -20.31
CA ASP B 328 6.16 28.17 -19.42
C ASP B 328 7.51 27.50 -19.38
N MET B 329 7.91 26.68 -20.36
CA MET B 329 9.23 26.04 -20.38
C MET B 329 9.84 26.04 -21.76
N GLU B 330 11.16 25.96 -21.81
CA GLU B 330 11.84 25.76 -23.07
C GLU B 330 11.34 24.43 -23.62
N ARG B 331 11.16 24.38 -24.91
CA ARG B 331 10.74 23.16 -25.60
C ARG B 331 11.69 22.04 -25.25
N PHE B 332 11.19 20.83 -25.10
CA PHE B 332 12.05 19.73 -24.70
C PHE B 332 13.09 19.44 -25.79
N HIS B 333 12.70 19.28 -27.05
CA HIS B 333 13.66 19.00 -28.10
C HIS B 333 14.51 20.25 -28.35
N THR B 334 15.83 20.11 -28.36
CA THR B 334 16.68 21.24 -28.71
C THR B 334 17.05 21.15 -30.16
N SER B 335 17.38 22.30 -30.75
CA SER B 335 17.86 22.40 -32.11
C SER B 335 19.08 21.50 -32.27
N ASN B 336 18.91 20.58 -33.23
CA ASN B 336 19.80 19.45 -33.56
C ASN B 336 20.40 18.69 -32.37
N GLY B 337 19.46 18.44 -31.46
CA GLY B 337 19.62 17.56 -30.32
C GLY B 337 19.02 16.21 -30.68
N ASP B 338 19.19 15.22 -29.82
CA ASP B 338 18.79 13.83 -30.10
C ASP B 338 17.28 13.60 -30.05
N ARG B 339 16.62 13.27 -31.15
CA ARG B 339 15.17 13.14 -31.15
C ARG B 339 14.64 12.03 -30.27
N ARG B 340 15.46 11.00 -30.06
CA ARG B 340 15.03 9.86 -29.27
C ARG B 340 14.78 10.27 -27.85
N LYS B 341 15.40 11.34 -27.35
CA LYS B 341 15.18 11.71 -25.96
C LYS B 341 13.74 12.14 -25.78
N LEU B 342 13.23 12.81 -26.82
CA LEU B 342 11.87 13.31 -26.82
C LEU B 342 10.88 12.15 -26.95
N GLU B 343 11.19 11.23 -27.85
CA GLU B 343 10.36 10.07 -28.11
C GLU B 343 10.25 9.22 -26.86
N GLN B 344 11.37 8.93 -26.23
CA GLN B 344 11.44 8.19 -24.99
C GLN B 344 10.72 8.93 -23.85
N ALA B 345 10.91 10.24 -23.64
CA ALA B 345 10.19 10.97 -22.61
C ALA B 345 8.69 11.02 -22.87
N LEU B 346 8.22 11.05 -24.14
CA LEU B 346 6.78 10.99 -24.45
C LEU B 346 6.27 9.62 -24.00
N ALA B 347 6.93 8.53 -24.40
CA ALA B 347 6.62 7.17 -23.94
C ALA B 347 6.49 7.07 -22.41
N PHE B 348 7.49 7.59 -21.68
CA PHE B 348 7.49 7.63 -20.24
C PHE B 348 6.25 8.31 -19.70
N THR B 349 5.89 9.49 -20.26
CA THR B 349 4.76 10.26 -19.76
C THR B 349 3.44 9.56 -20.08
N LEU B 350 3.33 9.03 -21.30
CA LEU B 350 2.11 8.31 -21.68
C LEU B 350 1.80 7.08 -20.87
N THR B 351 2.80 6.43 -20.29
CA THR B 351 2.55 5.20 -19.53
C THR B 351 2.69 5.47 -18.04
N SER B 352 2.75 6.72 -17.54
CA SER B 352 2.91 6.95 -16.12
C SER B 352 1.62 7.32 -15.47
N ARG B 353 1.56 7.50 -14.15
CA ARG B 353 0.33 7.81 -13.45
C ARG B 353 -0.13 9.27 -13.65
N GLY B 354 -1.40 9.61 -13.43
CA GLY B 354 -1.84 10.97 -13.61
C GLY B 354 -2.58 11.08 -14.93
N VAL B 355 -2.58 12.27 -15.53
CA VAL B 355 -3.35 12.60 -16.73
C VAL B 355 -2.30 13.17 -17.70
N PRO B 356 -1.81 12.54 -18.75
CA PRO B 356 -0.73 13.08 -19.56
C PRO B 356 -1.18 14.23 -20.47
N ALA B 357 -0.40 15.33 -20.54
CA ALA B 357 -0.60 16.44 -21.45
C ALA B 357 0.60 16.57 -22.41
N ILE B 358 0.38 16.66 -23.72
CA ILE B 358 1.42 16.88 -24.70
C ILE B 358 1.27 18.31 -25.22
N TYR B 359 2.34 19.11 -25.19
CA TYR B 359 2.29 20.47 -25.69
C TYR B 359 2.23 20.37 -27.23
N TYR B 360 1.41 21.16 -27.93
CA TYR B 360 1.23 21.03 -29.37
C TYR B 360 2.55 21.14 -30.10
N GLY B 361 2.68 20.41 -31.21
CA GLY B 361 3.89 20.48 -31.97
C GLY B 361 4.99 19.64 -31.38
N SER B 362 4.89 18.98 -30.21
CA SER B 362 5.93 18.07 -29.72
C SER B 362 6.16 16.96 -30.76
N GLU B 363 5.07 16.41 -31.29
CA GLU B 363 5.14 15.39 -32.34
C GLU B 363 5.77 15.92 -33.62
N GLN B 364 5.99 17.23 -33.79
CA GLN B 364 6.68 17.75 -34.98
C GLN B 364 8.12 18.21 -34.69
N TYR B 365 8.57 17.89 -33.47
CA TYR B 365 9.88 18.19 -32.91
C TYR B 365 10.16 19.68 -32.87
N MET B 366 9.19 20.48 -32.41
CA MET B 366 9.40 21.92 -32.32
C MET B 366 10.49 22.28 -31.30
N SER B 367 11.45 23.08 -31.69
CA SER B 367 12.56 23.48 -30.85
C SER B 367 12.18 24.86 -30.28
N GLY B 368 12.70 25.43 -29.19
CA GLY B 368 12.34 26.79 -28.79
C GLY B 368 12.72 27.11 -27.36
N GLY B 369 13.14 28.36 -27.16
CA GLY B 369 13.49 28.83 -25.84
C GLY B 369 12.22 29.28 -25.13
N ASN B 370 12.39 30.07 -24.09
CA ASN B 370 11.27 30.54 -23.31
C ASN B 370 10.37 31.54 -24.04
N ASP B 371 9.22 31.83 -23.44
CA ASP B 371 8.23 32.78 -23.88
C ASP B 371 8.80 33.99 -24.62
N PRO B 372 8.40 34.35 -25.84
CA PRO B 372 7.43 33.68 -26.69
C PRO B 372 7.99 32.56 -27.55
N ASP B 373 9.29 32.27 -27.50
CA ASP B 373 9.92 31.31 -28.40
C ASP B 373 9.42 29.88 -28.37
N ASN B 374 8.80 29.48 -27.27
CA ASN B 374 8.23 28.15 -27.18
C ASN B 374 6.82 28.12 -27.78
N ARG B 375 6.33 29.22 -28.34
CA ARG B 375 4.97 29.26 -28.86
C ARG B 375 5.00 29.53 -30.36
N ALA B 376 5.88 28.91 -31.16
CA ALA B 376 5.86 29.17 -32.60
C ALA B 376 4.62 28.52 -33.20
N ARG B 377 4.17 28.96 -34.36
CA ARG B 377 3.04 28.32 -35.04
C ARG B 377 3.48 26.88 -35.31
N LEU B 378 2.68 25.82 -35.25
CA LEU B 378 3.33 24.56 -35.53
C LEU B 378 3.54 24.39 -37.03
N PRO B 379 4.70 23.84 -37.43
CA PRO B 379 5.22 23.92 -38.77
C PRO B 379 4.77 22.87 -39.77
N SER B 380 4.12 21.79 -39.30
CA SER B 380 3.80 20.68 -40.17
C SER B 380 2.66 19.94 -39.51
N PHE B 381 1.85 19.27 -40.34
CA PHE B 381 0.79 18.42 -39.84
C PHE B 381 1.07 17.04 -40.41
N SER B 382 2.33 16.65 -40.46
CA SER B 382 2.73 15.34 -40.94
C SER B 382 2.30 14.30 -39.92
N THR B 383 1.74 13.18 -40.37
CA THR B 383 1.34 12.14 -39.46
C THR B 383 2.37 11.00 -39.44
N THR B 384 3.52 11.13 -40.07
CA THR B 384 4.47 10.04 -40.07
C THR B 384 5.77 10.23 -39.29
N THR B 385 5.85 11.20 -38.37
CA THR B 385 7.02 11.38 -37.54
C THR B 385 6.99 10.20 -36.57
N THR B 386 8.10 9.65 -36.04
CA THR B 386 7.93 8.49 -35.18
C THR B 386 7.34 8.99 -33.88
N ALA B 387 7.61 10.24 -33.45
CA ALA B 387 6.91 10.79 -32.28
C ALA B 387 5.38 10.74 -32.45
N TYR B 388 4.79 10.98 -33.63
CA TYR B 388 3.33 10.91 -33.81
C TYR B 388 2.83 9.47 -33.56
N GLN B 389 3.64 8.53 -34.02
CA GLN B 389 3.36 7.10 -33.93
C GLN B 389 3.44 6.61 -32.51
N VAL B 390 4.38 7.14 -31.73
CA VAL B 390 4.53 6.75 -30.35
C VAL B 390 3.31 7.14 -29.60
N ILE B 391 2.85 8.38 -29.79
CA ILE B 391 1.65 8.85 -29.14
C ILE B 391 0.47 7.96 -29.62
N GLN B 392 0.41 7.71 -30.94
CA GLN B 392 -0.68 6.93 -31.49
C GLN B 392 -0.69 5.51 -30.98
N LYS B 393 0.45 4.90 -30.69
CA LYS B 393 0.46 3.53 -30.19
C LYS B 393 0.07 3.49 -28.72
N LEU B 394 0.57 4.47 -27.94
CA LEU B 394 0.43 4.43 -26.49
C LEU B 394 -0.77 5.10 -25.88
N ALA B 395 -1.24 6.16 -26.50
CA ALA B 395 -2.39 6.92 -26.02
C ALA B 395 -3.61 6.04 -25.86
N PRO B 396 -4.07 5.15 -26.76
CA PRO B 396 -5.28 4.35 -26.53
C PRO B 396 -5.13 3.39 -25.33
N LEU B 397 -3.89 3.09 -24.90
CA LEU B 397 -3.68 2.16 -23.80
C LEU B 397 -4.19 2.79 -22.54
N ARG B 398 -4.36 4.10 -22.47
CA ARG B 398 -4.96 4.61 -21.27
C ARG B 398 -6.46 4.33 -21.22
N LYS B 399 -7.05 4.01 -22.37
CA LYS B 399 -8.47 3.64 -22.43
C LYS B 399 -8.72 2.13 -22.34
N SER B 400 -7.78 1.33 -22.88
CA SER B 400 -7.88 -0.11 -22.93
C SER B 400 -7.26 -0.84 -21.75
N ASN B 401 -6.18 -0.32 -21.13
CA ASN B 401 -5.52 -0.98 -20.03
C ASN B 401 -5.68 -0.19 -18.75
N PRO B 402 -6.56 -0.56 -17.82
CA PRO B 402 -6.73 0.14 -16.54
C PRO B 402 -5.49 0.23 -15.70
N ALA B 403 -4.47 -0.63 -15.90
CA ALA B 403 -3.25 -0.52 -15.11
C ALA B 403 -2.55 0.79 -15.44
N ILE B 404 -2.54 1.16 -16.72
CA ILE B 404 -1.95 2.40 -17.19
C ILE B 404 -2.77 3.60 -16.76
N ALA B 405 -4.09 3.50 -16.89
CA ALA B 405 -4.92 4.59 -16.47
C ALA B 405 -4.94 4.80 -14.97
N TYR B 406 -4.93 3.76 -14.12
CA TYR B 406 -5.14 3.91 -12.69
C TYR B 406 -4.14 3.23 -11.78
N GLY B 407 -3.26 2.39 -12.30
CA GLY B 407 -2.38 1.58 -11.50
C GLY B 407 -1.34 2.19 -10.58
N SER B 408 -0.94 1.40 -9.60
CA SER B 408 0.13 1.75 -8.68
C SER B 408 1.39 1.80 -9.55
N THR B 409 2.50 2.45 -9.17
CA THR B 409 3.71 2.36 -9.99
C THR B 409 4.74 1.61 -9.14
N HIS B 410 5.43 0.63 -9.73
CA HIS B 410 6.34 -0.26 -9.05
C HIS B 410 7.65 -0.47 -9.81
N GLU B 411 8.77 0.04 -9.32
CA GLU B 411 10.07 -0.22 -9.90
C GLU B 411 10.49 -1.69 -9.74
N ARG B 412 10.77 -2.39 -10.82
CA ARG B 412 11.19 -3.79 -10.77
C ARG B 412 12.65 -3.94 -11.14
N TRP B 413 13.32 -3.08 -11.91
CA TRP B 413 14.75 -3.26 -12.16
C TRP B 413 15.30 -1.85 -12.36
N ILE B 414 16.51 -1.53 -11.91
CA ILE B 414 17.04 -0.18 -12.02
C ILE B 414 18.55 -0.24 -11.92
N ASN B 415 19.11 0.74 -12.60
CA ASN B 415 20.52 1.10 -12.51
C ASN B 415 20.59 2.54 -13.02
N ASN B 416 21.73 3.19 -13.18
CA ASN B 416 21.81 4.60 -13.54
C ASN B 416 21.09 5.09 -14.76
N ASP B 417 21.05 4.22 -15.77
CA ASP B 417 20.54 4.56 -17.07
C ASP B 417 19.32 3.76 -17.49
N VAL B 418 18.89 2.77 -16.71
CA VAL B 418 17.80 1.91 -17.09
C VAL B 418 16.81 1.86 -15.94
N ILE B 419 15.51 1.96 -16.23
CA ILE B 419 14.48 1.76 -15.21
C ILE B 419 13.41 0.90 -15.91
N ILE B 420 12.89 -0.07 -15.16
CA ILE B 420 11.82 -0.88 -15.68
C ILE B 420 10.74 -0.83 -14.61
N TYR B 421 9.56 -0.26 -14.94
CA TYR B 421 8.53 -0.08 -13.92
C TYR B 421 7.27 -0.78 -14.32
N GLU B 422 6.46 -1.00 -13.34
CA GLU B 422 5.24 -1.75 -13.52
C GLU B 422 4.02 -1.01 -13.01
N ARG B 423 2.95 -0.98 -13.81
CA ARG B 423 1.71 -0.36 -13.42
C ARG B 423 0.80 -1.55 -13.22
N LYS B 424 0.02 -1.55 -12.17
CA LYS B 424 -0.84 -2.68 -11.85
C LYS B 424 -2.11 -2.16 -11.25
N PHE B 425 -3.21 -2.75 -11.70
CA PHE B 425 -4.54 -2.40 -11.26
C PHE B 425 -5.22 -3.74 -11.38
N GLY B 426 -5.52 -4.36 -10.25
CA GLY B 426 -6.10 -5.69 -10.23
C GLY B 426 -5.10 -6.62 -10.86
N ASN B 427 -5.53 -7.28 -11.91
CA ASN B 427 -4.65 -8.21 -12.59
C ASN B 427 -4.22 -7.72 -13.93
N ASN B 428 -4.51 -6.45 -14.22
CA ASN B 428 -4.07 -5.83 -15.46
C ASN B 428 -2.70 -5.34 -15.09
N VAL B 429 -1.74 -5.49 -15.99
CA VAL B 429 -0.33 -5.21 -15.78
C VAL B 429 0.18 -4.43 -16.99
N ALA B 430 1.10 -3.49 -16.88
CA ALA B 430 1.81 -2.89 -18.00
C ALA B 430 3.24 -2.80 -17.45
N VAL B 431 4.28 -3.06 -18.27
CA VAL B 431 5.67 -3.01 -17.83
C VAL B 431 6.36 -2.18 -18.90
N VAL B 432 7.20 -1.21 -18.54
CA VAL B 432 7.84 -0.33 -19.49
C VAL B 432 9.31 -0.41 -19.13
N ALA B 433 10.18 -0.59 -20.11
CA ALA B 433 11.61 -0.66 -19.90
C ALA B 433 12.20 0.49 -20.72
N ILE B 434 13.06 1.29 -20.09
CA ILE B 434 13.65 2.43 -20.77
C ILE B 434 15.16 2.44 -20.50
N ASN B 435 15.95 2.52 -21.57
CA ASN B 435 17.37 2.71 -21.51
C ASN B 435 17.61 4.10 -22.10
N ARG B 436 18.00 5.04 -21.25
CA ARG B 436 18.28 6.41 -21.70
C ARG B 436 19.66 6.53 -22.34
N ASN B 437 20.55 5.55 -22.15
CA ASN B 437 21.87 5.67 -22.73
C ASN B 437 21.68 5.30 -24.20
N MET B 438 21.97 6.29 -25.05
CA MET B 438 21.87 6.14 -26.50
C MET B 438 23.07 5.46 -27.15
N ASN B 439 24.07 4.99 -26.38
CA ASN B 439 25.27 4.41 -26.96
C ASN B 439 25.64 3.09 -26.33
N THR B 440 25.12 2.76 -25.15
CA THR B 440 25.40 1.51 -24.47
C THR B 440 24.16 0.59 -24.38
N PRO B 441 24.19 -0.64 -24.94
CA PRO B 441 23.18 -1.66 -24.67
C PRO B 441 23.23 -2.15 -23.23
N ALA B 442 22.11 -2.63 -22.70
CA ALA B 442 22.04 -3.08 -21.32
C ALA B 442 21.42 -4.46 -21.16
N SER B 443 22.14 -5.39 -20.54
CA SER B 443 21.70 -6.76 -20.28
C SER B 443 20.79 -6.87 -19.06
N ILE B 444 19.54 -7.18 -19.22
CA ILE B 444 18.69 -7.28 -18.07
C ILE B 444 18.61 -8.74 -17.67
N THR B 445 19.04 -9.00 -16.43
CA THR B 445 18.96 -10.30 -15.78
C THR B 445 18.27 -10.01 -14.47
N GLY B 446 17.34 -10.86 -14.08
CA GLY B 446 16.74 -10.67 -12.76
C GLY B 446 15.45 -9.89 -12.82
N LEU B 447 14.83 -9.72 -14.00
CA LEU B 447 13.59 -8.97 -14.06
C LEU B 447 12.47 -9.90 -13.60
N VAL B 448 11.77 -9.56 -12.53
CA VAL B 448 10.64 -10.30 -12.05
C VAL B 448 9.45 -9.38 -12.28
N THR B 449 8.37 -9.84 -12.89
CA THR B 449 7.20 -9.00 -13.15
C THR B 449 5.93 -9.74 -12.72
N SER B 450 4.77 -9.06 -12.72
CA SER B 450 3.50 -9.70 -12.50
C SER B 450 2.89 -10.18 -13.79
N LEU B 451 3.60 -10.29 -14.89
CA LEU B 451 2.95 -10.79 -16.09
C LEU B 451 2.81 -12.32 -16.04
N PRO B 452 1.70 -12.91 -16.53
CA PRO B 452 1.59 -14.34 -16.77
C PRO B 452 2.69 -14.89 -17.65
N ARG B 453 3.03 -16.16 -17.50
CA ARG B 453 4.05 -16.73 -18.36
C ARG B 453 3.50 -16.70 -19.77
N GLY B 454 4.36 -16.33 -20.71
CA GLY B 454 3.99 -16.19 -22.10
C GLY B 454 4.99 -15.26 -22.80
N SER B 455 4.86 -14.97 -24.08
CA SER B 455 5.72 -14.02 -24.74
C SER B 455 4.88 -12.78 -24.95
N TYR B 456 5.51 -11.60 -24.91
CA TYR B 456 4.79 -10.34 -25.01
C TYR B 456 5.43 -9.52 -26.10
N ASN B 457 4.60 -9.10 -27.03
CA ASN B 457 5.07 -8.23 -28.11
C ASN B 457 5.34 -6.86 -27.52
N ASP B 458 6.29 -6.09 -28.06
CA ASP B 458 6.43 -4.71 -27.66
C ASP B 458 5.22 -3.97 -28.21
N VAL B 459 4.39 -3.32 -27.42
CA VAL B 459 3.21 -2.58 -27.92
C VAL B 459 3.62 -1.49 -28.93
N LEU B 460 4.85 -1.00 -28.81
CA LEU B 460 5.39 0.01 -29.71
C LEU B 460 5.91 -0.64 -30.96
N GLY B 461 5.74 -1.95 -31.11
CA GLY B 461 6.15 -2.67 -32.29
C GLY B 461 7.60 -2.49 -32.66
N GLY B 462 8.48 -2.10 -31.73
CA GLY B 462 9.91 -2.02 -32.03
C GLY B 462 10.32 -0.67 -32.60
N ILE B 463 9.43 0.32 -32.73
CA ILE B 463 9.84 1.59 -33.32
C ILE B 463 10.84 2.27 -32.39
N LEU B 464 10.83 2.12 -31.05
CA LEU B 464 11.91 2.70 -30.24
C LEU B 464 12.93 1.64 -29.77
N ASN B 465 13.17 0.66 -30.65
CA ASN B 465 14.13 -0.42 -30.51
C ASN B 465 13.89 -1.37 -29.34
N GLY B 466 12.59 -1.61 -29.18
CA GLY B 466 12.12 -2.50 -28.14
C GLY B 466 12.10 -3.92 -28.70
N ASN B 467 11.72 -4.80 -27.80
CA ASN B 467 11.78 -6.24 -28.06
C ASN B 467 10.63 -7.00 -27.37
N THR B 468 10.47 -8.24 -27.83
CA THR B 468 9.57 -9.24 -27.26
C THR B 468 10.10 -9.68 -25.91
N LEU B 469 9.21 -9.77 -24.92
CA LEU B 469 9.56 -10.27 -23.60
C LEU B 469 8.98 -11.66 -23.40
N THR B 470 9.83 -12.60 -23.00
CA THR B 470 9.37 -13.95 -22.68
C THR B 470 9.40 -14.10 -21.14
N VAL B 471 8.26 -14.37 -20.55
CA VAL B 471 8.11 -14.53 -19.13
C VAL B 471 7.94 -16.04 -18.94
N GLY B 472 8.57 -16.55 -17.88
CA GLY B 472 8.44 -17.94 -17.55
C GLY B 472 7.72 -18.01 -16.22
N ALA B 473 7.97 -19.11 -15.53
CA ALA B 473 7.34 -19.36 -14.26
C ALA B 473 7.71 -18.30 -13.23
N GLY B 474 6.76 -17.92 -12.38
CA GLY B 474 6.97 -16.96 -11.31
C GLY B 474 7.10 -15.50 -11.73
N GLY B 475 6.85 -15.21 -13.02
CA GLY B 475 6.97 -13.87 -13.57
C GLY B 475 8.44 -13.52 -13.82
N ALA B 476 9.35 -14.50 -13.80
CA ALA B 476 10.74 -14.24 -14.05
C ALA B 476 10.89 -14.25 -15.55
N ALA B 477 11.41 -13.17 -16.09
CA ALA B 477 11.59 -13.01 -17.52
C ALA B 477 12.98 -13.44 -17.94
N SER B 478 13.13 -14.02 -19.12
CA SER B 478 14.42 -14.43 -19.65
C SER B 478 15.38 -13.26 -19.80
N ASN B 479 16.69 -13.44 -19.96
CA ASN B 479 17.62 -12.33 -20.12
C ASN B 479 17.39 -11.83 -21.53
N PHE B 480 17.69 -10.56 -21.65
CA PHE B 480 17.56 -9.89 -22.92
C PHE B 480 18.42 -8.65 -22.81
N THR B 481 18.80 -8.16 -23.97
CA THR B 481 19.51 -6.91 -24.06
C THR B 481 18.44 -5.89 -24.46
N LEU B 482 18.58 -4.74 -23.85
CA LEU B 482 17.74 -3.60 -24.14
C LEU B 482 18.73 -2.72 -24.88
N ALA B 483 18.42 -2.51 -26.15
CA ALA B 483 19.19 -1.71 -27.09
C ALA B 483 19.52 -0.33 -26.58
N PRO B 484 20.52 0.38 -27.13
CA PRO B 484 20.74 1.77 -26.79
C PRO B 484 19.48 2.54 -27.23
N GLY B 485 18.97 3.34 -26.29
CA GLY B 485 17.79 4.15 -26.54
C GLY B 485 16.53 3.32 -26.53
N GLY B 486 16.66 2.07 -26.10
CA GLY B 486 15.58 1.09 -26.17
C GLY B 486 14.43 1.48 -25.27
N THR B 487 13.22 1.43 -25.81
CA THR B 487 12.03 1.67 -25.02
C THR B 487 11.02 0.63 -25.49
N ALA B 488 10.45 -0.10 -24.53
CA ALA B 488 9.54 -1.20 -24.77
C ALA B 488 8.42 -1.25 -23.74
N VAL B 489 7.20 -1.63 -24.12
CA VAL B 489 6.03 -1.64 -23.24
C VAL B 489 5.45 -3.02 -23.53
N TRP B 490 5.09 -3.77 -22.48
CA TRP B 490 4.49 -5.10 -22.55
C TRP B 490 3.31 -5.06 -21.60
N GLN B 491 2.18 -5.69 -21.88
CA GLN B 491 1.01 -5.54 -21.03
C GLN B 491 0.14 -6.80 -20.97
N TYR B 492 -0.68 -6.94 -19.94
CA TYR B 492 -1.56 -8.07 -19.84
C TYR B 492 -2.87 -7.51 -19.31
N THR B 493 -4.04 -7.72 -19.89
CA THR B 493 -5.26 -7.27 -19.23
C THR B 493 -6.11 -8.50 -19.00
N THR B 494 -6.93 -8.55 -17.97
CA THR B 494 -7.91 -9.61 -17.80
C THR B 494 -8.98 -9.00 -16.95
N ASP B 495 -10.22 -9.48 -17.03
CA ASP B 495 -11.31 -8.81 -16.32
C ASP B 495 -11.19 -8.93 -14.81
N ALA B 496 -11.54 -7.86 -14.12
CA ALA B 496 -11.45 -7.87 -12.68
C ALA B 496 -12.79 -8.42 -12.28
N THR B 497 -12.75 -9.13 -11.18
CA THR B 497 -13.94 -9.76 -10.64
C THR B 497 -14.42 -9.18 -9.31
N THR B 498 -13.54 -8.43 -8.65
CA THR B 498 -13.83 -7.81 -7.37
C THR B 498 -13.62 -6.31 -7.50
N PRO B 499 -14.38 -5.47 -6.80
CA PRO B 499 -14.37 -4.03 -6.95
C PRO B 499 -13.03 -3.38 -6.69
N ILE B 500 -12.55 -2.54 -7.62
CA ILE B 500 -11.36 -1.71 -7.41
C ILE B 500 -11.63 -0.30 -7.92
N ILE B 501 -11.49 0.71 -7.05
CA ILE B 501 -11.68 2.14 -7.31
C ILE B 501 -10.35 2.74 -7.79
N GLY B 502 -10.35 3.25 -9.02
CA GLY B 502 -9.19 3.92 -9.59
C GLY B 502 -9.25 5.43 -9.37
N ASN B 503 -10.42 6.09 -9.42
CA ASN B 503 -10.46 7.56 -9.30
C ASN B 503 -11.81 7.99 -8.82
N VAL B 504 -11.93 9.14 -8.11
CA VAL B 504 -13.23 9.63 -7.70
C VAL B 504 -13.20 11.11 -8.11
N GLY B 505 -14.25 11.68 -8.71
CA GLY B 505 -14.32 13.10 -9.05
C GLY B 505 -15.77 13.59 -8.94
N PRO B 506 -16.13 14.76 -8.38
CA PRO B 506 -15.23 15.64 -7.66
C PRO B 506 -14.85 15.02 -6.34
N MET B 507 -13.95 15.67 -5.61
CA MET B 507 -13.48 15.25 -4.31
C MET B 507 -13.95 16.16 -3.22
N MET B 508 -14.82 17.13 -3.51
CA MET B 508 -15.26 18.10 -2.52
C MET B 508 -16.60 18.59 -2.99
N ALA B 509 -17.68 18.35 -2.24
CA ALA B 509 -19.02 18.75 -2.63
C ALA B 509 -19.98 18.67 -1.45
N LYS B 510 -21.14 19.29 -1.56
CA LYS B 510 -22.14 19.25 -0.51
C LYS B 510 -23.05 18.03 -0.79
N PRO B 511 -23.82 17.56 0.21
CA PRO B 511 -24.84 16.50 0.07
C PRO B 511 -25.79 16.72 -1.10
N GLY B 512 -26.19 15.72 -1.87
CA GLY B 512 -27.09 15.97 -2.97
C GLY B 512 -26.34 15.98 -4.26
N VAL B 513 -25.06 16.35 -4.30
CA VAL B 513 -24.30 16.31 -5.54
C VAL B 513 -24.01 14.86 -5.88
N THR B 514 -24.07 14.53 -7.17
CA THR B 514 -23.71 13.24 -7.71
C THR B 514 -22.20 13.12 -7.94
N ILE B 515 -21.48 12.12 -7.43
CA ILE B 515 -20.08 12.04 -7.77
C ILE B 515 -19.85 10.82 -8.63
N THR B 516 -18.71 10.80 -9.34
CA THR B 516 -18.33 9.72 -10.25
C THR B 516 -17.15 8.91 -9.74
N ILE B 517 -17.35 7.60 -9.56
CA ILE B 517 -16.38 6.66 -9.03
C ILE B 517 -15.98 5.78 -10.18
N ASP B 518 -14.71 5.73 -10.59
CA ASP B 518 -14.37 4.93 -11.74
C ASP B 518 -13.45 3.82 -11.33
N GLY B 519 -13.57 2.67 -11.96
CA GLY B 519 -12.69 1.58 -11.65
C GLY B 519 -13.11 0.35 -12.42
N ARG B 520 -12.85 -0.82 -11.85
CA ARG B 520 -13.19 -2.08 -12.52
C ARG B 520 -13.80 -3.03 -11.47
N GLY B 521 -14.57 -4.01 -11.94
CA GLY B 521 -15.11 -5.06 -11.08
C GLY B 521 -16.32 -4.66 -10.26
N PHE B 522 -16.97 -3.52 -10.56
CA PHE B 522 -18.13 -3.08 -9.80
C PHE B 522 -19.33 -4.01 -9.99
N GLY B 523 -19.31 -4.62 -11.17
CA GLY B 523 -20.34 -5.57 -11.56
C GLY B 523 -21.55 -4.82 -12.10
N SER B 524 -22.51 -5.60 -12.60
CA SER B 524 -23.64 -5.00 -13.24
C SER B 524 -24.83 -4.77 -12.33
N GLY B 525 -24.86 -5.32 -11.11
CA GLY B 525 -26.02 -5.13 -10.23
C GLY B 525 -25.70 -4.06 -9.20
N LYS B 526 -26.60 -3.15 -8.80
CA LYS B 526 -26.26 -2.12 -7.82
C LYS B 526 -25.83 -2.73 -6.49
N GLY B 527 -24.67 -2.33 -6.00
CA GLY B 527 -24.17 -2.74 -4.71
C GLY B 527 -24.37 -1.59 -3.73
N THR B 528 -23.32 -1.25 -2.98
CA THR B 528 -23.41 -0.25 -1.93
C THR B 528 -22.17 0.64 -1.98
N VAL B 529 -22.36 1.92 -1.69
CA VAL B 529 -21.27 2.87 -1.64
C VAL B 529 -21.26 3.34 -0.21
N TYR B 530 -20.13 3.44 0.43
CA TYR B 530 -20.11 3.86 1.80
C TYR B 530 -19.35 5.14 1.82
N PHE B 531 -19.89 6.10 2.57
CA PHE B 531 -19.24 7.34 2.90
C PHE B 531 -18.98 7.11 4.37
N GLY B 532 -17.77 6.69 4.75
CA GLY B 532 -17.55 6.35 6.14
C GLY B 532 -18.43 5.12 6.42
N THR B 533 -19.26 5.09 7.46
CA THR B 533 -20.08 3.91 7.73
C THR B 533 -21.47 4.05 7.16
N THR B 534 -21.73 5.09 6.37
CA THR B 534 -23.06 5.31 5.87
C THR B 534 -23.14 4.63 4.53
N ALA B 535 -23.99 3.62 4.51
CA ALA B 535 -24.25 2.89 3.30
C ALA B 535 -25.25 3.69 2.49
N VAL B 536 -25.01 3.82 1.19
CA VAL B 536 -25.92 4.49 0.30
C VAL B 536 -26.16 3.43 -0.73
N THR B 537 -27.45 3.30 -0.96
CA THR B 537 -27.92 2.22 -1.79
C THR B 537 -29.12 2.68 -2.64
N GLY B 538 -29.53 1.82 -3.56
CA GLY B 538 -30.71 1.94 -4.40
C GLY B 538 -30.90 3.24 -5.14
N ALA B 539 -31.85 4.02 -4.66
CA ALA B 539 -32.22 5.23 -5.37
C ALA B 539 -31.16 6.30 -5.54
N ASP B 540 -30.27 6.44 -4.55
CA ASP B 540 -29.24 7.46 -4.62
C ASP B 540 -28.05 7.08 -5.45
N ILE B 541 -28.08 5.91 -6.05
CA ILE B 541 -26.99 5.52 -6.85
C ILE B 541 -27.71 5.80 -8.13
N VAL B 542 -27.46 7.00 -8.61
CA VAL B 542 -27.97 7.41 -9.88
C VAL B 542 -27.57 6.43 -10.97
N ALA B 543 -26.37 5.83 -11.05
CA ALA B 543 -26.04 4.89 -12.12
C ALA B 543 -25.00 3.86 -11.67
N TRP B 544 -24.95 2.62 -12.18
CA TRP B 544 -23.97 1.62 -11.77
C TRP B 544 -23.70 0.71 -12.96
N GLU B 545 -22.42 0.54 -13.24
CA GLU B 545 -21.99 -0.49 -14.15
C GLU B 545 -20.55 -0.81 -13.79
N ASP B 546 -19.96 -1.77 -14.52
CA ASP B 546 -18.69 -2.35 -14.11
C ASP B 546 -17.54 -1.40 -13.93
N THR B 547 -17.51 -0.28 -14.63
CA THR B 547 -16.38 0.63 -14.55
C THR B 547 -16.73 2.02 -14.01
N GLN B 548 -18.02 2.28 -13.75
CA GLN B 548 -18.42 3.60 -13.31
C GLN B 548 -19.67 3.54 -12.48
N ILE B 549 -19.61 4.20 -11.34
CA ILE B 549 -20.76 4.41 -10.48
C ILE B 549 -21.00 5.94 -10.36
N GLN B 550 -22.24 6.44 -10.46
CA GLN B 550 -22.50 7.81 -10.07
C GLN B 550 -23.48 7.70 -8.91
N VAL B 551 -23.22 8.39 -7.80
CA VAL B 551 -24.00 8.23 -6.59
C VAL B 551 -24.16 9.60 -5.94
N LYS B 552 -25.23 9.85 -5.22
CA LYS B 552 -25.40 11.12 -4.57
C LYS B 552 -24.78 11.07 -3.22
N ILE B 553 -24.12 12.16 -2.81
CA ILE B 553 -23.54 12.25 -1.48
C ILE B 553 -24.65 12.32 -0.42
N PRO B 554 -24.67 11.47 0.61
CA PRO B 554 -25.68 11.43 1.67
C PRO B 554 -25.60 12.63 2.56
N ALA B 555 -26.64 12.79 3.37
CA ALA B 555 -26.73 13.91 4.28
C ALA B 555 -25.96 13.62 5.56
N VAL B 556 -24.66 13.67 5.40
CA VAL B 556 -23.79 13.39 6.51
C VAL B 556 -23.16 14.71 6.91
N PRO B 557 -22.68 14.93 8.15
CA PRO B 557 -21.92 16.06 8.59
C PRO B 557 -20.77 16.43 7.65
N GLY B 558 -20.33 17.70 7.73
CA GLY B 558 -19.21 18.15 6.92
C GLY B 558 -17.94 17.51 7.42
N GLY B 559 -17.00 17.06 6.60
CA GLY B 559 -15.78 16.46 7.12
C GLY B 559 -15.14 15.61 6.05
N ILE B 560 -14.10 14.85 6.36
CA ILE B 560 -13.35 14.05 5.39
C ILE B 560 -13.76 12.58 5.55
N TYR B 561 -14.12 11.92 4.46
CA TYR B 561 -14.69 10.59 4.48
C TYR B 561 -13.91 9.69 3.55
N ASP B 562 -13.94 8.41 3.90
CA ASP B 562 -13.35 7.36 3.10
C ASP B 562 -14.47 6.82 2.24
N ILE B 563 -14.25 6.59 0.96
CA ILE B 563 -15.27 5.99 0.12
C ILE B 563 -14.88 4.54 -0.08
N ARG B 564 -15.84 3.65 -0.22
CA ARG B 564 -15.60 2.25 -0.46
C ARG B 564 -16.85 1.72 -1.15
N VAL B 565 -16.70 0.82 -2.10
CA VAL B 565 -17.78 0.22 -2.86
C VAL B 565 -17.84 -1.28 -2.50
N ALA B 566 -19.07 -1.81 -2.39
CA ALA B 566 -19.36 -3.22 -2.20
C ALA B 566 -20.15 -3.62 -3.44
N ASN B 567 -19.78 -4.63 -4.23
CA ASN B 567 -20.62 -5.01 -5.36
C ASN B 567 -21.87 -5.71 -4.84
N ALA B 568 -22.80 -6.12 -5.72
CA ALA B 568 -24.05 -6.74 -5.26
C ALA B 568 -23.88 -8.00 -4.40
N ALA B 569 -22.74 -8.67 -4.55
CA ALA B 569 -22.47 -9.88 -3.77
C ALA B 569 -21.80 -9.57 -2.43
N GLY B 570 -21.55 -8.31 -2.07
CA GLY B 570 -21.01 -7.95 -0.78
C GLY B 570 -19.50 -7.88 -0.74
N ALA B 571 -18.82 -8.13 -1.86
CA ALA B 571 -17.37 -8.00 -1.97
C ALA B 571 -17.01 -6.50 -1.97
N ALA B 572 -16.16 -6.02 -1.04
CA ALA B 572 -15.75 -4.64 -0.87
C ALA B 572 -14.42 -4.28 -1.52
N SER B 573 -14.31 -3.00 -1.91
CA SER B 573 -13.16 -2.54 -2.64
C SER B 573 -12.13 -1.98 -1.68
N ASN B 574 -11.04 -1.56 -2.31
CA ASN B 574 -10.04 -0.74 -1.65
C ASN B 574 -10.67 0.55 -1.19
N ILE B 575 -10.13 1.26 -0.20
CA ILE B 575 -10.69 2.54 0.30
C ILE B 575 -10.16 3.69 -0.52
N TYR B 576 -10.99 4.63 -0.99
CA TYR B 576 -10.48 5.81 -1.64
C TYR B 576 -10.69 6.90 -0.59
N ASP B 577 -9.64 7.43 0.02
CA ASP B 577 -9.85 8.37 1.10
C ASP B 577 -9.80 9.85 0.70
N ASN B 578 -9.91 10.72 1.71
CA ASN B 578 -9.75 12.18 1.58
C ASN B 578 -10.85 12.87 0.77
N PHE B 579 -12.08 12.36 0.89
CA PHE B 579 -13.22 12.94 0.20
C PHE B 579 -13.72 14.00 1.16
N GLU B 580 -14.00 15.23 0.72
CA GLU B 580 -14.51 16.21 1.67
C GLU B 580 -16.00 16.49 1.44
N VAL B 581 -16.82 16.30 2.46
CA VAL B 581 -18.22 16.65 2.39
C VAL B 581 -18.25 18.04 2.99
N LEU B 582 -18.75 19.00 2.22
CA LEU B 582 -18.86 20.39 2.65
C LEU B 582 -20.14 20.58 3.44
N THR B 583 -20.19 21.46 4.42
CA THR B 583 -21.43 21.73 5.16
C THR B 583 -22.58 22.29 4.31
N GLY B 584 -22.27 22.93 3.17
CA GLY B 584 -23.30 23.52 2.35
C GLY B 584 -22.59 24.28 1.25
N ASP B 585 -23.27 25.19 0.57
CA ASP B 585 -22.67 26.05 -0.44
C ASP B 585 -21.72 26.97 0.32
N GLN B 586 -20.73 27.51 -0.37
CA GLN B 586 -19.65 28.26 0.28
C GLN B 586 -19.64 29.75 -0.05
N VAL B 587 -19.26 30.61 0.90
CA VAL B 587 -18.95 32.00 0.56
C VAL B 587 -17.61 32.27 1.23
N THR B 588 -16.88 33.21 0.67
CA THR B 588 -15.63 33.57 1.30
C THR B 588 -15.83 34.74 2.24
N VAL B 589 -15.45 34.58 3.51
CA VAL B 589 -15.50 35.67 4.47
C VAL B 589 -14.04 36.09 4.80
N ARG B 590 -13.75 37.38 5.00
CA ARG B 590 -12.42 37.84 5.38
C ARG B 590 -12.50 38.01 6.87
N PHE B 591 -11.68 37.32 7.63
CA PHE B 591 -11.66 37.42 9.09
C PHE B 591 -10.47 38.31 9.43
N VAL B 592 -10.66 39.31 10.30
CA VAL B 592 -9.62 40.28 10.65
C VAL B 592 -9.58 40.33 12.16
N ILE B 593 -8.43 40.12 12.81
CA ILE B 593 -8.28 40.17 14.27
C ILE B 593 -7.25 41.26 14.58
N ASN B 594 -7.65 42.22 15.36
CA ASN B 594 -6.76 43.29 15.76
C ASN B 594 -6.13 42.96 17.07
N ASN B 595 -5.04 43.66 17.36
CA ASN B 595 -4.38 43.59 18.67
C ASN B 595 -3.94 42.21 19.15
N ALA B 596 -3.59 41.39 18.16
CA ALA B 596 -3.11 40.07 18.39
C ALA B 596 -1.58 40.10 18.33
N THR B 597 -0.94 40.44 19.47
CA THR B 597 0.52 40.49 19.52
C THR B 597 1.02 39.07 19.81
N THR B 598 2.04 38.63 19.09
CA THR B 598 2.56 37.31 19.26
C THR B 598 4.06 37.33 19.53
N ALA B 599 4.49 36.21 20.09
CA ALA B 599 5.87 35.95 20.43
C ALA B 599 6.65 35.43 19.24
N LEU B 600 7.89 35.03 19.48
CA LEU B 600 8.83 34.46 18.53
C LEU B 600 8.31 33.32 17.65
N GLY B 601 7.66 33.61 16.52
CA GLY B 601 7.12 32.54 15.67
C GLY B 601 5.84 31.92 16.25
N GLN B 602 5.14 32.67 17.11
CA GLN B 602 3.83 32.33 17.61
C GLN B 602 2.93 32.97 16.53
N ASN B 603 1.92 32.28 15.99
CA ASN B 603 1.12 32.85 14.93
C ASN B 603 -0.34 32.83 15.34
N VAL B 604 -1.23 33.57 14.67
CA VAL B 604 -2.64 33.54 15.02
C VAL B 604 -3.31 32.60 14.04
N PHE B 605 -4.38 31.94 14.49
CA PHE B 605 -5.10 30.94 13.71
C PHE B 605 -6.56 31.18 14.04
N LEU B 606 -7.47 30.59 13.29
CA LEU B 606 -8.92 30.71 13.45
C LEU B 606 -9.51 29.32 13.58
N THR B 607 -10.48 29.04 14.43
CA THR B 607 -11.16 27.76 14.38
C THR B 607 -12.57 28.04 14.84
N GLY B 608 -13.44 27.12 14.50
CA GLY B 608 -14.83 27.30 14.81
C GLY B 608 -15.56 25.98 14.66
N ASN B 609 -16.86 26.10 14.82
CA ASN B 609 -17.73 24.93 14.92
C ASN B 609 -18.24 24.27 13.66
N VAL B 610 -17.72 24.45 12.46
CA VAL B 610 -18.15 23.69 11.31
C VAL B 610 -16.86 23.03 10.78
N SER B 611 -16.90 22.01 9.94
CA SER B 611 -15.69 21.36 9.45
C SER B 611 -14.79 22.24 8.64
N GLU B 612 -15.35 23.29 8.01
CA GLU B 612 -14.62 24.21 7.18
C GLU B 612 -13.68 24.99 8.04
N LEU B 613 -13.96 25.05 9.33
CA LEU B 613 -13.15 25.74 10.31
C LEU B 613 -12.36 24.76 11.19
N GLY B 614 -12.37 23.45 10.88
CA GLY B 614 -11.69 22.45 11.67
C GLY B 614 -12.42 21.95 12.91
N ASN B 615 -13.72 22.23 13.10
CA ASN B 615 -14.52 21.75 14.24
C ASN B 615 -13.84 21.91 15.58
N TRP B 616 -13.31 23.10 15.80
CA TRP B 616 -12.64 23.46 17.06
C TRP B 616 -11.33 22.73 17.36
N ASP B 617 -10.78 21.86 16.52
CA ASP B 617 -9.51 21.25 16.84
C ASP B 617 -8.34 22.16 16.46
N PRO B 618 -7.53 22.62 17.40
CA PRO B 618 -6.38 23.46 17.16
C PRO B 618 -5.45 22.91 16.11
N ASN B 619 -5.16 21.64 16.00
CA ASN B 619 -4.24 21.20 14.94
C ASN B 619 -4.91 21.07 13.59
N ASN B 620 -6.10 21.65 13.49
CA ASN B 620 -6.87 21.75 12.28
C ASN B 620 -7.39 23.20 12.16
N ALA B 621 -6.83 24.16 12.90
CA ALA B 621 -7.30 25.53 12.77
C ALA B 621 -6.84 26.18 11.46
N ILE B 622 -7.54 27.23 10.96
CA ILE B 622 -7.21 27.91 9.69
C ILE B 622 -6.15 28.93 9.99
N GLY B 623 -5.15 28.91 9.15
CA GLY B 623 -4.08 29.84 9.33
C GLY B 623 -2.73 29.19 9.04
N PRO B 624 -1.61 29.80 9.44
CA PRO B 624 -1.53 31.09 10.11
C PRO B 624 -2.01 32.24 9.23
N MET B 625 -2.69 33.16 9.91
CA MET B 625 -3.26 34.31 9.26
C MET B 625 -2.16 35.21 8.72
N TYR B 626 -2.52 36.08 7.77
CA TYR B 626 -1.60 36.99 7.10
C TYR B 626 -1.56 38.28 7.90
N ASN B 627 -0.48 39.07 7.75
CA ASN B 627 -0.34 40.29 8.56
C ASN B 627 0.56 41.39 8.00
N GLN B 628 0.78 41.39 6.70
CA GLN B 628 1.63 42.39 6.05
C GLN B 628 0.93 43.39 5.11
N VAL B 629 0.18 42.89 4.12
CA VAL B 629 -0.27 43.71 3.02
C VAL B 629 -1.58 44.41 3.30
N VAL B 630 -2.70 43.67 3.33
CA VAL B 630 -4.01 44.30 3.48
C VAL B 630 -4.12 44.90 4.87
N TYR B 631 -3.64 44.24 5.93
CA TYR B 631 -3.60 44.83 7.25
C TYR B 631 -2.22 44.49 7.73
N GLN B 632 -1.72 45.22 8.71
CA GLN B 632 -0.38 45.01 9.22
C GLN B 632 -0.41 44.58 10.67
N TYR B 633 0.48 43.68 11.08
CA TYR B 633 0.68 43.27 12.48
C TYR B 633 0.55 44.37 13.53
N PRO B 634 -0.08 44.26 14.72
CA PRO B 634 -0.73 43.08 15.26
C PRO B 634 -2.18 42.91 14.84
N THR B 635 -2.50 43.27 13.61
CA THR B 635 -3.77 43.01 13.01
C THR B 635 -3.43 41.94 11.99
N TRP B 636 -4.15 40.84 12.03
CA TRP B 636 -3.93 39.71 11.14
C TRP B 636 -5.25 39.53 10.40
N TYR B 637 -5.28 39.00 9.18
CA TYR B 637 -6.49 38.84 8.39
C TYR B 637 -6.37 37.52 7.60
N TYR B 638 -7.47 36.97 7.08
CA TYR B 638 -7.41 35.77 6.28
C TYR B 638 -8.70 35.62 5.53
N ASP B 639 -8.65 35.08 4.33
CA ASP B 639 -9.85 34.87 3.52
C ASP B 639 -10.27 33.40 3.59
N VAL B 640 -11.44 33.10 4.13
CA VAL B 640 -11.81 31.72 4.41
C VAL B 640 -13.15 31.31 3.80
N SER B 641 -13.16 30.14 3.17
CA SER B 641 -14.38 29.60 2.61
C SER B 641 -15.19 29.04 3.78
N VAL B 642 -16.44 29.43 3.93
CA VAL B 642 -17.28 28.92 5.02
C VAL B 642 -18.69 28.64 4.53
N PRO B 643 -19.51 27.84 5.22
CA PRO B 643 -20.88 27.56 4.82
C PRO B 643 -21.67 28.87 4.71
N ALA B 644 -22.46 28.98 3.65
CA ALA B 644 -23.22 30.16 3.40
C ALA B 644 -24.56 30.03 4.10
N GLY B 645 -25.01 31.20 4.56
CA GLY B 645 -26.35 31.32 5.10
C GLY B 645 -26.52 30.78 6.50
N GLN B 646 -25.49 30.60 7.30
CA GLN B 646 -25.75 30.13 8.64
C GLN B 646 -24.88 30.82 9.67
N THR B 647 -25.22 30.63 10.94
CA THR B 647 -24.49 31.24 12.03
C THR B 647 -23.36 30.30 12.47
N ILE B 648 -22.12 30.77 12.39
CA ILE B 648 -21.00 30.00 12.86
C ILE B 648 -20.61 30.59 14.21
N GLU B 649 -19.98 29.74 15.01
CA GLU B 649 -19.30 30.12 16.23
C GLU B 649 -17.84 29.95 15.90
N PHE B 650 -17.01 30.88 16.38
CA PHE B 650 -15.59 30.85 16.10
C PHE B 650 -14.79 31.53 17.18
N LYS B 651 -13.50 31.25 17.20
CA LYS B 651 -12.53 31.90 18.06
C LYS B 651 -11.18 31.83 17.37
N PHE B 652 -10.37 32.82 17.70
CA PHE B 652 -8.98 32.90 17.27
C PHE B 652 -8.10 32.30 18.37
N LEU B 653 -6.97 31.77 17.96
CA LEU B 653 -6.05 31.12 18.88
C LEU B 653 -4.65 31.42 18.38
N LYS B 654 -3.67 31.39 19.27
CA LYS B 654 -2.29 31.62 18.88
C LYS B 654 -1.61 30.29 19.02
N LYS B 655 -0.78 29.91 18.08
CA LYS B 655 -0.02 28.70 18.21
C LYS B 655 1.46 28.98 18.18
N GLN B 656 2.17 28.32 19.09
CA GLN B 656 3.62 28.39 19.25
C GLN B 656 4.06 26.95 19.41
N GLY B 657 4.13 26.25 18.29
CA GLY B 657 4.53 24.85 18.33
C GLY B 657 3.31 24.13 18.87
N SER B 658 3.36 23.73 20.13
CA SER B 658 2.26 22.97 20.72
C SER B 658 1.38 23.80 21.63
N THR B 659 1.87 24.99 22.01
CA THR B 659 1.13 25.83 22.90
C THR B 659 0.13 26.60 22.07
N VAL B 660 -1.10 26.34 22.45
CA VAL B 660 -2.30 26.91 21.89
C VAL B 660 -2.81 27.83 23.00
N THR B 661 -3.02 29.10 22.65
CA THR B 661 -3.59 30.09 23.55
C THR B 661 -4.83 30.63 22.84
N TRP B 662 -5.94 30.23 23.42
CA TRP B 662 -7.26 30.62 22.97
C TRP B 662 -7.57 32.01 23.44
N GLU B 663 -8.40 32.77 22.72
CA GLU B 663 -8.84 34.05 23.26
C GLU B 663 -9.68 33.70 24.48
N GLY B 664 -9.91 34.66 25.34
CA GLY B 664 -10.89 34.45 26.38
C GLY B 664 -12.24 34.91 25.87
N GLY B 665 -13.16 34.87 26.81
CA GLY B 665 -14.51 35.34 26.59
C GLY B 665 -15.36 34.25 25.98
N ALA B 666 -16.55 34.67 25.55
CA ALA B 666 -17.45 33.75 24.89
C ALA B 666 -16.96 33.57 23.45
N ASN B 667 -17.57 32.59 22.78
CA ASN B 667 -17.26 32.31 21.39
C ASN B 667 -17.94 33.36 20.52
N ARG B 668 -17.29 33.81 19.46
CA ARG B 668 -17.85 34.84 18.61
C ARG B 668 -18.81 34.13 17.67
N THR B 669 -19.87 34.83 17.23
CA THR B 669 -20.85 34.30 16.29
C THR B 669 -20.95 35.27 15.11
N PHE B 670 -21.38 34.74 13.98
CA PHE B 670 -21.55 35.51 12.78
C PHE B 670 -22.53 34.74 11.91
N THR B 671 -23.49 35.37 11.25
CA THR B 671 -24.36 34.69 10.30
C THR B 671 -23.80 35.07 8.93
N THR B 672 -23.31 34.08 8.22
CA THR B 672 -22.63 34.24 6.93
C THR B 672 -23.55 34.67 5.80
N PRO B 673 -23.19 35.48 4.80
CA PRO B 673 -24.00 35.80 3.62
C PRO B 673 -24.44 34.58 2.83
N THR B 674 -25.46 34.74 2.00
CA THR B 674 -25.94 33.64 1.16
C THR B 674 -25.19 33.63 -0.16
N SER B 675 -24.64 34.77 -0.54
CA SER B 675 -23.84 34.90 -1.77
C SER B 675 -22.85 36.02 -1.44
N GLY B 676 -21.77 36.17 -2.19
CA GLY B 676 -20.91 37.32 -1.96
C GLY B 676 -19.98 37.17 -0.80
N THR B 677 -19.42 38.26 -0.29
CA THR B 677 -18.41 38.14 0.74
C THR B 677 -18.85 38.94 1.94
N ALA B 678 -18.08 38.90 3.02
CA ALA B 678 -18.35 39.67 4.21
C ALA B 678 -16.99 39.78 4.89
N THR B 679 -16.84 40.67 5.87
CA THR B 679 -15.59 40.89 6.53
C THR B 679 -15.84 40.90 8.03
N VAL B 680 -15.18 40.13 8.89
CA VAL B 680 -15.39 40.14 10.34
C VAL B 680 -14.19 40.89 10.89
N ASN B 681 -14.36 42.03 11.53
CA ASN B 681 -13.23 42.80 12.02
C ASN B 681 -13.44 42.75 13.51
N VAL B 682 -12.54 42.13 14.27
CA VAL B 682 -12.72 41.83 15.69
C VAL B 682 -11.49 42.26 16.50
N ASN B 683 -11.61 42.39 17.82
CA ASN B 683 -10.46 42.76 18.62
C ASN B 683 -10.07 41.54 19.43
N TRP B 684 -8.77 41.24 19.61
CA TRP B 684 -8.35 40.13 20.45
C TRP B 684 -8.83 40.30 21.88
N GLN B 685 -9.42 39.18 22.33
CA GLN B 685 -9.92 39.01 23.68
C GLN B 685 -8.92 38.18 24.46
N PRO B 686 -8.39 38.74 25.54
CA PRO B 686 -7.51 38.03 26.46
C PRO B 686 -8.20 36.88 27.19
C2 BGC C . 12.11 -33.64 2.75
C3 BGC C . 10.70 -33.22 3.17
C4 BGC C . 10.67 -33.15 4.76
C5 BGC C . 11.92 -32.43 5.42
C6 BGC C . 12.21 -32.65 6.93
C1 BGC C . 13.09 -32.61 3.28
O1 BGC C . 14.34 -32.85 2.60
O2 BGC C . 12.23 -33.74 1.33
O3 BGC C . 9.85 -34.22 2.59
O4 BGC C . 9.54 -32.33 5.18
O5 BGC C . 13.15 -32.80 4.72
O6 BGC C . 12.19 -34.04 7.29
C1 G6D C . 8.20 -32.84 5.37
O2 G6D C . 7.03 -30.54 5.57
C2 G6D C . 7.46 -31.74 6.21
C3 G6D C . 8.41 -31.39 7.42
O3 G6D C . 7.89 -30.26 8.11
C4 G6D C . 8.46 -32.67 8.31
C5 G6D C . 8.90 -33.94 7.50
O5 G6D C . 8.16 -34.03 6.23
C6 G6D C . 8.66 -35.27 8.25
C1 GLC D . 8.94 34.13 -8.96
C2 GLC D . 7.70 33.36 -8.27
C3 GLC D . 6.76 32.48 -9.28
C4 GLC D . 6.65 33.15 -10.71
C5 GLC D . 8.16 33.35 -11.23
C6 GLC D . 8.32 33.90 -12.70
O1 GLC D . 10.22 33.65 -8.59
O2 GLC D . 8.23 32.45 -7.29
O3 GLC D . 5.42 32.27 -8.76
O4 GLC D . 5.77 32.33 -11.56
O5 GLC D . 8.87 34.32 -10.38
O6 GLC D . 9.14 35.12 -12.77
C1 G6D D . 4.33 32.57 -11.36
O2 G6D D . 3.64 30.01 -10.97
C2 G6D D . 3.32 31.30 -11.50
C3 G6D D . 2.93 31.04 -12.99
O3 G6D D . 1.85 30.09 -13.06
C4 G6D D . 2.50 32.37 -13.66
C5 G6D D . 3.67 33.38 -13.58
O5 G6D D . 3.92 33.71 -12.18
C6 G6D D . 3.37 34.66 -14.34
C1 GLC E . 12.39 -36.57 12.53
C2 GLC E . 13.73 -36.00 13.19
C3 GLC E . 14.79 -37.08 12.96
C4 GLC E . 14.18 -38.47 13.43
C5 GLC E . 13.28 -38.96 12.24
C6 GLC E . 12.28 -40.17 12.43
O1 GLC E . 11.84 -35.55 11.66
O2 GLC E . 14.06 -34.73 12.63
O3 GLC E . 15.99 -36.78 13.62
O4 GLC E . 15.22 -39.41 13.80
O5 GLC E . 12.51 -37.80 11.74
O6 GLC E . 11.52 -40.19 13.65
C1 ACI F . 9.08 -32.72 10.81
C2 ACI F . 10.26 -32.27 11.67
C3 ACI F . 11.45 -33.19 11.59
C4 ACI F . 11.02 -34.52 12.26
C5 ACI F . 9.52 -34.96 12.01
C6 ACI F . 8.75 -35.64 13.19
C7 ACI F . 8.68 -34.17 11.18
N1 ACI F . 9.44 -32.41 9.40
O2 ACI F . 10.68 -31.04 11.20
O3 ACI F . 12.56 -32.56 12.24
O6 ACI F . 9.38 -36.77 13.80
CA CA G . 20.68 -33.74 32.31
CA CA H . -1.09 -37.97 9.62
C1 GLC I . 1.34 36.39 -19.73
C2 GLC I . 1.96 36.16 -21.19
C3 GLC I . 3.00 37.28 -21.66
C4 GLC I . 2.75 38.67 -21.04
C5 GLC I . 2.59 38.44 -19.48
C6 GLC I . 2.58 39.73 -18.68
O1 GLC I . 2.01 35.52 -18.72
O2 GLC I . 2.70 34.91 -21.13
O3 GLC I . 3.01 37.50 -23.07
O4 GLC I . 3.84 39.52 -21.38
O5 GLC I . 1.33 37.77 -19.27
O6 GLC I . 1.31 40.31 -18.96
C1 ACI J . 1.05 32.62 -15.74
C2 ACI J . 1.21 32.21 -17.19
C3 ACI J . 2.10 33.19 -17.96
C4 ACI J . 1.24 34.48 -18.08
C5 ACI J . 0.75 34.98 -16.69
C6 ACI J . -0.30 36.08 -16.64
C7 ACI J . 0.73 34.11 -15.58
N1 ACI J . 2.20 32.05 -15.05
O2 ACI J . 1.81 30.95 -17.26
O3 ACI J . 2.47 32.61 -19.21
O6 ACI J . -1.60 35.48 -16.71
CA CA K . -8.32 33.43 -37.86
CA CA L . -3.96 38.14 -6.90
#